data_8P0Z
# 
_entry.id   8P0Z 
# 
_audit_conform.dict_name       mmcif_pdbx.dic 
_audit_conform.dict_version    5.398 
_audit_conform.dict_location   http://mmcif.pdb.org/dictionaries/ascii/mmcif_pdbx.dic 
# 
loop_
_database_2.database_id 
_database_2.database_code 
_database_2.pdbx_database_accession 
_database_2.pdbx_DOI 
PDB   8P0Z         pdb_00008p0z 10.2210/pdb8p0z/pdb 
WWPDB D_1292129913 ?            ?                   
# 
loop_
_pdbx_audit_revision_history.ordinal 
_pdbx_audit_revision_history.data_content_type 
_pdbx_audit_revision_history.major_revision 
_pdbx_audit_revision_history.minor_revision 
_pdbx_audit_revision_history.revision_date 
1 'Structure model' 1 0 2023-09-27 
2 'Structure model' 1 1 2024-11-06 
# 
_pdbx_audit_revision_details.ordinal             1 
_pdbx_audit_revision_details.revision_ordinal    1 
_pdbx_audit_revision_details.data_content_type   'Structure model' 
_pdbx_audit_revision_details.provider            repository 
_pdbx_audit_revision_details.type                'Initial release' 
_pdbx_audit_revision_details.description         ? 
_pdbx_audit_revision_details.details             ? 
# 
_pdbx_audit_revision_group.ordinal             1 
_pdbx_audit_revision_group.revision_ordinal    2 
_pdbx_audit_revision_group.data_content_type   'Structure model' 
_pdbx_audit_revision_group.group               'Structure summary' 
# 
loop_
_pdbx_audit_revision_category.ordinal 
_pdbx_audit_revision_category.revision_ordinal 
_pdbx_audit_revision_category.data_content_type 
_pdbx_audit_revision_category.category 
1 2 'Structure model' pdbx_entry_details        
2 2 'Structure model' pdbx_modification_feature 
# 
_pdbx_audit_revision_item.ordinal             1 
_pdbx_audit_revision_item.revision_ordinal    2 
_pdbx_audit_revision_item.data_content_type   'Structure model' 
_pdbx_audit_revision_item.item                '_pdbx_entry_details.has_protein_modification' 
# 
_pdbx_database_status.status_code                     REL 
_pdbx_database_status.status_code_sf                  REL 
_pdbx_database_status.status_code_mr                  ? 
_pdbx_database_status.entry_id                        8P0Z 
_pdbx_database_status.recvd_initial_deposition_date   2023-05-11 
_pdbx_database_status.SG_entry                        N 
_pdbx_database_status.deposit_site                    PDBE 
_pdbx_database_status.process_site                    PDBE 
_pdbx_database_status.status_code_cs                  ? 
_pdbx_database_status.status_code_nmr_data            ? 
_pdbx_database_status.methods_development_category    ? 
_pdbx_database_status.pdb_format_compatible           Y 
# 
_pdbx_contact_author.id                 2 
_pdbx_contact_author.email              gustav.oberdorfer@tugraz.at 
_pdbx_contact_author.name_first         Gustav 
_pdbx_contact_author.name_last          Oberdorfer 
_pdbx_contact_author.name_mi            ? 
_pdbx_contact_author.role               'principal investigator/group leader' 
_pdbx_contact_author.identifier_ORCID   0000-0002-6144-9114 
# 
loop_
_audit_author.name 
_audit_author.pdbx_ordinal 
_audit_author.identifier_ORCID 
'Oberdorfer, G.' 1 0000-0002-6144-9114 
'Grill, B.'      2 0000-0003-1084-3063 
'Bjelic, S.'     3 0000-0002-9300-614X 
'Stoll, D.'      4 0009-0007-9431-915X 
# 
_citation.abstract                  ? 
_citation.abstract_id_CAS           ? 
_citation.book_id_ISBN              ? 
_citation.book_publisher            ? 
_citation.book_publisher_city       ? 
_citation.book_title                ? 
_citation.coordinate_linkage        ? 
_citation.country                   UK 
_citation.database_id_Medline       ? 
_citation.details                   ? 
_citation.id                        primary 
_citation.journal_abbrev            J.Mol.Biol. 
_citation.journal_id_ASTM           JMOBAK 
_citation.journal_id_CSD            0070 
_citation.journal_id_ISSN           1089-8638 
_citation.journal_full              ? 
_citation.journal_issue             ? 
_citation.journal_volume            435 
_citation.language                  ? 
_citation.page_first                168262 
_citation.page_last                 168262 
_citation.title                     
'Affinity Maturated Transferrin Receptor Apical Domain Blocks Machupo Virus Glycoprotein Binding.' 
_citation.year                      2023 
_citation.database_id_CSD           ? 
_citation.pdbx_database_id_DOI      10.1016/j.jmb.2023.168262 
_citation.pdbx_database_id_PubMed   37678707 
_citation.pdbx_database_id_patent   ? 
_citation.unpublished_flag          ? 
# 
loop_
_citation_author.citation_id 
_citation_author.name 
_citation_author.ordinal 
_citation_author.identifier_ORCID 
primary 'Sjostrom, D.J.' 1 ? 
primary 'Grill, B.'      2 ? 
primary 'Ambrosetti, E.' 3 ? 
primary 'Veetil, A.A.'   4 ? 
primary 'Mohlin, C.'     5 ? 
primary 'Teixeira, A.I.' 6 ? 
primary 'Oberdofer, G.'  7 ? 
primary 'Bjelic, S.'     8 ? 
# 
loop_
_entity.id 
_entity.type 
_entity.src_method 
_entity.pdbx_description 
_entity.formula_weight 
_entity.pdbx_number_of_molecules 
_entity.pdbx_ec 
_entity.pdbx_mutation 
_entity.pdbx_fragment 
_entity.details 
1 polymer     man 'Transferrin receptor protein 1, serum form' 18180.605 1   ? ? ? ? 
2 non-polymer syn 'SODIUM ION'                                 22.990    2   ? ? ? ? 
3 non-polymer syn 'BORIC ACID'                                 61.833    1   ? ? ? ? 
4 water       nat water                                        18.015    108 ? ? ? ? 
# 
_entity_name_com.entity_id   1 
_entity_name_com.name        sTfR 
# 
_entity_poly.entity_id                      1 
_entity_poly.type                           'polypeptide(L)' 
_entity_poly.nstd_linkage                   no 
_entity_poly.nstd_monomer                   no 
_entity_poly.pdbx_seq_one_letter_code       
;MQNSVIIVDKNGRLEYLVENPGGSVANSKAATVTGKLVHANFGTKKDFEDLYTPVNGSIVIVRAGKITFAEKVANAESLN
AIGVLIYMDQTKFPIVNAELSFTGKGKSGIPVQTISREAAEKLFGNMEGDCPSDWKTDSTCRMVTSESKNVKLTVGGRGS
LEHHHHHH
;
_entity_poly.pdbx_seq_one_letter_code_can   
;MQNSVIIVDKNGRLEYLVENPGGSVANSKAATVTGKLVHANFGTKKDFEDLYTPVNGSIVIVRAGKITFAEKVANAESLN
AIGVLIYMDQTKFPIVNAELSFTGKGKSGIPVQTISREAAEKLFGNMEGDCPSDWKTDSTCRMVTSESKNVKLTVGGRGS
LEHHHHHH
;
_entity_poly.pdbx_strand_id                 A 
_entity_poly.pdbx_target_identifier         ? 
# 
loop_
_pdbx_entity_nonpoly.entity_id 
_pdbx_entity_nonpoly.name 
_pdbx_entity_nonpoly.comp_id 
2 'SODIUM ION' NA  
3 'BORIC ACID' BO3 
4 water        HOH 
# 
loop_
_entity_poly_seq.entity_id 
_entity_poly_seq.num 
_entity_poly_seq.mon_id 
_entity_poly_seq.hetero 
1 1   MET n 
1 2   GLN n 
1 3   ASN n 
1 4   SER n 
1 5   VAL n 
1 6   ILE n 
1 7   ILE n 
1 8   VAL n 
1 9   ASP n 
1 10  LYS n 
1 11  ASN n 
1 12  GLY n 
1 13  ARG n 
1 14  LEU n 
1 15  GLU n 
1 16  TYR n 
1 17  LEU n 
1 18  VAL n 
1 19  GLU n 
1 20  ASN n 
1 21  PRO n 
1 22  GLY n 
1 23  GLY n 
1 24  SER n 
1 25  VAL n 
1 26  ALA n 
1 27  ASN n 
1 28  SER n 
1 29  LYS n 
1 30  ALA n 
1 31  ALA n 
1 32  THR n 
1 33  VAL n 
1 34  THR n 
1 35  GLY n 
1 36  LYS n 
1 37  LEU n 
1 38  VAL n 
1 39  HIS n 
1 40  ALA n 
1 41  ASN n 
1 42  PHE n 
1 43  GLY n 
1 44  THR n 
1 45  LYS n 
1 46  LYS n 
1 47  ASP n 
1 48  PHE n 
1 49  GLU n 
1 50  ASP n 
1 51  LEU n 
1 52  TYR n 
1 53  THR n 
1 54  PRO n 
1 55  VAL n 
1 56  ASN n 
1 57  GLY n 
1 58  SER n 
1 59  ILE n 
1 60  VAL n 
1 61  ILE n 
1 62  VAL n 
1 63  ARG n 
1 64  ALA n 
1 65  GLY n 
1 66  LYS n 
1 67  ILE n 
1 68  THR n 
1 69  PHE n 
1 70  ALA n 
1 71  GLU n 
1 72  LYS n 
1 73  VAL n 
1 74  ALA n 
1 75  ASN n 
1 76  ALA n 
1 77  GLU n 
1 78  SER n 
1 79  LEU n 
1 80  ASN n 
1 81  ALA n 
1 82  ILE n 
1 83  GLY n 
1 84  VAL n 
1 85  LEU n 
1 86  ILE n 
1 87  TYR n 
1 88  MET n 
1 89  ASP n 
1 90  GLN n 
1 91  THR n 
1 92  LYS n 
1 93  PHE n 
1 94  PRO n 
1 95  ILE n 
1 96  VAL n 
1 97  ASN n 
1 98  ALA n 
1 99  GLU n 
1 100 LEU n 
1 101 SER n 
1 102 PHE n 
1 103 THR n 
1 104 GLY n 
1 105 LYS n 
1 106 GLY n 
1 107 LYS n 
1 108 SER n 
1 109 GLY n 
1 110 ILE n 
1 111 PRO n 
1 112 VAL n 
1 113 GLN n 
1 114 THR n 
1 115 ILE n 
1 116 SER n 
1 117 ARG n 
1 118 GLU n 
1 119 ALA n 
1 120 ALA n 
1 121 GLU n 
1 122 LYS n 
1 123 LEU n 
1 124 PHE n 
1 125 GLY n 
1 126 ASN n 
1 127 MET n 
1 128 GLU n 
1 129 GLY n 
1 130 ASP n 
1 131 CYS n 
1 132 PRO n 
1 133 SER n 
1 134 ASP n 
1 135 TRP n 
1 136 LYS n 
1 137 THR n 
1 138 ASP n 
1 139 SER n 
1 140 THR n 
1 141 CYS n 
1 142 ARG n 
1 143 MET n 
1 144 VAL n 
1 145 THR n 
1 146 SER n 
1 147 GLU n 
1 148 SER n 
1 149 LYS n 
1 150 ASN n 
1 151 VAL n 
1 152 LYS n 
1 153 LEU n 
1 154 THR n 
1 155 VAL n 
1 156 GLY n 
1 157 GLY n 
1 158 ARG n 
1 159 GLY n 
1 160 SER n 
1 161 LEU n 
1 162 GLU n 
1 163 HIS n 
1 164 HIS n 
1 165 HIS n 
1 166 HIS n 
1 167 HIS n 
1 168 HIS n 
# 
loop_
_entity_src_gen.entity_id 
_entity_src_gen.pdbx_src_id 
_entity_src_gen.pdbx_alt_source_flag 
_entity_src_gen.pdbx_seq_type 
_entity_src_gen.pdbx_beg_seq_num 
_entity_src_gen.pdbx_end_seq_num 
_entity_src_gen.gene_src_common_name 
_entity_src_gen.gene_src_genus 
_entity_src_gen.pdbx_gene_src_gene 
_entity_src_gen.gene_src_species 
_entity_src_gen.gene_src_strain 
_entity_src_gen.gene_src_tissue 
_entity_src_gen.gene_src_tissue_fraction 
_entity_src_gen.gene_src_details 
_entity_src_gen.pdbx_gene_src_fragment 
_entity_src_gen.pdbx_gene_src_scientific_name 
_entity_src_gen.pdbx_gene_src_ncbi_taxonomy_id 
_entity_src_gen.pdbx_gene_src_variant 
_entity_src_gen.pdbx_gene_src_cell_line 
_entity_src_gen.pdbx_gene_src_atcc 
_entity_src_gen.pdbx_gene_src_organ 
_entity_src_gen.pdbx_gene_src_organelle 
_entity_src_gen.pdbx_gene_src_cell 
_entity_src_gen.pdbx_gene_src_cellular_location 
_entity_src_gen.host_org_common_name 
_entity_src_gen.pdbx_host_org_scientific_name 
_entity_src_gen.pdbx_host_org_ncbi_taxonomy_id 
_entity_src_gen.host_org_genus 
_entity_src_gen.pdbx_host_org_gene 
_entity_src_gen.pdbx_host_org_organ 
_entity_src_gen.host_org_species 
_entity_src_gen.pdbx_host_org_tissue 
_entity_src_gen.pdbx_host_org_tissue_fraction 
_entity_src_gen.pdbx_host_org_strain 
_entity_src_gen.pdbx_host_org_variant 
_entity_src_gen.pdbx_host_org_cell_line 
_entity_src_gen.pdbx_host_org_atcc 
_entity_src_gen.pdbx_host_org_culture_collection 
_entity_src_gen.pdbx_host_org_cell 
_entity_src_gen.pdbx_host_org_organelle 
_entity_src_gen.pdbx_host_org_cellular_location 
_entity_src_gen.pdbx_host_org_vector_type 
_entity_src_gen.pdbx_host_org_vector 
_entity_src_gen.host_org_details 
_entity_src_gen.expression_system_id 
_entity_src_gen.plasmid_name 
_entity_src_gen.plasmid_details 
_entity_src_gen.pdbx_description 
1 1 sample 'Biological sequence' 1   104 human ? TFRC ? ? ? ? ? ? 'Homo sapiens' 9606 ? ? ? ? ? ? ? ? 'Escherichia coli' 562 ? ? ? 
? ? ? 'BL21* (DE3)' ? ? ? ? ? ? ? plasmid ? ? ? pET29b ? ? 
1 2 sample 'Biological sequence' 105 168 human ? TFRC ? ? ? ? ? ? 'Homo sapiens' 9606 ? ? ? ? ? ? ? ? 'Escherichia coli' 562 ? ? ? 
? ? ? 'BL21* (DE3)' ? ? ? ? ? ? ? plasmid ? ? ? pET29b ? ? 
# 
loop_
_chem_comp.id 
_chem_comp.type 
_chem_comp.mon_nstd_flag 
_chem_comp.name 
_chem_comp.pdbx_synonyms 
_chem_comp.formula 
_chem_comp.formula_weight 
ALA 'L-peptide linking' y ALANINE         ? 'C3 H7 N O2'     89.093  
ARG 'L-peptide linking' y ARGININE        ? 'C6 H15 N4 O2 1' 175.209 
ASN 'L-peptide linking' y ASPARAGINE      ? 'C4 H8 N2 O3'    132.118 
ASP 'L-peptide linking' y 'ASPARTIC ACID' ? 'C4 H7 N O4'     133.103 
BO3 non-polymer         . 'BORIC ACID'    ? 'B H3 O3'        61.833  
CYS 'L-peptide linking' y CYSTEINE        ? 'C3 H7 N O2 S'   121.158 
GLN 'L-peptide linking' y GLUTAMINE       ? 'C5 H10 N2 O3'   146.144 
GLU 'L-peptide linking' y 'GLUTAMIC ACID' ? 'C5 H9 N O4'     147.129 
GLY 'peptide linking'   y GLYCINE         ? 'C2 H5 N O2'     75.067  
HIS 'L-peptide linking' y HISTIDINE       ? 'C6 H10 N3 O2 1' 156.162 
HOH non-polymer         . WATER           ? 'H2 O'           18.015  
ILE 'L-peptide linking' y ISOLEUCINE      ? 'C6 H13 N O2'    131.173 
LEU 'L-peptide linking' y LEUCINE         ? 'C6 H13 N O2'    131.173 
LYS 'L-peptide linking' y LYSINE          ? 'C6 H15 N2 O2 1' 147.195 
MET 'L-peptide linking' y METHIONINE      ? 'C5 H11 N O2 S'  149.211 
NA  non-polymer         . 'SODIUM ION'    ? 'Na 1'           22.990  
PHE 'L-peptide linking' y PHENYLALANINE   ? 'C9 H11 N O2'    165.189 
PRO 'L-peptide linking' y PROLINE         ? 'C5 H9 N O2'     115.130 
SER 'L-peptide linking' y SERINE          ? 'C3 H7 N O3'     105.093 
THR 'L-peptide linking' y THREONINE       ? 'C4 H9 N O3'     119.119 
TRP 'L-peptide linking' y TRYPTOPHAN      ? 'C11 H12 N2 O2'  204.225 
TYR 'L-peptide linking' y TYROSINE        ? 'C9 H11 N O3'    181.189 
VAL 'L-peptide linking' y VALINE          ? 'C5 H11 N O2'    117.146 
# 
loop_
_pdbx_poly_seq_scheme.asym_id 
_pdbx_poly_seq_scheme.entity_id 
_pdbx_poly_seq_scheme.seq_id 
_pdbx_poly_seq_scheme.mon_id 
_pdbx_poly_seq_scheme.ndb_seq_num 
_pdbx_poly_seq_scheme.pdb_seq_num 
_pdbx_poly_seq_scheme.auth_seq_num 
_pdbx_poly_seq_scheme.pdb_mon_id 
_pdbx_poly_seq_scheme.auth_mon_id 
_pdbx_poly_seq_scheme.pdb_strand_id 
_pdbx_poly_seq_scheme.pdb_ins_code 
_pdbx_poly_seq_scheme.hetero 
A 1 1   MET 1   1   1   MET MET A . n 
A 1 2   GLN 2   2   2   GLN GLN A . n 
A 1 3   ASN 3   3   3   ASN ASN A . n 
A 1 4   SER 4   4   4   SER SER A . n 
A 1 5   VAL 5   5   5   VAL VAL A . n 
A 1 6   ILE 6   6   6   ILE ILE A . n 
A 1 7   ILE 7   7   7   ILE ILE A . n 
A 1 8   VAL 8   8   8   VAL VAL A . n 
A 1 9   ASP 9   9   9   ASP ASP A . n 
A 1 10  LYS 10  10  10  LYS LYS A . n 
A 1 11  ASN 11  11  11  ASN ASN A . n 
A 1 12  GLY 12  12  12  GLY GLY A . n 
A 1 13  ARG 13  13  13  ARG ARG A . n 
A 1 14  LEU 14  14  14  LEU LEU A . n 
A 1 15  GLU 15  15  15  GLU GLU A . n 
A 1 16  TYR 16  16  16  TYR TYR A . n 
A 1 17  LEU 17  17  17  LEU LEU A . n 
A 1 18  VAL 18  18  18  VAL VAL A . n 
A 1 19  GLU 19  19  19  GLU GLU A . n 
A 1 20  ASN 20  20  20  ASN ASN A . n 
A 1 21  PRO 21  21  21  PRO PRO A . n 
A 1 22  GLY 22  22  22  GLY GLY A . n 
A 1 23  GLY 23  23  23  GLY GLY A . n 
A 1 24  SER 24  24  24  SER SER A . n 
A 1 25  VAL 25  25  25  VAL VAL A . n 
A 1 26  ALA 26  26  26  ALA ALA A . n 
A 1 27  ASN 27  27  27  ASN ASN A . n 
A 1 28  SER 28  28  28  SER SER A . n 
A 1 29  LYS 29  29  29  LYS LYS A . n 
A 1 30  ALA 30  30  30  ALA ALA A . n 
A 1 31  ALA 31  31  31  ALA ALA A . n 
A 1 32  THR 32  32  32  THR THR A . n 
A 1 33  VAL 33  33  33  VAL VAL A . n 
A 1 34  THR 34  34  34  THR THR A . n 
A 1 35  GLY 35  35  35  GLY GLY A . n 
A 1 36  LYS 36  36  36  LYS LYS A . n 
A 1 37  LEU 37  37  37  LEU LEU A . n 
A 1 38  VAL 38  38  38  VAL VAL A . n 
A 1 39  HIS 39  39  39  HIS HIS A . n 
A 1 40  ALA 40  40  40  ALA ALA A . n 
A 1 41  ASN 41  41  41  ASN ASN A . n 
A 1 42  PHE 42  42  42  PHE PHE A . n 
A 1 43  GLY 43  43  43  GLY GLY A . n 
A 1 44  THR 44  44  44  THR THR A . n 
A 1 45  LYS 45  45  45  LYS LYS A . n 
A 1 46  LYS 46  46  46  LYS LYS A . n 
A 1 47  ASP 47  47  47  ASP ASP A . n 
A 1 48  PHE 48  48  48  PHE PHE A . n 
A 1 49  GLU 49  49  49  GLU GLU A . n 
A 1 50  ASP 50  50  50  ASP ASP A . n 
A 1 51  LEU 51  51  51  LEU LEU A . n 
A 1 52  TYR 52  52  52  TYR TYR A . n 
A 1 53  THR 53  53  53  THR THR A . n 
A 1 54  PRO 54  54  54  PRO PRO A . n 
A 1 55  VAL 55  55  55  VAL VAL A . n 
A 1 56  ASN 56  56  56  ASN ASN A . n 
A 1 57  GLY 57  57  57  GLY GLY A . n 
A 1 58  SER 58  58  58  SER SER A . n 
A 1 59  ILE 59  59  59  ILE ILE A . n 
A 1 60  VAL 60  60  60  VAL VAL A . n 
A 1 61  ILE 61  61  61  ILE ILE A . n 
A 1 62  VAL 62  62  62  VAL VAL A . n 
A 1 63  ARG 63  63  63  ARG ARG A . n 
A 1 64  ALA 64  64  64  ALA ALA A . n 
A 1 65  GLY 65  65  65  GLY GLY A . n 
A 1 66  LYS 66  66  66  LYS LYS A . n 
A 1 67  ILE 67  67  67  ILE ILE A . n 
A 1 68  THR 68  68  68  THR THR A . n 
A 1 69  PHE 69  69  69  PHE PHE A . n 
A 1 70  ALA 70  70  70  ALA ALA A . n 
A 1 71  GLU 71  71  71  GLU GLU A . n 
A 1 72  LYS 72  72  72  LYS LYS A . n 
A 1 73  VAL 73  73  73  VAL VAL A . n 
A 1 74  ALA 74  74  74  ALA ALA A . n 
A 1 75  ASN 75  75  75  ASN ASN A . n 
A 1 76  ALA 76  76  76  ALA ALA A . n 
A 1 77  GLU 77  77  77  GLU GLU A . n 
A 1 78  SER 78  78  78  SER SER A . n 
A 1 79  LEU 79  79  79  LEU LEU A . n 
A 1 80  ASN 80  80  80  ASN ASN A . n 
A 1 81  ALA 81  81  81  ALA ALA A . n 
A 1 82  ILE 82  82  82  ILE ILE A . n 
A 1 83  GLY 83  83  83  GLY GLY A . n 
A 1 84  VAL 84  84  84  VAL VAL A . n 
A 1 85  LEU 85  85  85  LEU LEU A . n 
A 1 86  ILE 86  86  86  ILE ILE A . n 
A 1 87  TYR 87  87  87  TYR TYR A . n 
A 1 88  MET 88  88  88  MET MET A . n 
A 1 89  ASP 89  89  89  ASP ASP A . n 
A 1 90  GLN 90  90  90  GLN GLN A . n 
A 1 91  THR 91  91  91  THR THR A . n 
A 1 92  LYS 92  92  92  LYS LYS A . n 
A 1 93  PHE 93  93  93  PHE PHE A . n 
A 1 94  PRO 94  94  94  PRO PRO A . n 
A 1 95  ILE 95  95  95  ILE ILE A . n 
A 1 96  VAL 96  96  96  VAL VAL A . n 
A 1 97  ASN 97  97  97  ASN ASN A . n 
A 1 98  ALA 98  98  98  ALA ALA A . n 
A 1 99  GLU 99  99  99  GLU GLU A . n 
A 1 100 LEU 100 100 100 LEU LEU A . n 
A 1 101 SER 101 101 101 SER SER A . n 
A 1 102 PHE 102 102 102 PHE PHE A . n 
A 1 103 THR 103 103 103 THR THR A . n 
A 1 104 GLY 104 104 104 GLY GLY A . n 
A 1 105 LYS 105 105 105 LYS LYS A . n 
A 1 106 GLY 106 106 106 GLY GLY A . n 
A 1 107 LYS 107 107 107 LYS LYS A . n 
A 1 108 SER 108 108 108 SER SER A . n 
A 1 109 GLY 109 109 109 GLY GLY A . n 
A 1 110 ILE 110 110 110 ILE ILE A . n 
A 1 111 PRO 111 111 111 PRO PRO A . n 
A 1 112 VAL 112 112 112 VAL VAL A . n 
A 1 113 GLN 113 113 113 GLN GLN A . n 
A 1 114 THR 114 114 114 THR THR A . n 
A 1 115 ILE 115 115 115 ILE ILE A . n 
A 1 116 SER 116 116 116 SER SER A . n 
A 1 117 ARG 117 117 117 ARG ARG A . n 
A 1 118 GLU 118 118 118 GLU GLU A . n 
A 1 119 ALA 119 119 119 ALA ALA A . n 
A 1 120 ALA 120 120 120 ALA ALA A . n 
A 1 121 GLU 121 121 121 GLU GLU A . n 
A 1 122 LYS 122 122 122 LYS LYS A . n 
A 1 123 LEU 123 123 123 LEU LEU A . n 
A 1 124 PHE 124 124 124 PHE PHE A . n 
A 1 125 GLY 125 125 125 GLY GLY A . n 
A 1 126 ASN 126 126 126 ASN ASN A . n 
A 1 127 MET 127 127 127 MET MET A . n 
A 1 128 GLU 128 128 128 GLU GLU A . n 
A 1 129 GLY 129 129 129 GLY GLY A . n 
A 1 130 ASP 130 130 130 ASP ASP A . n 
A 1 131 CYS 131 131 131 CYS CYS A . n 
A 1 132 PRO 132 132 132 PRO PRO A . n 
A 1 133 SER 133 133 133 SER SER A . n 
A 1 134 ASP 134 134 134 ASP ASP A . n 
A 1 135 TRP 135 135 135 TRP TRP A . n 
A 1 136 LYS 136 136 136 LYS LYS A . n 
A 1 137 THR 137 137 137 THR THR A . n 
A 1 138 ASP 138 138 138 ASP ASP A . n 
A 1 139 SER 139 139 139 SER SER A . n 
A 1 140 THR 140 140 140 THR THR A . n 
A 1 141 CYS 141 141 141 CYS CYS A . n 
A 1 142 ARG 142 142 142 ARG ARG A . n 
A 1 143 MET 143 143 143 MET MET A . n 
A 1 144 VAL 144 144 144 VAL VAL A . n 
A 1 145 THR 145 145 145 THR THR A . n 
A 1 146 SER 146 146 146 SER SER A . n 
A 1 147 GLU 147 147 147 GLU GLU A . n 
A 1 148 SER 148 148 148 SER SER A . n 
A 1 149 LYS 149 149 149 LYS LYS A . n 
A 1 150 ASN 150 150 150 ASN ASN A . n 
A 1 151 VAL 151 151 151 VAL VAL A . n 
A 1 152 LYS 152 152 152 LYS LYS A . n 
A 1 153 LEU 153 153 153 LEU LEU A . n 
A 1 154 THR 154 154 154 THR THR A . n 
A 1 155 VAL 155 155 155 VAL VAL A . n 
A 1 156 GLY 156 156 156 GLY GLY A . n 
A 1 157 GLY 157 157 157 GLY GLY A . n 
A 1 158 ARG 158 158 ?   ?   ?   A . n 
A 1 159 GLY 159 159 ?   ?   ?   A . n 
A 1 160 SER 160 160 ?   ?   ?   A . n 
A 1 161 LEU 161 161 ?   ?   ?   A . n 
A 1 162 GLU 162 162 ?   ?   ?   A . n 
A 1 163 HIS 163 163 ?   ?   ?   A . n 
A 1 164 HIS 164 164 ?   ?   ?   A . n 
A 1 165 HIS 165 165 ?   ?   ?   A . n 
A 1 166 HIS 166 166 ?   ?   ?   A . n 
A 1 167 HIS 167 167 ?   ?   ?   A . n 
A 1 168 HIS 168 168 ?   ?   ?   A . n 
# 
loop_
_pdbx_nonpoly_scheme.asym_id 
_pdbx_nonpoly_scheme.entity_id 
_pdbx_nonpoly_scheme.mon_id 
_pdbx_nonpoly_scheme.ndb_seq_num 
_pdbx_nonpoly_scheme.pdb_seq_num 
_pdbx_nonpoly_scheme.auth_seq_num 
_pdbx_nonpoly_scheme.pdb_mon_id 
_pdbx_nonpoly_scheme.auth_mon_id 
_pdbx_nonpoly_scheme.pdb_strand_id 
_pdbx_nonpoly_scheme.pdb_ins_code 
B 2 NA  1   201 1   NA  NA  A . 
C 2 NA  1   202 2   NA  NA  A . 
D 3 BO3 1   203 1   BO3 BO3 A . 
E 4 HOH 1   301 108 HOH HOH A . 
E 4 HOH 2   302 28  HOH HOH A . 
E 4 HOH 3   303 39  HOH HOH A . 
E 4 HOH 4   304 78  HOH HOH A . 
E 4 HOH 5   305 61  HOH HOH A . 
E 4 HOH 6   306 23  HOH HOH A . 
E 4 HOH 7   307 38  HOH HOH A . 
E 4 HOH 8   308 72  HOH HOH A . 
E 4 HOH 9   309 26  HOH HOH A . 
E 4 HOH 10  310 54  HOH HOH A . 
E 4 HOH 11  311 62  HOH HOH A . 
E 4 HOH 12  312 67  HOH HOH A . 
E 4 HOH 13  313 70  HOH HOH A . 
E 4 HOH 14  314 81  HOH HOH A . 
E 4 HOH 15  315 75  HOH HOH A . 
E 4 HOH 16  316 29  HOH HOH A . 
E 4 HOH 17  317 83  HOH HOH A . 
E 4 HOH 18  318 19  HOH HOH A . 
E 4 HOH 19  319 79  HOH HOH A . 
E 4 HOH 20  320 69  HOH HOH A . 
E 4 HOH 21  321 15  HOH HOH A . 
E 4 HOH 22  322 27  HOH HOH A . 
E 4 HOH 23  323 95  HOH HOH A . 
E 4 HOH 24  324 58  HOH HOH A . 
E 4 HOH 25  325 25  HOH HOH A . 
E 4 HOH 26  326 4   HOH HOH A . 
E 4 HOH 27  327 47  HOH HOH A . 
E 4 HOH 28  328 1   HOH HOH A . 
E 4 HOH 29  329 7   HOH HOH A . 
E 4 HOH 30  330 101 HOH HOH A . 
E 4 HOH 31  331 31  HOH HOH A . 
E 4 HOH 32  332 30  HOH HOH A . 
E 4 HOH 33  333 16  HOH HOH A . 
E 4 HOH 34  334 90  HOH HOH A . 
E 4 HOH 35  335 9   HOH HOH A . 
E 4 HOH 36  336 35  HOH HOH A . 
E 4 HOH 37  337 97  HOH HOH A . 
E 4 HOH 38  338 11  HOH HOH A . 
E 4 HOH 39  339 92  HOH HOH A . 
E 4 HOH 40  340 36  HOH HOH A . 
E 4 HOH 41  341 3   HOH HOH A . 
E 4 HOH 42  342 20  HOH HOH A . 
E 4 HOH 43  343 5   HOH HOH A . 
E 4 HOH 44  344 91  HOH HOH A . 
E 4 HOH 45  345 43  HOH HOH A . 
E 4 HOH 46  346 22  HOH HOH A . 
E 4 HOH 47  347 42  HOH HOH A . 
E 4 HOH 48  348 77  HOH HOH A . 
E 4 HOH 49  349 49  HOH HOH A . 
E 4 HOH 50  350 33  HOH HOH A . 
E 4 HOH 51  351 18  HOH HOH A . 
E 4 HOH 52  352 41  HOH HOH A . 
E 4 HOH 53  353 63  HOH HOH A . 
E 4 HOH 54  354 44  HOH HOH A . 
E 4 HOH 55  355 8   HOH HOH A . 
E 4 HOH 56  356 59  HOH HOH A . 
E 4 HOH 57  357 46  HOH HOH A . 
E 4 HOH 58  358 56  HOH HOH A . 
E 4 HOH 59  359 2   HOH HOH A . 
E 4 HOH 60  360 14  HOH HOH A . 
E 4 HOH 61  361 21  HOH HOH A . 
E 4 HOH 62  362 17  HOH HOH A . 
E 4 HOH 63  363 50  HOH HOH A . 
E 4 HOH 64  364 48  HOH HOH A . 
E 4 HOH 65  365 71  HOH HOH A . 
E 4 HOH 66  366 57  HOH HOH A . 
E 4 HOH 67  367 10  HOH HOH A . 
E 4 HOH 68  368 24  HOH HOH A . 
E 4 HOH 69  369 80  HOH HOH A . 
E 4 HOH 70  370 51  HOH HOH A . 
E 4 HOH 71  371 107 HOH HOH A . 
E 4 HOH 72  372 32  HOH HOH A . 
E 4 HOH 73  373 84  HOH HOH A . 
E 4 HOH 74  374 45  HOH HOH A . 
E 4 HOH 75  375 40  HOH HOH A . 
E 4 HOH 76  376 53  HOH HOH A . 
E 4 HOH 77  377 65  HOH HOH A . 
E 4 HOH 78  378 34  HOH HOH A . 
E 4 HOH 79  379 106 HOH HOH A . 
E 4 HOH 80  380 102 HOH HOH A . 
E 4 HOH 81  381 6   HOH HOH A . 
E 4 HOH 82  382 64  HOH HOH A . 
E 4 HOH 83  383 89  HOH HOH A . 
E 4 HOH 84  384 98  HOH HOH A . 
E 4 HOH 85  385 100 HOH HOH A . 
E 4 HOH 86  386 82  HOH HOH A . 
E 4 HOH 87  387 37  HOH HOH A . 
E 4 HOH 88  388 52  HOH HOH A . 
E 4 HOH 89  389 99  HOH HOH A . 
E 4 HOH 90  390 60  HOH HOH A . 
E 4 HOH 91  391 12  HOH HOH A . 
E 4 HOH 92  392 13  HOH HOH A . 
E 4 HOH 93  393 96  HOH HOH A . 
E 4 HOH 94  394 66  HOH HOH A . 
E 4 HOH 95  395 68  HOH HOH A . 
E 4 HOH 96  396 104 HOH HOH A . 
E 4 HOH 97  397 86  HOH HOH A . 
E 4 HOH 98  398 74  HOH HOH A . 
E 4 HOH 99  399 55  HOH HOH A . 
E 4 HOH 100 400 105 HOH HOH A . 
E 4 HOH 101 401 94  HOH HOH A . 
E 4 HOH 102 402 76  HOH HOH A . 
E 4 HOH 103 403 85  HOH HOH A . 
E 4 HOH 104 404 73  HOH HOH A . 
E 4 HOH 105 405 87  HOH HOH A . 
E 4 HOH 106 406 88  HOH HOH A . 
E 4 HOH 107 407 93  HOH HOH A . 
E 4 HOH 108 408 103 HOH HOH A . 
# 
loop_
_software.citation_id 
_software.classification 
_software.compiler_name 
_software.compiler_version 
_software.contact_author 
_software.contact_author_email 
_software.date 
_software.description 
_software.dependencies 
_software.hardware 
_software.language 
_software.location 
_software.mods 
_software.name 
_software.os 
_software.os_version 
_software.type 
_software.version 
_software.pdbx_ordinal 
? refinement       ? ? ? ? ? ? ? ? ? ? ? PHENIX ? ? ? 1.18rc1_3777 1 
? 'data reduction' ? ? ? ? ? ? ? ? ? ? ? XDS    ? ? ? .            2 
? 'data scaling'   ? ? ? ? ? ? ? ? ? ? ? XDS    ? ? ? .            3 
? phasing          ? ? ? ? ? ? ? ? ? ? ? PHASER ? ? ? .            4 
# 
_cell.angle_alpha                  90.000 
_cell.angle_alpha_esd              ? 
_cell.angle_beta                   113.152 
_cell.angle_beta_esd               ? 
_cell.angle_gamma                  90.000 
_cell.angle_gamma_esd              ? 
_cell.entry_id                     8P0Z 
_cell.details                      ? 
_cell.formula_units_Z              ? 
_cell.length_a                     32.990 
_cell.length_a_esd                 ? 
_cell.length_b                     57.370 
_cell.length_b_esd                 ? 
_cell.length_c                     39.100 
_cell.length_c_esd                 ? 
_cell.volume                       68042.325 
_cell.volume_esd                   ? 
_cell.Z_PDB                        2 
_cell.reciprocal_angle_alpha       ? 
_cell.reciprocal_angle_beta        ? 
_cell.reciprocal_angle_gamma       ? 
_cell.reciprocal_angle_alpha_esd   ? 
_cell.reciprocal_angle_beta_esd    ? 
_cell.reciprocal_angle_gamma_esd   ? 
_cell.reciprocal_length_a          ? 
_cell.reciprocal_length_b          ? 
_cell.reciprocal_length_c          ? 
_cell.reciprocal_length_a_esd      ? 
_cell.reciprocal_length_b_esd      ? 
_cell.reciprocal_length_c_esd      ? 
_cell.pdbx_unique_axis             ? 
_cell.pdbx_esd_method              ? 
# 
_symmetry.entry_id                         8P0Z 
_symmetry.cell_setting                     ? 
_symmetry.Int_Tables_number                4 
_symmetry.space_group_name_Hall            'P 2yb' 
_symmetry.space_group_name_H-M             'P 1 21 1' 
_symmetry.pdbx_full_space_group_name_H-M   ? 
# 
_exptl.absorpt_coefficient_mu     ? 
_exptl.absorpt_correction_T_max   ? 
_exptl.absorpt_correction_T_min   ? 
_exptl.absorpt_correction_type    ? 
_exptl.absorpt_process_details    ? 
_exptl.entry_id                   8P0Z 
_exptl.crystals_number            1 
_exptl.details                    ? 
_exptl.method                     'X-RAY DIFFRACTION' 
_exptl.method_details             ? 
# 
_exptl_crystal.colour                       ? 
_exptl_crystal.density_diffrn               ? 
_exptl_crystal.density_Matthews             1.87 
_exptl_crystal.density_method               ? 
_exptl_crystal.density_percent_sol          34.27 
_exptl_crystal.description                  ? 
_exptl_crystal.F_000                        ? 
_exptl_crystal.id                           1 
_exptl_crystal.preparation                  ? 
_exptl_crystal.size_max                     ? 
_exptl_crystal.size_mid                     ? 
_exptl_crystal.size_min                     ? 
_exptl_crystal.size_rad                     ? 
_exptl_crystal.colour_lustre                ? 
_exptl_crystal.colour_modifier              ? 
_exptl_crystal.colour_primary               ? 
_exptl_crystal.density_meas                 ? 
_exptl_crystal.density_meas_esd             ? 
_exptl_crystal.density_meas_gt              ? 
_exptl_crystal.density_meas_lt              ? 
_exptl_crystal.density_meas_temp            ? 
_exptl_crystal.density_meas_temp_esd        ? 
_exptl_crystal.density_meas_temp_gt         ? 
_exptl_crystal.density_meas_temp_lt         ? 
_exptl_crystal.pdbx_crystal_image_url       ? 
_exptl_crystal.pdbx_crystal_image_format    ? 
_exptl_crystal.pdbx_mosaicity               ? 
_exptl_crystal.pdbx_mosaicity_esd           ? 
_exptl_crystal.pdbx_mosaic_method           ? 
_exptl_crystal.pdbx_mosaic_block_size       ? 
_exptl_crystal.pdbx_mosaic_block_size_esd   ? 
# 
_exptl_crystal_grow.apparatus       ? 
_exptl_crystal_grow.atmosphere      ? 
_exptl_crystal_grow.crystal_id      1 
_exptl_crystal_grow.details         ? 
_exptl_crystal_grow.method          'VAPOR DIFFUSION, SITTING DROP' 
_exptl_crystal_grow.method_ref      ? 
_exptl_crystal_grow.pH              ? 
_exptl_crystal_grow.pressure        ? 
_exptl_crystal_grow.pressure_esd    ? 
_exptl_crystal_grow.seeding         ? 
_exptl_crystal_grow.seeding_ref     ? 
_exptl_crystal_grow.temp_details    ? 
_exptl_crystal_grow.temp_esd        ? 
_exptl_crystal_grow.time            ? 
_exptl_crystal_grow.pdbx_details    
'11 mg/mL protein in 20 mM HEPES, pH 6.8, 150 mM NaCl mixed with 100 mM MIB buffer, pH 7.5, and 24 % PEG in a ratio 1:2' 
_exptl_crystal_grow.pdbx_pH_range   ? 
_exptl_crystal_grow.temp            293 
# 
_diffrn.ambient_environment              ? 
_diffrn.ambient_temp                     100 
_diffrn.ambient_temp_details             ? 
_diffrn.ambient_temp_esd                 ? 
_diffrn.crystal_id                       1 
_diffrn.crystal_support                  ? 
_diffrn.crystal_treatment                ? 
_diffrn.details                          ? 
_diffrn.id                               1 
_diffrn.ambient_pressure                 ? 
_diffrn.ambient_pressure_esd             ? 
_diffrn.ambient_pressure_gt              ? 
_diffrn.ambient_pressure_lt              ? 
_diffrn.ambient_temp_gt                  ? 
_diffrn.ambient_temp_lt                  ? 
_diffrn.pdbx_serial_crystal_experiment   N 
# 
_diffrn_detector.details                      ? 
_diffrn_detector.detector                     PIXEL 
_diffrn_detector.diffrn_id                    1 
_diffrn_detector.type                         'DECTRIS EIGER X 16M' 
_diffrn_detector.area_resol_mean              ? 
_diffrn_detector.dtime                        ? 
_diffrn_detector.pdbx_frames_total            ? 
_diffrn_detector.pdbx_collection_time_total   ? 
_diffrn_detector.pdbx_collection_date         2022-12-16 
_diffrn_detector.pdbx_frequency               ? 
_diffrn_detector.id                           ? 
_diffrn_detector.number_of_axes               ? 
# 
_diffrn_radiation.collimation                      ? 
_diffrn_radiation.diffrn_id                        1 
_diffrn_radiation.filter_edge                      ? 
_diffrn_radiation.inhomogeneity                    ? 
_diffrn_radiation.monochromator                    ? 
_diffrn_radiation.polarisn_norm                    ? 
_diffrn_radiation.polarisn_ratio                   ? 
_diffrn_radiation.probe                            ? 
_diffrn_radiation.type                             ? 
_diffrn_radiation.xray_symbol                      ? 
_diffrn_radiation.wavelength_id                    1 
_diffrn_radiation.pdbx_monochromatic_or_laue_m_l   M 
_diffrn_radiation.pdbx_wavelength_list             ? 
_diffrn_radiation.pdbx_wavelength                  ? 
_diffrn_radiation.pdbx_diffrn_protocol             'SINGLE WAVELENGTH' 
_diffrn_radiation.pdbx_analyzer                    ? 
_diffrn_radiation.pdbx_scattering_type             x-ray 
# 
_diffrn_radiation_wavelength.id           1 
_diffrn_radiation_wavelength.wavelength   1.0332 
_diffrn_radiation_wavelength.wt           1.0 
# 
_diffrn_source.current                     ? 
_diffrn_source.details                     ? 
_diffrn_source.diffrn_id                   1 
_diffrn_source.power                       ? 
_diffrn_source.size                        ? 
_diffrn_source.source                      SYNCHROTRON 
_diffrn_source.target                      ? 
_diffrn_source.type                        'PETRA III, DESY BEAMLINE P11' 
_diffrn_source.voltage                     ? 
_diffrn_source.take-off_angle              ? 
_diffrn_source.pdbx_wavelength_list        1.0332 
_diffrn_source.pdbx_wavelength             ? 
_diffrn_source.pdbx_synchrotron_beamline   P11 
_diffrn_source.pdbx_synchrotron_site       'PETRA III, DESY' 
# 
_reflns.B_iso_Wilson_estimate                          30.96 
_reflns.entry_id                                       8P0Z 
_reflns.data_reduction_details                         ? 
_reflns.data_reduction_method                          ? 
_reflns.d_resolution_high                              1.88 
_reflns.d_resolution_low                               35.95 
_reflns.details                                        ? 
_reflns.limit_h_max                                    ? 
_reflns.limit_h_min                                    ? 
_reflns.limit_k_max                                    ? 
_reflns.limit_k_min                                    ? 
_reflns.limit_l_max                                    ? 
_reflns.limit_l_min                                    ? 
_reflns.number_all                                     ? 
_reflns.number_obs                                     10690 
_reflns.observed_criterion                             ? 
_reflns.observed_criterion_F_max                       ? 
_reflns.observed_criterion_F_min                       ? 
_reflns.observed_criterion_I_max                       ? 
_reflns.observed_criterion_I_min                       ? 
_reflns.observed_criterion_sigma_F                     ? 
_reflns.observed_criterion_sigma_I                     ? 
_reflns.percent_possible_obs                           97.06 
_reflns.R_free_details                                 ? 
_reflns.Rmerge_F_all                                   ? 
_reflns.Rmerge_F_obs                                   ? 
_reflns.Friedel_coverage                               ? 
_reflns.number_gt                                      ? 
_reflns.threshold_expression                           ? 
_reflns.pdbx_redundancy                                4.2 
_reflns.pdbx_netI_over_av_sigmaI                       ? 
_reflns.pdbx_netI_over_sigmaI                          5.72 
_reflns.pdbx_res_netI_over_av_sigmaI_2                 ? 
_reflns.pdbx_res_netI_over_sigmaI_2                    ? 
_reflns.pdbx_chi_squared                               ? 
_reflns.pdbx_scaling_rejects                           ? 
_reflns.pdbx_d_res_high_opt                            ? 
_reflns.pdbx_d_res_low_opt                             ? 
_reflns.pdbx_d_res_opt_method                          ? 
_reflns.phase_calculation_details                      ? 
_reflns.pdbx_Rrim_I_all                                0.2192 
_reflns.pdbx_Rpim_I_all                                0.1036 
_reflns.pdbx_d_opt                                     ? 
_reflns.pdbx_number_measured_all                       ? 
_reflns.pdbx_diffrn_id                                 1 
_reflns.pdbx_ordinal                                   1 
_reflns.pdbx_CC_half                                   0.988 
_reflns.pdbx_CC_star                                   0.997 
_reflns.pdbx_R_split                                   ? 
_reflns.pdbx_Rmerge_I_obs                              0.192 
_reflns.pdbx_Rmerge_I_all                              ? 
_reflns.pdbx_Rsym_value                                ? 
_reflns.pdbx_CC_split_method                           ? 
_reflns.pdbx_aniso_diffraction_limit_axis_1_ortho[1]   ? 
_reflns.pdbx_aniso_diffraction_limit_axis_1_ortho[2]   ? 
_reflns.pdbx_aniso_diffraction_limit_axis_1_ortho[3]   ? 
_reflns.pdbx_aniso_diffraction_limit_axis_2_ortho[1]   ? 
_reflns.pdbx_aniso_diffraction_limit_axis_2_ortho[2]   ? 
_reflns.pdbx_aniso_diffraction_limit_axis_2_ortho[3]   ? 
_reflns.pdbx_aniso_diffraction_limit_axis_3_ortho[1]   ? 
_reflns.pdbx_aniso_diffraction_limit_axis_3_ortho[2]   ? 
_reflns.pdbx_aniso_diffraction_limit_axis_3_ortho[3]   ? 
_reflns.pdbx_aniso_diffraction_limit_1                 ? 
_reflns.pdbx_aniso_diffraction_limit_2                 ? 
_reflns.pdbx_aniso_diffraction_limit_3                 ? 
_reflns.pdbx_aniso_B_tensor_eigenvector_1_ortho[1]     ? 
_reflns.pdbx_aniso_B_tensor_eigenvector_1_ortho[2]     ? 
_reflns.pdbx_aniso_B_tensor_eigenvector_1_ortho[3]     ? 
_reflns.pdbx_aniso_B_tensor_eigenvector_2_ortho[1]     ? 
_reflns.pdbx_aniso_B_tensor_eigenvector_2_ortho[2]     ? 
_reflns.pdbx_aniso_B_tensor_eigenvector_2_ortho[3]     ? 
_reflns.pdbx_aniso_B_tensor_eigenvector_3_ortho[1]     ? 
_reflns.pdbx_aniso_B_tensor_eigenvector_3_ortho[2]     ? 
_reflns.pdbx_aniso_B_tensor_eigenvector_3_ortho[3]     ? 
_reflns.pdbx_aniso_B_tensor_eigenvalue_1               ? 
_reflns.pdbx_aniso_B_tensor_eigenvalue_2               ? 
_reflns.pdbx_aniso_B_tensor_eigenvalue_3               ? 
_reflns.pdbx_orthogonalization_convention              ? 
_reflns.pdbx_percent_possible_ellipsoidal              ? 
_reflns.pdbx_percent_possible_spherical                ? 
_reflns.pdbx_percent_possible_ellipsoidal_anomalous    ? 
_reflns.pdbx_percent_possible_spherical_anomalous      ? 
_reflns.pdbx_redundancy_anomalous                      ? 
_reflns.pdbx_CC_half_anomalous                         ? 
_reflns.pdbx_absDiff_over_sigma_anomalous              ? 
_reflns.pdbx_percent_possible_anomalous                ? 
_reflns.pdbx_observed_signal_threshold                 ? 
_reflns.pdbx_signal_type                               ? 
_reflns.pdbx_signal_details                            ? 
_reflns.pdbx_signal_software_id                        ? 
# 
_reflns_shell.d_res_high                                    1.88 
_reflns_shell.d_res_low                                     1.947 
_reflns_shell.meanI_over_sigI_all                           ? 
_reflns_shell.meanI_over_sigI_obs                           0.75 
_reflns_shell.number_measured_all                           ? 
_reflns_shell.number_measured_obs                           ? 
_reflns_shell.number_possible                               ? 
_reflns_shell.number_unique_all                             ? 
_reflns_shell.number_unique_obs                             1053 
_reflns_shell.percent_possible_obs                          ? 
_reflns_shell.Rmerge_F_all                                  ? 
_reflns_shell.Rmerge_F_obs                                  ? 
_reflns_shell.meanI_over_sigI_gt                            ? 
_reflns_shell.meanI_over_uI_all                             ? 
_reflns_shell.meanI_over_uI_gt                              ? 
_reflns_shell.number_measured_gt                            ? 
_reflns_shell.number_unique_gt                              ? 
_reflns_shell.percent_possible_gt                           ? 
_reflns_shell.Rmerge_F_gt                                   ? 
_reflns_shell.Rmerge_I_gt                                   ? 
_reflns_shell.pdbx_redundancy                               ? 
_reflns_shell.pdbx_chi_squared                              ? 
_reflns_shell.pdbx_netI_over_sigmaI_all                     ? 
_reflns_shell.pdbx_netI_over_sigmaI_obs                     ? 
_reflns_shell.pdbx_Rrim_I_all                               1.356 
_reflns_shell.pdbx_Rpim_I_all                               0.6386 
_reflns_shell.pdbx_rejects                                  ? 
_reflns_shell.pdbx_ordinal                                  1 
_reflns_shell.pdbx_diffrn_id                                1 
_reflns_shell.pdbx_CC_half                                  0.522 
_reflns_shell.pdbx_CC_star                                  0.828 
_reflns_shell.pdbx_R_split                                  ? 
_reflns_shell.percent_possible_all                          93.5 
_reflns_shell.Rmerge_I_all                                  ? 
_reflns_shell.Rmerge_I_obs                                  1.189 
_reflns_shell.pdbx_Rsym_value                               ? 
_reflns_shell.pdbx_percent_possible_ellipsoidal             ? 
_reflns_shell.pdbx_percent_possible_spherical               ? 
_reflns_shell.pdbx_percent_possible_ellipsoidal_anomalous   ? 
_reflns_shell.pdbx_percent_possible_spherical_anomalous     ? 
_reflns_shell.pdbx_redundancy_anomalous                     ? 
_reflns_shell.pdbx_CC_half_anomalous                        ? 
_reflns_shell.pdbx_absDiff_over_sigma_anomalous             ? 
_reflns_shell.pdbx_percent_possible_anomalous               ? 
# 
_refine.aniso_B[1][1]                            ? 
_refine.aniso_B[1][2]                            ? 
_refine.aniso_B[1][3]                            ? 
_refine.aniso_B[2][2]                            ? 
_refine.aniso_B[2][3]                            ? 
_refine.aniso_B[3][3]                            ? 
_refine.B_iso_max                                ? 
_refine.B_iso_mean                               33.35 
_refine.B_iso_min                                ? 
_refine.correlation_coeff_Fo_to_Fc               ? 
_refine.correlation_coeff_Fo_to_Fc_free          ? 
_refine.details                                  ? 
_refine.diff_density_max                         ? 
_refine.diff_density_max_esd                     ? 
_refine.diff_density_min                         ? 
_refine.diff_density_min_esd                     ? 
_refine.diff_density_rms                         ? 
_refine.diff_density_rms_esd                     ? 
_refine.entry_id                                 8P0Z 
_refine.pdbx_refine_id                           'X-RAY DIFFRACTION' 
_refine.ls_abs_structure_details                 ? 
_refine.ls_abs_structure_Flack                   ? 
_refine.ls_abs_structure_Flack_esd               ? 
_refine.ls_abs_structure_Rogers                  ? 
_refine.ls_abs_structure_Rogers_esd              ? 
_refine.ls_d_res_high                            1.88 
_refine.ls_d_res_low                             35.95 
_refine.ls_extinction_coef                       ? 
_refine.ls_extinction_coef_esd                   ? 
_refine.ls_extinction_expression                 ? 
_refine.ls_extinction_method                     ? 
_refine.ls_goodness_of_fit_all                   ? 
_refine.ls_goodness_of_fit_all_esd               ? 
_refine.ls_goodness_of_fit_obs                   ? 
_refine.ls_goodness_of_fit_obs_esd               ? 
_refine.ls_hydrogen_treatment                    ? 
_refine.ls_matrix_type                           ? 
_refine.ls_number_constraints                    ? 
_refine.ls_number_parameters                     ? 
_refine.ls_number_reflns_all                     ? 
_refine.ls_number_reflns_obs                     10664 
_refine.ls_number_reflns_R_free                  535 
_refine.ls_number_reflns_R_work                  10130 
_refine.ls_number_restraints                     ? 
_refine.ls_percent_reflns_obs                    97.06 
_refine.ls_percent_reflns_R_free                 5.02 
_refine.ls_R_factor_all                          ? 
_refine.ls_R_factor_obs                          0.2143 
_refine.ls_R_factor_R_free                       0.2363 
_refine.ls_R_factor_R_free_error                 ? 
_refine.ls_R_factor_R_free_error_details         ? 
_refine.ls_R_factor_R_work                       0.2134 
_refine.ls_R_Fsqd_factor_obs                     ? 
_refine.ls_R_I_factor_obs                        ? 
_refine.ls_redundancy_reflns_all                 ? 
_refine.ls_redundancy_reflns_obs                 ? 
_refine.ls_restrained_S_all                      ? 
_refine.ls_restrained_S_obs                      ? 
_refine.ls_shift_over_esd_max                    ? 
_refine.ls_shift_over_esd_mean                   ? 
_refine.ls_structure_factor_coef                 ? 
_refine.ls_weighting_details                     ? 
_refine.ls_weighting_scheme                      ? 
_refine.ls_wR_factor_all                         ? 
_refine.ls_wR_factor_obs                         ? 
_refine.ls_wR_factor_R_free                      ? 
_refine.ls_wR_factor_R_work                      ? 
_refine.occupancy_max                            ? 
_refine.occupancy_min                            ? 
_refine.solvent_model_details                    'FLAT BULK SOLVENT MODEL' 
_refine.solvent_model_param_bsol                 ? 
_refine.solvent_model_param_ksol                 ? 
_refine.pdbx_R_complete                          ? 
_refine.ls_R_factor_gt                           ? 
_refine.ls_goodness_of_fit_gt                    ? 
_refine.ls_goodness_of_fit_ref                   ? 
_refine.ls_shift_over_su_max                     ? 
_refine.ls_shift_over_su_max_lt                  ? 
_refine.ls_shift_over_su_mean                    ? 
_refine.ls_shift_over_su_mean_lt                 ? 
_refine.pdbx_ls_sigma_I                          ? 
_refine.pdbx_ls_sigma_F                          1.39 
_refine.pdbx_ls_sigma_Fsqd                       ? 
_refine.pdbx_data_cutoff_high_absF               ? 
_refine.pdbx_data_cutoff_high_rms_absF           ? 
_refine.pdbx_data_cutoff_low_absF                ? 
_refine.pdbx_isotropic_thermal_model             ? 
_refine.pdbx_ls_cross_valid_method               'FREE R-VALUE' 
_refine.pdbx_method_to_determine_struct          'MOLECULAR REPLACEMENT' 
_refine.pdbx_starting_model                      ? 
_refine.pdbx_stereochemistry_target_values       'GeoStd + Monomer Library + CDL v1.2' 
_refine.pdbx_R_Free_selection_details            'random selection' 
_refine.pdbx_stereochem_target_val_spec_case     ? 
_refine.pdbx_overall_ESU_R                       ? 
_refine.pdbx_overall_ESU_R_Free                  ? 
_refine.pdbx_solvent_vdw_probe_radii             1.1100 
_refine.pdbx_solvent_ion_probe_radii             ? 
_refine.pdbx_solvent_shrinkage_radii             0.9000 
_refine.pdbx_real_space_R                        ? 
_refine.pdbx_density_correlation                 ? 
_refine.pdbx_pd_number_of_powder_patterns        ? 
_refine.pdbx_pd_number_of_points                 ? 
_refine.pdbx_pd_meas_number_of_points            ? 
_refine.pdbx_pd_proc_ls_prof_R_factor            ? 
_refine.pdbx_pd_proc_ls_prof_wR_factor           ? 
_refine.pdbx_pd_Marquardt_correlation_coeff      ? 
_refine.pdbx_pd_Fsqrd_R_factor                   ? 
_refine.pdbx_pd_ls_matrix_band_width             ? 
_refine.pdbx_overall_phase_error                 30.3042 
_refine.pdbx_overall_SU_R_free_Cruickshank_DPI   ? 
_refine.pdbx_overall_SU_R_free_Blow_DPI          ? 
_refine.pdbx_overall_SU_R_Blow_DPI               ? 
_refine.pdbx_TLS_residual_ADP_flag               ? 
_refine.pdbx_diffrn_id                           1 
_refine.overall_SU_B                             ? 
_refine.overall_SU_ML                            0.2548 
_refine.overall_SU_R_Cruickshank_DPI             ? 
_refine.overall_SU_R_free                        ? 
_refine.overall_FOM_free_R_set                   ? 
_refine.overall_FOM_work_R_set                   ? 
_refine.pdbx_average_fsc_overall                 ? 
_refine.pdbx_average_fsc_work                    ? 
_refine.pdbx_average_fsc_free                    ? 
# 
_refine_hist.pdbx_refine_id                   'X-RAY DIFFRACTION' 
_refine_hist.cycle_id                         LAST 
_refine_hist.details                          ? 
_refine_hist.d_res_high                       1.88 
_refine_hist.d_res_low                        35.95 
_refine_hist.number_atoms_solvent             108 
_refine_hist.number_atoms_total               1290 
_refine_hist.number_reflns_all                ? 
_refine_hist.number_reflns_obs                ? 
_refine_hist.number_reflns_R_free             ? 
_refine_hist.number_reflns_R_work             ? 
_refine_hist.R_factor_all                     ? 
_refine_hist.R_factor_obs                     ? 
_refine_hist.R_factor_R_free                  ? 
_refine_hist.R_factor_R_work                  ? 
_refine_hist.pdbx_number_residues_total       ? 
_refine_hist.pdbx_B_iso_mean_ligand           ? 
_refine_hist.pdbx_B_iso_mean_solvent          ? 
_refine_hist.pdbx_number_atoms_protein        1176 
_refine_hist.pdbx_number_atoms_nucleic_acid   0 
_refine_hist.pdbx_number_atoms_ligand         6 
_refine_hist.pdbx_number_atoms_lipid          ? 
_refine_hist.pdbx_number_atoms_carb           ? 
_refine_hist.pdbx_pseudo_atom_details         ? 
# 
loop_
_refine_ls_restr.pdbx_refine_id 
_refine_ls_restr.criterion 
_refine_ls_restr.dev_ideal 
_refine_ls_restr.dev_ideal_target 
_refine_ls_restr.number 
_refine_ls_restr.rejects 
_refine_ls_restr.type 
_refine_ls_restr.weight 
_refine_ls_restr.pdbx_restraint_function 
'X-RAY DIFFRACTION' ? 0.0030  ? 1290 ? f_bond_d           ? ? 
'X-RAY DIFFRACTION' ? 0.6467  ? 1751 ? f_angle_d          ? ? 
'X-RAY DIFFRACTION' ? 0.0495  ? 203  ? f_chiral_restr     ? ? 
'X-RAY DIFFRACTION' ? 0.0025  ? 229  ? f_plane_restr      ? ? 
'X-RAY DIFFRACTION' ? 13.4463 ? 484  ? f_dihedral_angle_d ? ? 
# 
loop_
_refine_ls_shell.pdbx_refine_id 
_refine_ls_shell.d_res_high 
_refine_ls_shell.d_res_low 
_refine_ls_shell.number_reflns_all 
_refine_ls_shell.number_reflns_obs 
_refine_ls_shell.number_reflns_R_free 
_refine_ls_shell.number_reflns_R_work 
_refine_ls_shell.percent_reflns_obs 
_refine_ls_shell.percent_reflns_R_free 
_refine_ls_shell.R_factor_all 
_refine_ls_shell.R_factor_obs 
_refine_ls_shell.R_factor_R_free_error 
_refine_ls_shell.R_factor_R_work 
_refine_ls_shell.redundancy_reflns_all 
_refine_ls_shell.redundancy_reflns_obs 
_refine_ls_shell.wR_factor_all 
_refine_ls_shell.wR_factor_obs 
_refine_ls_shell.wR_factor_R_free 
_refine_ls_shell.wR_factor_R_work 
_refine_ls_shell.pdbx_R_complete 
_refine_ls_shell.pdbx_total_number_of_bins_used 
_refine_ls_shell.pdbx_phase_error 
_refine_ls_shell.pdbx_fsc_work 
_refine_ls_shell.pdbx_fsc_free 
_refine_ls_shell.R_factor_R_free 
'X-RAY DIFFRACTION' 1.88 2.07  . . 132 2497 95.84 . . . . 0.3280 . . . . . . . . . . . 0.3286 
'X-RAY DIFFRACTION' 2.07 2.37  . . 133 2511 97.35 . . . . 0.2543 . . . . . . . . . . . 0.2840 
'X-RAY DIFFRACTION' 2.37 2.98  . . 133 2534 97.23 . . . . 0.2282 . . . . . . . . . . . 0.2410 
'X-RAY DIFFRACTION' 2.98 35.95 . . 137 2588 97.92 . . . . 0.1787 . . . . . . . . . . . 0.2067 
# 
_struct.entry_id                     8P0Z 
_struct.title                        'AP01-S2.3 - a variant of a redesigned transferrin receptor apical domain' 
_struct.pdbx_model_details           ? 
_struct.pdbx_formula_weight          ? 
_struct.pdbx_formula_weight_method   ? 
_struct.pdbx_model_type_details      ? 
_struct.pdbx_CASP_flag               N 
# 
_struct_keywords.entry_id        8P0Z 
_struct_keywords.text            'receptor domain, transferrin, CYTOSOLIC PROTEIN' 
_struct_keywords.pdbx_keywords   'CYTOSOLIC PROTEIN' 
# 
loop_
_struct_asym.id 
_struct_asym.pdbx_blank_PDB_chainid_flag 
_struct_asym.pdbx_modified 
_struct_asym.entity_id 
_struct_asym.details 
A N N 1 ? 
B N N 2 ? 
C N N 2 ? 
D N N 3 ? 
E N N 4 ? 
# 
loop_
_struct_ref.id 
_struct_ref.db_name 
_struct_ref.db_code 
_struct_ref.pdbx_db_accession 
_struct_ref.pdbx_db_isoform 
_struct_ref.entity_id 
_struct_ref.pdbx_seq_one_letter_code 
_struct_ref.pdbx_align_begin 
1 UNP TFR1_HUMAN P02786 ? 1 
;QNSVIIVDKNGRLVYLVENPGGYVAYSKAATVTGKLVHANFGTKKDFEDLYTPVNGSIVIVRAGKITFAEKVANAESLNA
IGVLIYMDQTKFPIVNAELSFFG
;
197 
2 UNP TFR1_HUMAN P02786 ? 1 IPVQTISRAAAEKLFGNMEGDCPSDWKTDSTCRMVTSESKNVKLTV 332 
# 
loop_
_struct_ref_seq.align_id 
_struct_ref_seq.ref_id 
_struct_ref_seq.pdbx_PDB_id_code 
_struct_ref_seq.pdbx_strand_id 
_struct_ref_seq.seq_align_beg 
_struct_ref_seq.pdbx_seq_align_beg_ins_code 
_struct_ref_seq.seq_align_end 
_struct_ref_seq.pdbx_seq_align_end_ins_code 
_struct_ref_seq.pdbx_db_accession 
_struct_ref_seq.db_align_beg 
_struct_ref_seq.pdbx_db_align_beg_ins_code 
_struct_ref_seq.db_align_end 
_struct_ref_seq.pdbx_db_align_end_ins_code 
_struct_ref_seq.pdbx_auth_seq_align_beg 
_struct_ref_seq.pdbx_auth_seq_align_end 
1 1 8P0Z A 2   ? 104 ? P02786 197 ? 299 ? 2   104 
2 2 8P0Z A 110 ? 155 ? P02786 332 ? 377 ? 110 155 
# 
loop_
_struct_ref_seq_dif.align_id 
_struct_ref_seq_dif.pdbx_pdb_id_code 
_struct_ref_seq_dif.mon_id 
_struct_ref_seq_dif.pdbx_pdb_strand_id 
_struct_ref_seq_dif.seq_num 
_struct_ref_seq_dif.pdbx_pdb_ins_code 
_struct_ref_seq_dif.pdbx_seq_db_name 
_struct_ref_seq_dif.pdbx_seq_db_accession_code 
_struct_ref_seq_dif.db_mon_id 
_struct_ref_seq_dif.pdbx_seq_db_seq_num 
_struct_ref_seq_dif.details 
_struct_ref_seq_dif.pdbx_auth_seq_num 
_struct_ref_seq_dif.pdbx_ordinal 
1 8P0Z MET A 1   ? UNP P02786 ?   ?   'initiating methionine' 1   1  
1 8P0Z GLU A 15  ? UNP P02786 VAL 210 conflict                15  2  
1 8P0Z SER A 24  ? UNP P02786 TYR 219 conflict                24  3  
1 8P0Z ASN A 27  ? UNP P02786 TYR 222 conflict                27  4  
1 8P0Z THR A 103 ? UNP P02786 PHE 298 conflict                103 5  
1 8P0Z LYS A 105 ? UNP P02786 ?   ?   linker                  105 6  
1 8P0Z GLY A 106 ? UNP P02786 ?   ?   linker                  106 7  
1 8P0Z LYS A 107 ? UNP P02786 ?   ?   linker                  107 8  
1 8P0Z SER A 108 ? UNP P02786 ?   ?   linker                  108 9  
1 8P0Z GLY A 109 ? UNP P02786 ?   ?   linker                  109 10 
2 8P0Z GLU A 118 ? UNP P02786 ALA 340 conflict                118 11 
2 8P0Z GLY A 156 ? UNP P02786 ?   ?   'expression tag'        156 12 
2 8P0Z GLY A 157 ? UNP P02786 ?   ?   'expression tag'        157 13 
2 8P0Z ARG A 158 ? UNP P02786 ?   ?   'expression tag'        158 14 
2 8P0Z GLY A 159 ? UNP P02786 ?   ?   'expression tag'        159 15 
2 8P0Z SER A 160 ? UNP P02786 ?   ?   'expression tag'        160 16 
2 8P0Z LEU A 161 ? UNP P02786 ?   ?   'expression tag'        161 17 
2 8P0Z GLU A 162 ? UNP P02786 ?   ?   'expression tag'        162 18 
2 8P0Z HIS A 163 ? UNP P02786 ?   ?   'expression tag'        163 19 
2 8P0Z HIS A 164 ? UNP P02786 ?   ?   'expression tag'        164 20 
2 8P0Z HIS A 165 ? UNP P02786 ?   ?   'expression tag'        165 21 
2 8P0Z HIS A 166 ? UNP P02786 ?   ?   'expression tag'        166 22 
2 8P0Z HIS A 167 ? UNP P02786 ?   ?   'expression tag'        167 23 
2 8P0Z HIS A 168 ? UNP P02786 ?   ?   'expression tag'        168 24 
# 
_pdbx_struct_assembly.id                   1 
_pdbx_struct_assembly.details              author_defined_assembly 
_pdbx_struct_assembly.method_details       ? 
_pdbx_struct_assembly.oligomeric_details   monomeric 
_pdbx_struct_assembly.oligomeric_count     1 
# 
loop_
_pdbx_struct_assembly_prop.biol_id 
_pdbx_struct_assembly_prop.type 
_pdbx_struct_assembly_prop.value 
_pdbx_struct_assembly_prop.details 
1 'ABSA (A^2)' 440  ? 
1 MORE         -21  ? 
1 'SSA (A^2)'  7980 ? 
# 
_pdbx_struct_assembly_gen.assembly_id       1 
_pdbx_struct_assembly_gen.oper_expression   1 
_pdbx_struct_assembly_gen.asym_id_list      A,B,C,D,E 
# 
_pdbx_struct_assembly_auth_evidence.id                     1 
_pdbx_struct_assembly_auth_evidence.assembly_id            1 
_pdbx_struct_assembly_auth_evidence.experimental_support   'gel filtration' 
_pdbx_struct_assembly_auth_evidence.details                ? 
# 
_pdbx_struct_oper_list.id                   1 
_pdbx_struct_oper_list.type                 'identity operation' 
_pdbx_struct_oper_list.name                 1_555 
_pdbx_struct_oper_list.symmetry_operation   x,y,z 
_pdbx_struct_oper_list.matrix[1][1]         1.0000000000 
_pdbx_struct_oper_list.matrix[1][2]         0.0000000000 
_pdbx_struct_oper_list.matrix[1][3]         0.0000000000 
_pdbx_struct_oper_list.vector[1]            0.0000000000 
_pdbx_struct_oper_list.matrix[2][1]         0.0000000000 
_pdbx_struct_oper_list.matrix[2][2]         1.0000000000 
_pdbx_struct_oper_list.matrix[2][3]         0.0000000000 
_pdbx_struct_oper_list.vector[2]            0.0000000000 
_pdbx_struct_oper_list.matrix[3][1]         0.0000000000 
_pdbx_struct_oper_list.matrix[3][2]         0.0000000000 
_pdbx_struct_oper_list.matrix[3][3]         1.0000000000 
_pdbx_struct_oper_list.vector[3]            0.0000000000 
# 
loop_
_struct_conf.conf_type_id 
_struct_conf.id 
_struct_conf.pdbx_PDB_helix_id 
_struct_conf.beg_label_comp_id 
_struct_conf.beg_label_asym_id 
_struct_conf.beg_label_seq_id 
_struct_conf.pdbx_beg_PDB_ins_code 
_struct_conf.end_label_comp_id 
_struct_conf.end_label_asym_id 
_struct_conf.end_label_seq_id 
_struct_conf.pdbx_end_PDB_ins_code 
_struct_conf.beg_auth_comp_id 
_struct_conf.beg_auth_asym_id 
_struct_conf.beg_auth_seq_id 
_struct_conf.end_auth_comp_id 
_struct_conf.end_auth_asym_id 
_struct_conf.end_auth_seq_id 
_struct_conf.pdbx_PDB_helix_class 
_struct_conf.details 
_struct_conf.pdbx_PDB_helix_length 
HELX_P HELX_P1 AA1 THR A 44  ? LEU A 51  ? THR A 44  LEU A 51  1 ? 8  
HELX_P HELX_P2 AA2 THR A 68  ? LEU A 79  ? THR A 68  LEU A 79  1 ? 12 
HELX_P HELX_P3 AA3 SER A 116 ? ASN A 126 ? SER A 116 ASN A 126 1 ? 11 
HELX_P HELX_P4 AA4 PRO A 132 ? LYS A 136 ? PRO A 132 LYS A 136 5 ? 5  
# 
_struct_conf_type.id          HELX_P 
_struct_conf_type.criteria    ? 
_struct_conf_type.reference   ? 
# 
loop_
_struct_conn.id 
_struct_conn.conn_type_id 
_struct_conn.pdbx_leaving_atom_flag 
_struct_conn.pdbx_PDB_id 
_struct_conn.ptnr1_label_asym_id 
_struct_conn.ptnr1_label_comp_id 
_struct_conn.ptnr1_label_seq_id 
_struct_conn.ptnr1_label_atom_id 
_struct_conn.pdbx_ptnr1_label_alt_id 
_struct_conn.pdbx_ptnr1_PDB_ins_code 
_struct_conn.pdbx_ptnr1_standard_comp_id 
_struct_conn.ptnr1_symmetry 
_struct_conn.ptnr2_label_asym_id 
_struct_conn.ptnr2_label_comp_id 
_struct_conn.ptnr2_label_seq_id 
_struct_conn.ptnr2_label_atom_id 
_struct_conn.pdbx_ptnr2_label_alt_id 
_struct_conn.pdbx_ptnr2_PDB_ins_code 
_struct_conn.ptnr1_auth_asym_id 
_struct_conn.ptnr1_auth_comp_id 
_struct_conn.ptnr1_auth_seq_id 
_struct_conn.ptnr2_auth_asym_id 
_struct_conn.ptnr2_auth_comp_id 
_struct_conn.ptnr2_auth_seq_id 
_struct_conn.ptnr2_symmetry 
_struct_conn.pdbx_ptnr3_label_atom_id 
_struct_conn.pdbx_ptnr3_label_seq_id 
_struct_conn.pdbx_ptnr3_label_comp_id 
_struct_conn.pdbx_ptnr3_label_asym_id 
_struct_conn.pdbx_ptnr3_label_alt_id 
_struct_conn.pdbx_ptnr3_PDB_ins_code 
_struct_conn.details 
_struct_conn.pdbx_dist_value 
_struct_conn.pdbx_value_order 
_struct_conn.pdbx_role 
disulf1 disulf ? ? A CYS 131 SG  ? ? ? 1_555 A CYS 141 SG ? ? A CYS 131 A CYS 141 1_555 ? ? ? ? ? ? ? 2.042 ? ? 
metalc1 metalc ? ? A GLU 71  OE1 ? ? ? 1_555 B NA  .   NA ? ? A GLU 71  A NA  201 1_555 ? ? ? ? ? ? ? 2.367 ? ? 
metalc2 metalc ? ? A THR 145 OG1 ? ? ? 1_555 C NA  .   NA ? ? A THR 145 A NA  202 1_555 ? ? ? ? ? ? ? 2.535 ? ? 
metalc3 metalc ? ? A SER 146 O   ? ? ? 1_555 C NA  .   NA ? ? A SER 146 A NA  202 1_555 ? ? ? ? ? ? ? 3.103 ? ? 
metalc4 metalc ? ? A LYS 149 O   ? ? ? 1_555 C NA  .   NA ? ? A LYS 149 A NA  202 1_555 ? ? ? ? ? ? ? 3.111 ? ? 
# 
loop_
_struct_conn_type.id 
_struct_conn_type.criteria 
_struct_conn_type.reference 
disulf ? ? 
metalc ? ? 
# 
loop_
_pdbx_struct_conn_angle.id 
_pdbx_struct_conn_angle.ptnr1_label_atom_id 
_pdbx_struct_conn_angle.ptnr1_label_alt_id 
_pdbx_struct_conn_angle.ptnr1_label_asym_id 
_pdbx_struct_conn_angle.ptnr1_label_comp_id 
_pdbx_struct_conn_angle.ptnr1_label_seq_id 
_pdbx_struct_conn_angle.ptnr1_auth_atom_id 
_pdbx_struct_conn_angle.ptnr1_auth_asym_id 
_pdbx_struct_conn_angle.ptnr1_auth_comp_id 
_pdbx_struct_conn_angle.ptnr1_auth_seq_id 
_pdbx_struct_conn_angle.ptnr1_PDB_ins_code 
_pdbx_struct_conn_angle.ptnr1_symmetry 
_pdbx_struct_conn_angle.ptnr2_label_atom_id 
_pdbx_struct_conn_angle.ptnr2_label_alt_id 
_pdbx_struct_conn_angle.ptnr2_label_asym_id 
_pdbx_struct_conn_angle.ptnr2_label_comp_id 
_pdbx_struct_conn_angle.ptnr2_label_seq_id 
_pdbx_struct_conn_angle.ptnr2_auth_atom_id 
_pdbx_struct_conn_angle.ptnr2_auth_asym_id 
_pdbx_struct_conn_angle.ptnr2_auth_comp_id 
_pdbx_struct_conn_angle.ptnr2_auth_seq_id 
_pdbx_struct_conn_angle.ptnr2_PDB_ins_code 
_pdbx_struct_conn_angle.ptnr2_symmetry 
_pdbx_struct_conn_angle.ptnr3_label_atom_id 
_pdbx_struct_conn_angle.ptnr3_label_alt_id 
_pdbx_struct_conn_angle.ptnr3_label_asym_id 
_pdbx_struct_conn_angle.ptnr3_label_comp_id 
_pdbx_struct_conn_angle.ptnr3_label_seq_id 
_pdbx_struct_conn_angle.ptnr3_auth_atom_id 
_pdbx_struct_conn_angle.ptnr3_auth_asym_id 
_pdbx_struct_conn_angle.ptnr3_auth_comp_id 
_pdbx_struct_conn_angle.ptnr3_auth_seq_id 
_pdbx_struct_conn_angle.ptnr3_PDB_ins_code 
_pdbx_struct_conn_angle.ptnr3_symmetry 
_pdbx_struct_conn_angle.value 
_pdbx_struct_conn_angle.value_esd 
1 OG1 ? A THR 145 ? A THR 145 ? 1_555 NA ? C NA . ? A NA 202 ? 1_555 O ? A SER 146 ? A SER 146 ? 1_555 85.3 ? 
2 OG1 ? A THR 145 ? A THR 145 ? 1_555 NA ? C NA . ? A NA 202 ? 1_555 O ? A LYS 149 ? A LYS 149 ? 1_555 74.2 ? 
3 O   ? A SER 146 ? A SER 146 ? 1_555 NA ? C NA . ? A NA 202 ? 1_555 O ? A LYS 149 ? A LYS 149 ? 1_555 60.7 ? 
# 
_pdbx_modification_feature.ordinal                            1 
_pdbx_modification_feature.label_comp_id                      CYS 
_pdbx_modification_feature.label_asym_id                      A 
_pdbx_modification_feature.label_seq_id                       131 
_pdbx_modification_feature.label_alt_id                       ? 
_pdbx_modification_feature.modified_residue_label_comp_id     CYS 
_pdbx_modification_feature.modified_residue_label_asym_id     A 
_pdbx_modification_feature.modified_residue_label_seq_id      141 
_pdbx_modification_feature.modified_residue_label_alt_id      ? 
_pdbx_modification_feature.auth_comp_id                       CYS 
_pdbx_modification_feature.auth_asym_id                       A 
_pdbx_modification_feature.auth_seq_id                        131 
_pdbx_modification_feature.PDB_ins_code                       ? 
_pdbx_modification_feature.symmetry                           1_555 
_pdbx_modification_feature.modified_residue_auth_comp_id      CYS 
_pdbx_modification_feature.modified_residue_auth_asym_id      A 
_pdbx_modification_feature.modified_residue_auth_seq_id       141 
_pdbx_modification_feature.modified_residue_PDB_ins_code      ? 
_pdbx_modification_feature.modified_residue_symmetry          1_555 
_pdbx_modification_feature.comp_id_linking_atom               SG 
_pdbx_modification_feature.modified_residue_id_linking_atom   SG 
_pdbx_modification_feature.modified_residue_id                . 
_pdbx_modification_feature.ref_pcm_id                         . 
_pdbx_modification_feature.ref_comp_id                        . 
_pdbx_modification_feature.type                               None 
_pdbx_modification_feature.category                           'Disulfide bridge' 
# 
loop_
_struct_sheet.id 
_struct_sheet.type 
_struct_sheet.number_strands 
_struct_sheet.details 
AA1 ? 4 ? 
AA2 ? 4 ? 
AA3 ? 2 ? 
# 
loop_
_struct_sheet_order.sheet_id 
_struct_sheet_order.range_id_1 
_struct_sheet_order.range_id_2 
_struct_sheet_order.offset 
_struct_sheet_order.sense 
AA1 1 2 ? anti-parallel 
AA1 2 3 ? anti-parallel 
AA1 3 4 ? anti-parallel 
AA2 1 2 ? parallel      
AA2 2 3 ? parallel      
AA2 3 4 ? parallel      
AA3 1 2 ? anti-parallel 
# 
loop_
_struct_sheet_range.sheet_id 
_struct_sheet_range.id 
_struct_sheet_range.beg_label_comp_id 
_struct_sheet_range.beg_label_asym_id 
_struct_sheet_range.beg_label_seq_id 
_struct_sheet_range.pdbx_beg_PDB_ins_code 
_struct_sheet_range.end_label_comp_id 
_struct_sheet_range.end_label_asym_id 
_struct_sheet_range.end_label_seq_id 
_struct_sheet_range.pdbx_end_PDB_ins_code 
_struct_sheet_range.beg_auth_comp_id 
_struct_sheet_range.beg_auth_asym_id 
_struct_sheet_range.beg_auth_seq_id 
_struct_sheet_range.end_auth_comp_id 
_struct_sheet_range.end_auth_asym_id 
_struct_sheet_range.end_auth_seq_id 
AA1 1 GLU A 15  ? GLU A 19  ? GLU A 15  GLU A 19  
AA1 2 SER A 4   ? ASP A 9   ? SER A 4   ASP A 9   
AA1 3 LYS A 149 ? VAL A 155 ? LYS A 149 VAL A 155 
AA1 4 ALA A 31  ? GLY A 35  ? ALA A 31  GLY A 35  
AA2 1 LEU A 37  ? HIS A 39  ? LEU A 37  HIS A 39  
AA2 2 ILE A 59  ? ARG A 63  ? ILE A 59  ARG A 63  
AA2 3 GLY A 83  ? TYR A 87  ? GLY A 83  TYR A 87  
AA2 4 VAL A 112 ? THR A 114 ? VAL A 112 THR A 114 
AA3 1 MET A 127 ? ASP A 130 ? MET A 127 ASP A 130 
AA3 2 ARG A 142 ? THR A 145 ? ARG A 142 THR A 145 
# 
loop_
_pdbx_struct_sheet_hbond.sheet_id 
_pdbx_struct_sheet_hbond.range_id_1 
_pdbx_struct_sheet_hbond.range_id_2 
_pdbx_struct_sheet_hbond.range_1_label_atom_id 
_pdbx_struct_sheet_hbond.range_1_label_comp_id 
_pdbx_struct_sheet_hbond.range_1_label_asym_id 
_pdbx_struct_sheet_hbond.range_1_label_seq_id 
_pdbx_struct_sheet_hbond.range_1_PDB_ins_code 
_pdbx_struct_sheet_hbond.range_1_auth_atom_id 
_pdbx_struct_sheet_hbond.range_1_auth_comp_id 
_pdbx_struct_sheet_hbond.range_1_auth_asym_id 
_pdbx_struct_sheet_hbond.range_1_auth_seq_id 
_pdbx_struct_sheet_hbond.range_2_label_atom_id 
_pdbx_struct_sheet_hbond.range_2_label_comp_id 
_pdbx_struct_sheet_hbond.range_2_label_asym_id 
_pdbx_struct_sheet_hbond.range_2_label_seq_id 
_pdbx_struct_sheet_hbond.range_2_PDB_ins_code 
_pdbx_struct_sheet_hbond.range_2_auth_atom_id 
_pdbx_struct_sheet_hbond.range_2_auth_comp_id 
_pdbx_struct_sheet_hbond.range_2_auth_asym_id 
_pdbx_struct_sheet_hbond.range_2_auth_seq_id 
AA1 1 2 O GLU A 19  ? O GLU A 19  N VAL A 5   ? N VAL A 5   
AA1 2 3 N ILE A 6   ? N ILE A 6   O LYS A 152 ? O LYS A 152 
AA1 3 4 O VAL A 151 ? O VAL A 151 N GLY A 35  ? N GLY A 35  
AA2 1 2 N VAL A 38  ? N VAL A 38  O ILE A 59  ? O ILE A 59  
AA2 2 3 N VAL A 60  ? N VAL A 60  O LEU A 85  ? O LEU A 85  
AA2 3 4 N VAL A 84  ? N VAL A 84  O GLN A 113 ? O GLN A 113 
AA3 1 2 N GLU A 128 ? N GLU A 128 O VAL A 144 ? O VAL A 144 
# 
_pdbx_entry_details.entry_id                   8P0Z 
_pdbx_entry_details.nonpolymer_details         ? 
_pdbx_entry_details.sequence_details           ? 
_pdbx_entry_details.compound_details           ? 
_pdbx_entry_details.source_details             ? 
_pdbx_entry_details.has_ligand_of_interest     N 
_pdbx_entry_details.has_protein_modification   Y 
# 
loop_
_pdbx_validate_torsion.id 
_pdbx_validate_torsion.PDB_model_num 
_pdbx_validate_torsion.auth_comp_id 
_pdbx_validate_torsion.auth_asym_id 
_pdbx_validate_torsion.auth_seq_id 
_pdbx_validate_torsion.PDB_ins_code 
_pdbx_validate_torsion.label_alt_id 
_pdbx_validate_torsion.phi 
_pdbx_validate_torsion.psi 
1 1 GLN A 2  ? B 20.39 85.28   
2 1 ASN A 41 ? ? 54.94 -114.20 
3 1 LYS A 66 ? ? 72.95 -46.61  
# 
loop_
_space_group_symop.id 
_space_group_symop.operation_xyz 
1 x,y,z       
2 -x,y+1/2,-z 
# 
loop_
_pdbx_unobs_or_zero_occ_residues.id 
_pdbx_unobs_or_zero_occ_residues.PDB_model_num 
_pdbx_unobs_or_zero_occ_residues.polymer_flag 
_pdbx_unobs_or_zero_occ_residues.occupancy_flag 
_pdbx_unobs_or_zero_occ_residues.auth_asym_id 
_pdbx_unobs_or_zero_occ_residues.auth_comp_id 
_pdbx_unobs_or_zero_occ_residues.auth_seq_id 
_pdbx_unobs_or_zero_occ_residues.PDB_ins_code 
_pdbx_unobs_or_zero_occ_residues.label_asym_id 
_pdbx_unobs_or_zero_occ_residues.label_comp_id 
_pdbx_unobs_or_zero_occ_residues.label_seq_id 
1  1 Y 1 A ARG 158 ? A ARG 158 
2  1 Y 1 A GLY 159 ? A GLY 159 
3  1 Y 1 A SER 160 ? A SER 160 
4  1 Y 1 A LEU 161 ? A LEU 161 
5  1 Y 1 A GLU 162 ? A GLU 162 
6  1 Y 1 A HIS 163 ? A HIS 163 
7  1 Y 1 A HIS 164 ? A HIS 164 
8  1 Y 1 A HIS 165 ? A HIS 165 
9  1 Y 1 A HIS 166 ? A HIS 166 
10 1 Y 1 A HIS 167 ? A HIS 167 
11 1 Y 1 A HIS 168 ? A HIS 168 
# 
loop_
_chem_comp_atom.comp_id 
_chem_comp_atom.atom_id 
_chem_comp_atom.type_symbol 
_chem_comp_atom.pdbx_aromatic_flag 
_chem_comp_atom.pdbx_stereo_config 
_chem_comp_atom.pdbx_ordinal 
ALA N    N  N N 1   
ALA CA   C  N S 2   
ALA C    C  N N 3   
ALA O    O  N N 4   
ALA CB   C  N N 5   
ALA OXT  O  N N 6   
ALA H    H  N N 7   
ALA H2   H  N N 8   
ALA HA   H  N N 9   
ALA HB1  H  N N 10  
ALA HB2  H  N N 11  
ALA HB3  H  N N 12  
ALA HXT  H  N N 13  
ARG N    N  N N 14  
ARG CA   C  N S 15  
ARG C    C  N N 16  
ARG O    O  N N 17  
ARG CB   C  N N 18  
ARG CG   C  N N 19  
ARG CD   C  N N 20  
ARG NE   N  N N 21  
ARG CZ   C  N N 22  
ARG NH1  N  N N 23  
ARG NH2  N  N N 24  
ARG OXT  O  N N 25  
ARG H    H  N N 26  
ARG H2   H  N N 27  
ARG HA   H  N N 28  
ARG HB2  H  N N 29  
ARG HB3  H  N N 30  
ARG HG2  H  N N 31  
ARG HG3  H  N N 32  
ARG HD2  H  N N 33  
ARG HD3  H  N N 34  
ARG HE   H  N N 35  
ARG HH11 H  N N 36  
ARG HH12 H  N N 37  
ARG HH21 H  N N 38  
ARG HH22 H  N N 39  
ARG HXT  H  N N 40  
ASN N    N  N N 41  
ASN CA   C  N S 42  
ASN C    C  N N 43  
ASN O    O  N N 44  
ASN CB   C  N N 45  
ASN CG   C  N N 46  
ASN OD1  O  N N 47  
ASN ND2  N  N N 48  
ASN OXT  O  N N 49  
ASN H    H  N N 50  
ASN H2   H  N N 51  
ASN HA   H  N N 52  
ASN HB2  H  N N 53  
ASN HB3  H  N N 54  
ASN HD21 H  N N 55  
ASN HD22 H  N N 56  
ASN HXT  H  N N 57  
ASP N    N  N N 58  
ASP CA   C  N S 59  
ASP C    C  N N 60  
ASP O    O  N N 61  
ASP CB   C  N N 62  
ASP CG   C  N N 63  
ASP OD1  O  N N 64  
ASP OD2  O  N N 65  
ASP OXT  O  N N 66  
ASP H    H  N N 67  
ASP H2   H  N N 68  
ASP HA   H  N N 69  
ASP HB2  H  N N 70  
ASP HB3  H  N N 71  
ASP HD2  H  N N 72  
ASP HXT  H  N N 73  
BO3 B    B  N N 74  
BO3 O1   O  N N 75  
BO3 O2   O  N N 76  
BO3 O3   O  N N 77  
BO3 HO1  H  N N 78  
BO3 HO2  H  N N 79  
BO3 HO3  H  N N 80  
CYS N    N  N N 81  
CYS CA   C  N R 82  
CYS C    C  N N 83  
CYS O    O  N N 84  
CYS CB   C  N N 85  
CYS SG   S  N N 86  
CYS OXT  O  N N 87  
CYS H    H  N N 88  
CYS H2   H  N N 89  
CYS HA   H  N N 90  
CYS HB2  H  N N 91  
CYS HB3  H  N N 92  
CYS HG   H  N N 93  
CYS HXT  H  N N 94  
GLN N    N  N N 95  
GLN CA   C  N S 96  
GLN C    C  N N 97  
GLN O    O  N N 98  
GLN CB   C  N N 99  
GLN CG   C  N N 100 
GLN CD   C  N N 101 
GLN OE1  O  N N 102 
GLN NE2  N  N N 103 
GLN OXT  O  N N 104 
GLN H    H  N N 105 
GLN H2   H  N N 106 
GLN HA   H  N N 107 
GLN HB2  H  N N 108 
GLN HB3  H  N N 109 
GLN HG2  H  N N 110 
GLN HG3  H  N N 111 
GLN HE21 H  N N 112 
GLN HE22 H  N N 113 
GLN HXT  H  N N 114 
GLU N    N  N N 115 
GLU CA   C  N S 116 
GLU C    C  N N 117 
GLU O    O  N N 118 
GLU CB   C  N N 119 
GLU CG   C  N N 120 
GLU CD   C  N N 121 
GLU OE1  O  N N 122 
GLU OE2  O  N N 123 
GLU OXT  O  N N 124 
GLU H    H  N N 125 
GLU H2   H  N N 126 
GLU HA   H  N N 127 
GLU HB2  H  N N 128 
GLU HB3  H  N N 129 
GLU HG2  H  N N 130 
GLU HG3  H  N N 131 
GLU HE2  H  N N 132 
GLU HXT  H  N N 133 
GLY N    N  N N 134 
GLY CA   C  N N 135 
GLY C    C  N N 136 
GLY O    O  N N 137 
GLY OXT  O  N N 138 
GLY H    H  N N 139 
GLY H2   H  N N 140 
GLY HA2  H  N N 141 
GLY HA3  H  N N 142 
GLY HXT  H  N N 143 
HIS N    N  N N 144 
HIS CA   C  N S 145 
HIS C    C  N N 146 
HIS O    O  N N 147 
HIS CB   C  N N 148 
HIS CG   C  Y N 149 
HIS ND1  N  Y N 150 
HIS CD2  C  Y N 151 
HIS CE1  C  Y N 152 
HIS NE2  N  Y N 153 
HIS OXT  O  N N 154 
HIS H    H  N N 155 
HIS H2   H  N N 156 
HIS HA   H  N N 157 
HIS HB2  H  N N 158 
HIS HB3  H  N N 159 
HIS HD1  H  N N 160 
HIS HD2  H  N N 161 
HIS HE1  H  N N 162 
HIS HE2  H  N N 163 
HIS HXT  H  N N 164 
HOH O    O  N N 165 
HOH H1   H  N N 166 
HOH H2   H  N N 167 
ILE N    N  N N 168 
ILE CA   C  N S 169 
ILE C    C  N N 170 
ILE O    O  N N 171 
ILE CB   C  N S 172 
ILE CG1  C  N N 173 
ILE CG2  C  N N 174 
ILE CD1  C  N N 175 
ILE OXT  O  N N 176 
ILE H    H  N N 177 
ILE H2   H  N N 178 
ILE HA   H  N N 179 
ILE HB   H  N N 180 
ILE HG12 H  N N 181 
ILE HG13 H  N N 182 
ILE HG21 H  N N 183 
ILE HG22 H  N N 184 
ILE HG23 H  N N 185 
ILE HD11 H  N N 186 
ILE HD12 H  N N 187 
ILE HD13 H  N N 188 
ILE HXT  H  N N 189 
LEU N    N  N N 190 
LEU CA   C  N S 191 
LEU C    C  N N 192 
LEU O    O  N N 193 
LEU CB   C  N N 194 
LEU CG   C  N N 195 
LEU CD1  C  N N 196 
LEU CD2  C  N N 197 
LEU OXT  O  N N 198 
LEU H    H  N N 199 
LEU H2   H  N N 200 
LEU HA   H  N N 201 
LEU HB2  H  N N 202 
LEU HB3  H  N N 203 
LEU HG   H  N N 204 
LEU HD11 H  N N 205 
LEU HD12 H  N N 206 
LEU HD13 H  N N 207 
LEU HD21 H  N N 208 
LEU HD22 H  N N 209 
LEU HD23 H  N N 210 
LEU HXT  H  N N 211 
LYS N    N  N N 212 
LYS CA   C  N S 213 
LYS C    C  N N 214 
LYS O    O  N N 215 
LYS CB   C  N N 216 
LYS CG   C  N N 217 
LYS CD   C  N N 218 
LYS CE   C  N N 219 
LYS NZ   N  N N 220 
LYS OXT  O  N N 221 
LYS H    H  N N 222 
LYS H2   H  N N 223 
LYS HA   H  N N 224 
LYS HB2  H  N N 225 
LYS HB3  H  N N 226 
LYS HG2  H  N N 227 
LYS HG3  H  N N 228 
LYS HD2  H  N N 229 
LYS HD3  H  N N 230 
LYS HE2  H  N N 231 
LYS HE3  H  N N 232 
LYS HZ1  H  N N 233 
LYS HZ2  H  N N 234 
LYS HZ3  H  N N 235 
LYS HXT  H  N N 236 
MET N    N  N N 237 
MET CA   C  N S 238 
MET C    C  N N 239 
MET O    O  N N 240 
MET CB   C  N N 241 
MET CG   C  N N 242 
MET SD   S  N N 243 
MET CE   C  N N 244 
MET OXT  O  N N 245 
MET H    H  N N 246 
MET H2   H  N N 247 
MET HA   H  N N 248 
MET HB2  H  N N 249 
MET HB3  H  N N 250 
MET HG2  H  N N 251 
MET HG3  H  N N 252 
MET HE1  H  N N 253 
MET HE2  H  N N 254 
MET HE3  H  N N 255 
MET HXT  H  N N 256 
NA  NA   NA N N 257 
PHE N    N  N N 258 
PHE CA   C  N S 259 
PHE C    C  N N 260 
PHE O    O  N N 261 
PHE CB   C  N N 262 
PHE CG   C  Y N 263 
PHE CD1  C  Y N 264 
PHE CD2  C  Y N 265 
PHE CE1  C  Y N 266 
PHE CE2  C  Y N 267 
PHE CZ   C  Y N 268 
PHE OXT  O  N N 269 
PHE H    H  N N 270 
PHE H2   H  N N 271 
PHE HA   H  N N 272 
PHE HB2  H  N N 273 
PHE HB3  H  N N 274 
PHE HD1  H  N N 275 
PHE HD2  H  N N 276 
PHE HE1  H  N N 277 
PHE HE2  H  N N 278 
PHE HZ   H  N N 279 
PHE HXT  H  N N 280 
PRO N    N  N N 281 
PRO CA   C  N S 282 
PRO C    C  N N 283 
PRO O    O  N N 284 
PRO CB   C  N N 285 
PRO CG   C  N N 286 
PRO CD   C  N N 287 
PRO OXT  O  N N 288 
PRO H    H  N N 289 
PRO HA   H  N N 290 
PRO HB2  H  N N 291 
PRO HB3  H  N N 292 
PRO HG2  H  N N 293 
PRO HG3  H  N N 294 
PRO HD2  H  N N 295 
PRO HD3  H  N N 296 
PRO HXT  H  N N 297 
SER N    N  N N 298 
SER CA   C  N S 299 
SER C    C  N N 300 
SER O    O  N N 301 
SER CB   C  N N 302 
SER OG   O  N N 303 
SER OXT  O  N N 304 
SER H    H  N N 305 
SER H2   H  N N 306 
SER HA   H  N N 307 
SER HB2  H  N N 308 
SER HB3  H  N N 309 
SER HG   H  N N 310 
SER HXT  H  N N 311 
THR N    N  N N 312 
THR CA   C  N S 313 
THR C    C  N N 314 
THR O    O  N N 315 
THR CB   C  N R 316 
THR OG1  O  N N 317 
THR CG2  C  N N 318 
THR OXT  O  N N 319 
THR H    H  N N 320 
THR H2   H  N N 321 
THR HA   H  N N 322 
THR HB   H  N N 323 
THR HG1  H  N N 324 
THR HG21 H  N N 325 
THR HG22 H  N N 326 
THR HG23 H  N N 327 
THR HXT  H  N N 328 
TRP N    N  N N 329 
TRP CA   C  N S 330 
TRP C    C  N N 331 
TRP O    O  N N 332 
TRP CB   C  N N 333 
TRP CG   C  Y N 334 
TRP CD1  C  Y N 335 
TRP CD2  C  Y N 336 
TRP NE1  N  Y N 337 
TRP CE2  C  Y N 338 
TRP CE3  C  Y N 339 
TRP CZ2  C  Y N 340 
TRP CZ3  C  Y N 341 
TRP CH2  C  Y N 342 
TRP OXT  O  N N 343 
TRP H    H  N N 344 
TRP H2   H  N N 345 
TRP HA   H  N N 346 
TRP HB2  H  N N 347 
TRP HB3  H  N N 348 
TRP HD1  H  N N 349 
TRP HE1  H  N N 350 
TRP HE3  H  N N 351 
TRP HZ2  H  N N 352 
TRP HZ3  H  N N 353 
TRP HH2  H  N N 354 
TRP HXT  H  N N 355 
TYR N    N  N N 356 
TYR CA   C  N S 357 
TYR C    C  N N 358 
TYR O    O  N N 359 
TYR CB   C  N N 360 
TYR CG   C  Y N 361 
TYR CD1  C  Y N 362 
TYR CD2  C  Y N 363 
TYR CE1  C  Y N 364 
TYR CE2  C  Y N 365 
TYR CZ   C  Y N 366 
TYR OH   O  N N 367 
TYR OXT  O  N N 368 
TYR H    H  N N 369 
TYR H2   H  N N 370 
TYR HA   H  N N 371 
TYR HB2  H  N N 372 
TYR HB3  H  N N 373 
TYR HD1  H  N N 374 
TYR HD2  H  N N 375 
TYR HE1  H  N N 376 
TYR HE2  H  N N 377 
TYR HH   H  N N 378 
TYR HXT  H  N N 379 
VAL N    N  N N 380 
VAL CA   C  N S 381 
VAL C    C  N N 382 
VAL O    O  N N 383 
VAL CB   C  N N 384 
VAL CG1  C  N N 385 
VAL CG2  C  N N 386 
VAL OXT  O  N N 387 
VAL H    H  N N 388 
VAL H2   H  N N 389 
VAL HA   H  N N 390 
VAL HB   H  N N 391 
VAL HG11 H  N N 392 
VAL HG12 H  N N 393 
VAL HG13 H  N N 394 
VAL HG21 H  N N 395 
VAL HG22 H  N N 396 
VAL HG23 H  N N 397 
VAL HXT  H  N N 398 
# 
loop_
_chem_comp_bond.comp_id 
_chem_comp_bond.atom_id_1 
_chem_comp_bond.atom_id_2 
_chem_comp_bond.value_order 
_chem_comp_bond.pdbx_aromatic_flag 
_chem_comp_bond.pdbx_stereo_config 
_chem_comp_bond.pdbx_ordinal 
ALA N   CA   sing N N 1   
ALA N   H    sing N N 2   
ALA N   H2   sing N N 3   
ALA CA  C    sing N N 4   
ALA CA  CB   sing N N 5   
ALA CA  HA   sing N N 6   
ALA C   O    doub N N 7   
ALA C   OXT  sing N N 8   
ALA CB  HB1  sing N N 9   
ALA CB  HB2  sing N N 10  
ALA CB  HB3  sing N N 11  
ALA OXT HXT  sing N N 12  
ARG N   CA   sing N N 13  
ARG N   H    sing N N 14  
ARG N   H2   sing N N 15  
ARG CA  C    sing N N 16  
ARG CA  CB   sing N N 17  
ARG CA  HA   sing N N 18  
ARG C   O    doub N N 19  
ARG C   OXT  sing N N 20  
ARG CB  CG   sing N N 21  
ARG CB  HB2  sing N N 22  
ARG CB  HB3  sing N N 23  
ARG CG  CD   sing N N 24  
ARG CG  HG2  sing N N 25  
ARG CG  HG3  sing N N 26  
ARG CD  NE   sing N N 27  
ARG CD  HD2  sing N N 28  
ARG CD  HD3  sing N N 29  
ARG NE  CZ   sing N N 30  
ARG NE  HE   sing N N 31  
ARG CZ  NH1  sing N N 32  
ARG CZ  NH2  doub N N 33  
ARG NH1 HH11 sing N N 34  
ARG NH1 HH12 sing N N 35  
ARG NH2 HH21 sing N N 36  
ARG NH2 HH22 sing N N 37  
ARG OXT HXT  sing N N 38  
ASN N   CA   sing N N 39  
ASN N   H    sing N N 40  
ASN N   H2   sing N N 41  
ASN CA  C    sing N N 42  
ASN CA  CB   sing N N 43  
ASN CA  HA   sing N N 44  
ASN C   O    doub N N 45  
ASN C   OXT  sing N N 46  
ASN CB  CG   sing N N 47  
ASN CB  HB2  sing N N 48  
ASN CB  HB3  sing N N 49  
ASN CG  OD1  doub N N 50  
ASN CG  ND2  sing N N 51  
ASN ND2 HD21 sing N N 52  
ASN ND2 HD22 sing N N 53  
ASN OXT HXT  sing N N 54  
ASP N   CA   sing N N 55  
ASP N   H    sing N N 56  
ASP N   H2   sing N N 57  
ASP CA  C    sing N N 58  
ASP CA  CB   sing N N 59  
ASP CA  HA   sing N N 60  
ASP C   O    doub N N 61  
ASP C   OXT  sing N N 62  
ASP CB  CG   sing N N 63  
ASP CB  HB2  sing N N 64  
ASP CB  HB3  sing N N 65  
ASP CG  OD1  doub N N 66  
ASP CG  OD2  sing N N 67  
ASP OD2 HD2  sing N N 68  
ASP OXT HXT  sing N N 69  
BO3 B   O1   sing N N 70  
BO3 B   O2   sing N N 71  
BO3 B   O3   sing N N 72  
BO3 O1  HO1  sing N N 73  
BO3 O2  HO2  sing N N 74  
BO3 O3  HO3  sing N N 75  
CYS N   CA   sing N N 76  
CYS N   H    sing N N 77  
CYS N   H2   sing N N 78  
CYS CA  C    sing N N 79  
CYS CA  CB   sing N N 80  
CYS CA  HA   sing N N 81  
CYS C   O    doub N N 82  
CYS C   OXT  sing N N 83  
CYS CB  SG   sing N N 84  
CYS CB  HB2  sing N N 85  
CYS CB  HB3  sing N N 86  
CYS SG  HG   sing N N 87  
CYS OXT HXT  sing N N 88  
GLN N   CA   sing N N 89  
GLN N   H    sing N N 90  
GLN N   H2   sing N N 91  
GLN CA  C    sing N N 92  
GLN CA  CB   sing N N 93  
GLN CA  HA   sing N N 94  
GLN C   O    doub N N 95  
GLN C   OXT  sing N N 96  
GLN CB  CG   sing N N 97  
GLN CB  HB2  sing N N 98  
GLN CB  HB3  sing N N 99  
GLN CG  CD   sing N N 100 
GLN CG  HG2  sing N N 101 
GLN CG  HG3  sing N N 102 
GLN CD  OE1  doub N N 103 
GLN CD  NE2  sing N N 104 
GLN NE2 HE21 sing N N 105 
GLN NE2 HE22 sing N N 106 
GLN OXT HXT  sing N N 107 
GLU N   CA   sing N N 108 
GLU N   H    sing N N 109 
GLU N   H2   sing N N 110 
GLU CA  C    sing N N 111 
GLU CA  CB   sing N N 112 
GLU CA  HA   sing N N 113 
GLU C   O    doub N N 114 
GLU C   OXT  sing N N 115 
GLU CB  CG   sing N N 116 
GLU CB  HB2  sing N N 117 
GLU CB  HB3  sing N N 118 
GLU CG  CD   sing N N 119 
GLU CG  HG2  sing N N 120 
GLU CG  HG3  sing N N 121 
GLU CD  OE1  doub N N 122 
GLU CD  OE2  sing N N 123 
GLU OE2 HE2  sing N N 124 
GLU OXT HXT  sing N N 125 
GLY N   CA   sing N N 126 
GLY N   H    sing N N 127 
GLY N   H2   sing N N 128 
GLY CA  C    sing N N 129 
GLY CA  HA2  sing N N 130 
GLY CA  HA3  sing N N 131 
GLY C   O    doub N N 132 
GLY C   OXT  sing N N 133 
GLY OXT HXT  sing N N 134 
HIS N   CA   sing N N 135 
HIS N   H    sing N N 136 
HIS N   H2   sing N N 137 
HIS CA  C    sing N N 138 
HIS CA  CB   sing N N 139 
HIS CA  HA   sing N N 140 
HIS C   O    doub N N 141 
HIS C   OXT  sing N N 142 
HIS CB  CG   sing N N 143 
HIS CB  HB2  sing N N 144 
HIS CB  HB3  sing N N 145 
HIS CG  ND1  sing Y N 146 
HIS CG  CD2  doub Y N 147 
HIS ND1 CE1  doub Y N 148 
HIS ND1 HD1  sing N N 149 
HIS CD2 NE2  sing Y N 150 
HIS CD2 HD2  sing N N 151 
HIS CE1 NE2  sing Y N 152 
HIS CE1 HE1  sing N N 153 
HIS NE2 HE2  sing N N 154 
HIS OXT HXT  sing N N 155 
HOH O   H1   sing N N 156 
HOH O   H2   sing N N 157 
ILE N   CA   sing N N 158 
ILE N   H    sing N N 159 
ILE N   H2   sing N N 160 
ILE CA  C    sing N N 161 
ILE CA  CB   sing N N 162 
ILE CA  HA   sing N N 163 
ILE C   O    doub N N 164 
ILE C   OXT  sing N N 165 
ILE CB  CG1  sing N N 166 
ILE CB  CG2  sing N N 167 
ILE CB  HB   sing N N 168 
ILE CG1 CD1  sing N N 169 
ILE CG1 HG12 sing N N 170 
ILE CG1 HG13 sing N N 171 
ILE CG2 HG21 sing N N 172 
ILE CG2 HG22 sing N N 173 
ILE CG2 HG23 sing N N 174 
ILE CD1 HD11 sing N N 175 
ILE CD1 HD12 sing N N 176 
ILE CD1 HD13 sing N N 177 
ILE OXT HXT  sing N N 178 
LEU N   CA   sing N N 179 
LEU N   H    sing N N 180 
LEU N   H2   sing N N 181 
LEU CA  C    sing N N 182 
LEU CA  CB   sing N N 183 
LEU CA  HA   sing N N 184 
LEU C   O    doub N N 185 
LEU C   OXT  sing N N 186 
LEU CB  CG   sing N N 187 
LEU CB  HB2  sing N N 188 
LEU CB  HB3  sing N N 189 
LEU CG  CD1  sing N N 190 
LEU CG  CD2  sing N N 191 
LEU CG  HG   sing N N 192 
LEU CD1 HD11 sing N N 193 
LEU CD1 HD12 sing N N 194 
LEU CD1 HD13 sing N N 195 
LEU CD2 HD21 sing N N 196 
LEU CD2 HD22 sing N N 197 
LEU CD2 HD23 sing N N 198 
LEU OXT HXT  sing N N 199 
LYS N   CA   sing N N 200 
LYS N   H    sing N N 201 
LYS N   H2   sing N N 202 
LYS CA  C    sing N N 203 
LYS CA  CB   sing N N 204 
LYS CA  HA   sing N N 205 
LYS C   O    doub N N 206 
LYS C   OXT  sing N N 207 
LYS CB  CG   sing N N 208 
LYS CB  HB2  sing N N 209 
LYS CB  HB3  sing N N 210 
LYS CG  CD   sing N N 211 
LYS CG  HG2  sing N N 212 
LYS CG  HG3  sing N N 213 
LYS CD  CE   sing N N 214 
LYS CD  HD2  sing N N 215 
LYS CD  HD3  sing N N 216 
LYS CE  NZ   sing N N 217 
LYS CE  HE2  sing N N 218 
LYS CE  HE3  sing N N 219 
LYS NZ  HZ1  sing N N 220 
LYS NZ  HZ2  sing N N 221 
LYS NZ  HZ3  sing N N 222 
LYS OXT HXT  sing N N 223 
MET N   CA   sing N N 224 
MET N   H    sing N N 225 
MET N   H2   sing N N 226 
MET CA  C    sing N N 227 
MET CA  CB   sing N N 228 
MET CA  HA   sing N N 229 
MET C   O    doub N N 230 
MET C   OXT  sing N N 231 
MET CB  CG   sing N N 232 
MET CB  HB2  sing N N 233 
MET CB  HB3  sing N N 234 
MET CG  SD   sing N N 235 
MET CG  HG2  sing N N 236 
MET CG  HG3  sing N N 237 
MET SD  CE   sing N N 238 
MET CE  HE1  sing N N 239 
MET CE  HE2  sing N N 240 
MET CE  HE3  sing N N 241 
MET OXT HXT  sing N N 242 
PHE N   CA   sing N N 243 
PHE N   H    sing N N 244 
PHE N   H2   sing N N 245 
PHE CA  C    sing N N 246 
PHE CA  CB   sing N N 247 
PHE CA  HA   sing N N 248 
PHE C   O    doub N N 249 
PHE C   OXT  sing N N 250 
PHE CB  CG   sing N N 251 
PHE CB  HB2  sing N N 252 
PHE CB  HB3  sing N N 253 
PHE CG  CD1  doub Y N 254 
PHE CG  CD2  sing Y N 255 
PHE CD1 CE1  sing Y N 256 
PHE CD1 HD1  sing N N 257 
PHE CD2 CE2  doub Y N 258 
PHE CD2 HD2  sing N N 259 
PHE CE1 CZ   doub Y N 260 
PHE CE1 HE1  sing N N 261 
PHE CE2 CZ   sing Y N 262 
PHE CE2 HE2  sing N N 263 
PHE CZ  HZ   sing N N 264 
PHE OXT HXT  sing N N 265 
PRO N   CA   sing N N 266 
PRO N   CD   sing N N 267 
PRO N   H    sing N N 268 
PRO CA  C    sing N N 269 
PRO CA  CB   sing N N 270 
PRO CA  HA   sing N N 271 
PRO C   O    doub N N 272 
PRO C   OXT  sing N N 273 
PRO CB  CG   sing N N 274 
PRO CB  HB2  sing N N 275 
PRO CB  HB3  sing N N 276 
PRO CG  CD   sing N N 277 
PRO CG  HG2  sing N N 278 
PRO CG  HG3  sing N N 279 
PRO CD  HD2  sing N N 280 
PRO CD  HD3  sing N N 281 
PRO OXT HXT  sing N N 282 
SER N   CA   sing N N 283 
SER N   H    sing N N 284 
SER N   H2   sing N N 285 
SER CA  C    sing N N 286 
SER CA  CB   sing N N 287 
SER CA  HA   sing N N 288 
SER C   O    doub N N 289 
SER C   OXT  sing N N 290 
SER CB  OG   sing N N 291 
SER CB  HB2  sing N N 292 
SER CB  HB3  sing N N 293 
SER OG  HG   sing N N 294 
SER OXT HXT  sing N N 295 
THR N   CA   sing N N 296 
THR N   H    sing N N 297 
THR N   H2   sing N N 298 
THR CA  C    sing N N 299 
THR CA  CB   sing N N 300 
THR CA  HA   sing N N 301 
THR C   O    doub N N 302 
THR C   OXT  sing N N 303 
THR CB  OG1  sing N N 304 
THR CB  CG2  sing N N 305 
THR CB  HB   sing N N 306 
THR OG1 HG1  sing N N 307 
THR CG2 HG21 sing N N 308 
THR CG2 HG22 sing N N 309 
THR CG2 HG23 sing N N 310 
THR OXT HXT  sing N N 311 
TRP N   CA   sing N N 312 
TRP N   H    sing N N 313 
TRP N   H2   sing N N 314 
TRP CA  C    sing N N 315 
TRP CA  CB   sing N N 316 
TRP CA  HA   sing N N 317 
TRP C   O    doub N N 318 
TRP C   OXT  sing N N 319 
TRP CB  CG   sing N N 320 
TRP CB  HB2  sing N N 321 
TRP CB  HB3  sing N N 322 
TRP CG  CD1  doub Y N 323 
TRP CG  CD2  sing Y N 324 
TRP CD1 NE1  sing Y N 325 
TRP CD1 HD1  sing N N 326 
TRP CD2 CE2  doub Y N 327 
TRP CD2 CE3  sing Y N 328 
TRP NE1 CE2  sing Y N 329 
TRP NE1 HE1  sing N N 330 
TRP CE2 CZ2  sing Y N 331 
TRP CE3 CZ3  doub Y N 332 
TRP CE3 HE3  sing N N 333 
TRP CZ2 CH2  doub Y N 334 
TRP CZ2 HZ2  sing N N 335 
TRP CZ3 CH2  sing Y N 336 
TRP CZ3 HZ3  sing N N 337 
TRP CH2 HH2  sing N N 338 
TRP OXT HXT  sing N N 339 
TYR N   CA   sing N N 340 
TYR N   H    sing N N 341 
TYR N   H2   sing N N 342 
TYR CA  C    sing N N 343 
TYR CA  CB   sing N N 344 
TYR CA  HA   sing N N 345 
TYR C   O    doub N N 346 
TYR C   OXT  sing N N 347 
TYR CB  CG   sing N N 348 
TYR CB  HB2  sing N N 349 
TYR CB  HB3  sing N N 350 
TYR CG  CD1  doub Y N 351 
TYR CG  CD2  sing Y N 352 
TYR CD1 CE1  sing Y N 353 
TYR CD1 HD1  sing N N 354 
TYR CD2 CE2  doub Y N 355 
TYR CD2 HD2  sing N N 356 
TYR CE1 CZ   doub Y N 357 
TYR CE1 HE1  sing N N 358 
TYR CE2 CZ   sing Y N 359 
TYR CE2 HE2  sing N N 360 
TYR CZ  OH   sing N N 361 
TYR OH  HH   sing N N 362 
TYR OXT HXT  sing N N 363 
VAL N   CA   sing N N 364 
VAL N   H    sing N N 365 
VAL N   H2   sing N N 366 
VAL CA  C    sing N N 367 
VAL CA  CB   sing N N 368 
VAL CA  HA   sing N N 369 
VAL C   O    doub N N 370 
VAL C   OXT  sing N N 371 
VAL CB  CG1  sing N N 372 
VAL CB  CG2  sing N N 373 
VAL CB  HB   sing N N 374 
VAL CG1 HG11 sing N N 375 
VAL CG1 HG12 sing N N 376 
VAL CG1 HG13 sing N N 377 
VAL CG2 HG21 sing N N 378 
VAL CG2 HG22 sing N N 379 
VAL CG2 HG23 sing N N 380 
VAL OXT HXT  sing N N 381 
# 
_pdbx_audit_support.funding_organization   'European Research Council (ERC)' 
_pdbx_audit_support.country                'European Union' 
_pdbx_audit_support.grant_number           802217 
_pdbx_audit_support.ordinal                1 
# 
_pdbx_initial_refinement_model.id               1 
_pdbx_initial_refinement_model.entity_id_list   ? 
_pdbx_initial_refinement_model.type             'experimental model' 
_pdbx_initial_refinement_model.source_name      PDB 
_pdbx_initial_refinement_model.accession_code   6y76 
_pdbx_initial_refinement_model.details          ? 
# 
_space_group.name_H-M_alt     'P 1 21 1' 
_space_group.name_Hall        'P 2yb' 
_space_group.IT_number        4 
_space_group.crystal_system   monoclinic 
_space_group.id               1 
# 
_atom_sites.entry_id                    8P0Z 
_atom_sites.Cartn_transf_matrix[1][1]   ? 
_atom_sites.Cartn_transf_matrix[1][2]   ? 
_atom_sites.Cartn_transf_matrix[1][3]   ? 
_atom_sites.Cartn_transf_matrix[2][1]   ? 
_atom_sites.Cartn_transf_matrix[2][2]   ? 
_atom_sites.Cartn_transf_matrix[2][3]   ? 
_atom_sites.Cartn_transf_matrix[3][1]   ? 
_atom_sites.Cartn_transf_matrix[3][2]   ? 
_atom_sites.Cartn_transf_matrix[3][3]   ? 
_atom_sites.Cartn_transf_vector[1]      ? 
_atom_sites.Cartn_transf_vector[2]      ? 
_atom_sites.Cartn_transf_vector[3]      ? 
_atom_sites.fract_transf_matrix[1][1]   -0.00069530 
_atom_sites.fract_transf_matrix[1][2]   0.01438191 
_atom_sites.fract_transf_matrix[1][3]   -0.02965650 
_atom_sites.fract_transf_matrix[2][1]   -0.00686428 
_atom_sites.fract_transf_matrix[2][2]   -0.01447932 
_atom_sites.fract_transf_matrix[2][3]   -0.00686081 
_atom_sites.fract_transf_matrix[3][1]   -0.02373363 
_atom_sites.fract_transf_matrix[3][2]   0.01361907 
_atom_sites.fract_transf_matrix[3][3]   -0.00499657 
_atom_sites.fract_transf_vector[1]      -0.256713 
_atom_sites.fract_transf_vector[2]      0.186031 
_atom_sites.fract_transf_vector[3]      -0.135373 
_atom_sites.solution_primary            ? 
_atom_sites.solution_secondary          ? 
_atom_sites.solution_hydrogens          ? 
_atom_sites.special_details             ? 
# 
loop_
_atom_type.symbol 
_atom_type.scat_dispersion_real 
_atom_type.scat_dispersion_imag 
_atom_type.scat_Cromer_Mann_a1 
_atom_type.scat_Cromer_Mann_a2 
_atom_type.scat_Cromer_Mann_a3 
_atom_type.scat_Cromer_Mann_a4 
_atom_type.scat_Cromer_Mann_b1 
_atom_type.scat_Cromer_Mann_b2 
_atom_type.scat_Cromer_Mann_b3 
_atom_type.scat_Cromer_Mann_b4 
_atom_type.scat_Cromer_Mann_c 
_atom_type.scat_source 
_atom_type.scat_dispersion_source 
B  ? ? 2.74417 2.23879 ? ? 37.84921 1.85376  ? ? 0.0 
;2-Gaussian fit: Grosse-Kunstleve RW, Sauter NK, Adams PD: Newsletter of the IUCr Commission on Crystallographic Computing 2004, 3, 22-31.
;
? 
C  ? ? 3.54356 2.42580 ? ? 25.62398 1.50364  ? ? 0.0 
;2-Gaussian fit: Grosse-Kunstleve RW, Sauter NK, Adams PD: Newsletter of the IUCr Commission on Crystallographic Computing 2004, 3, 22-31.
;
? 
N  ? ? 4.01032 2.96436 ? ? 19.97189 1.75589  ? ? 0.0 
;2-Gaussian fit: Grosse-Kunstleve RW, Sauter NK, Adams PD: Newsletter of the IUCr Commission on Crystallographic Computing 2004, 3, 22-31.
;
? 
NA ? ? 9.38062 1.54875 ? ? 3.38349  72.32734 ? ? 0.0 
;2-Gaussian fit: Grosse-Kunstleve RW, Sauter NK, Adams PD: Newsletter of the IUCr Commission on Crystallographic Computing 2004, 3, 22-31.
;
? 
O  ? ? 4.49882 3.47563 ? ? 15.80542 1.70748  ? ? 0.0 
;2-Gaussian fit: Grosse-Kunstleve RW, Sauter NK, Adams PD: Newsletter of the IUCr Commission on Crystallographic Computing 2004, 3, 22-31.
;
? 
S  ? ? 9.55732 6.39887 ? ? 1.23737  29.19336 ? ? 0.0 
;2-Gaussian fit: Grosse-Kunstleve RW, Sauter NK, Adams PD: Newsletter of the IUCr Commission on Crystallographic Computing 2004, 3, 22-31.
;
? 
# 
loop_
_atom_site.group_PDB 
_atom_site.id 
_atom_site.type_symbol 
_atom_site.label_atom_id 
_atom_site.label_alt_id 
_atom_site.label_comp_id 
_atom_site.label_asym_id 
_atom_site.label_entity_id 
_atom_site.label_seq_id 
_atom_site.pdbx_PDB_ins_code 
_atom_site.Cartn_x 
_atom_site.Cartn_y 
_atom_site.Cartn_z 
_atom_site.occupancy 
_atom_site.B_iso_or_equiv 
_atom_site.pdbx_formal_charge 
_atom_site.auth_seq_id 
_atom_site.auth_comp_id 
_atom_site.auth_asym_id 
_atom_site.auth_atom_id 
_atom_site.pdbx_PDB_model_num 
ATOM   1    N  N   A MET A 1 1   ? 4.98074   8.07753   15.36157  0.581 40.43149 ? 1   MET A N   1 
ATOM   2    N  N   B MET A 1 1   ? 4.75531   8.31204   15.72992  0.419 40.58642 ? 1   MET A N   1 
ATOM   3    C  CA  A MET A 1 1   ? 5.23713   8.95357   14.22676  0.581 40.05943 ? 1   MET A CA  1 
ATOM   4    C  CA  B MET A 1 1   ? 5.13028   8.92142   14.45741  0.419 40.05810 ? 1   MET A CA  1 
ATOM   5    C  C   A MET A 1 1   ? 3.94237   9.24775   13.46839  0.581 39.33321 ? 1   MET A C   1 
ATOM   6    C  C   B MET A 1 1   ? 3.87400   9.21538   13.63814  0.419 39.31151 ? 1   MET A C   1 
ATOM   7    O  O   A MET A 1 1   ? 3.97605   9.65278   12.30805  0.581 40.25106 ? 1   MET A O   1 
ATOM   8    O  O   B MET A 1 1   ? 3.94441   9.45615   12.43456  0.419 40.11553 ? 1   MET A O   1 
ATOM   9    C  CB  A MET A 1 1   ? 6.28458   8.33466   13.29846  0.581 40.70018 ? 1   MET A CB  1 
ATOM   10   C  CB  B MET A 1 1   ? 6.09534   8.01152   13.68959  0.419 40.27328 ? 1   MET A CB  1 
ATOM   11   C  CG  A MET A 1 1   ? 7.42145   9.27561   12.92928  0.581 43.05477 ? 1   MET A CG  1 
ATOM   12   C  CG  B MET A 1 1   ? 7.55924   8.28812   13.98116  0.419 40.93581 ? 1   MET A CG  1 
ATOM   13   S  SD  A MET A 1 1   ? 8.90471   8.36337   12.46601  0.581 46.94861 ? 1   MET A SD  1 
ATOM   14   S  SD  B MET A 1 1   ? 8.28984   9.45839   12.81545  0.419 46.84652 ? 1   MET A SD  1 
ATOM   15   C  CE  A MET A 1 1   ? 9.10614   7.32180   13.90879  0.581 42.14117 ? 1   MET A CE  1 
ATOM   16   C  CE  B MET A 1 1   ? 9.12810   8.31984   11.70937  0.419 43.25061 ? 1   MET A CE  1 
ATOM   17   N  N   A GLN A 1 2   ? 2.81119   9.00913   14.13830  0.581 39.54028 ? 2   GLN A N   1 
ATOM   18   N  N   B GLN A 1 2   ? 2.73767   9.21003   14.33919  0.419 39.40087 ? 2   GLN A N   1 
ATOM   19   C  CA  A GLN A 1 2   ? 1.50218   9.50313   13.71944  0.581 38.50544 ? 2   GLN A CA  1 
ATOM   20   C  CA  B GLN A 1 2   ? 1.38419   9.39637   13.81634  0.419 38.47378 ? 2   GLN A CA  1 
ATOM   21   C  C   A GLN A 1 2   ? 1.17561   9.16006   12.27017  0.581 38.44191 ? 2   GLN A C   1 
ATOM   22   C  C   B GLN A 1 2   ? 1.21107   9.13725   12.32350  0.419 38.42163 ? 2   GLN A C   1 
ATOM   23   O  O   A GLN A 1 2   ? 1.07693   10.05432  11.42422  0.581 37.74643 ? 2   GLN A O   1 
ATOM   24   O  O   B GLN A 1 2   ? 1.24781   10.06722  11.51057  0.419 37.76457 ? 2   GLN A O   1 
ATOM   25   C  CB  A GLN A 1 2   ? 1.43458   11.01977  13.93234  0.581 38.20298 ? 2   GLN A CB  1 
ATOM   26   C  CB  B GLN A 1 2   ? 0.88869   10.80664  14.14070  0.419 37.77389 ? 2   GLN A CB  1 
ATOM   27   C  CG  A GLN A 1 2   ? 1.83657   11.45478  15.34075  0.581 36.82317 ? 2   GLN A CG  1 
ATOM   28   C  CG  B GLN A 1 2   ? -0.60672  10.93423  13.99818  0.419 37.57574 ? 2   GLN A CG  1 
ATOM   29   C  CD  A GLN A 1 2   ? 1.93790   12.96665  15.50650  0.581 33.83415 ? 2   GLN A CD  1 
ATOM   30   C  CD  B GLN A 1 2   ? -1.31042  9.68028   14.45735  0.419 37.27990 ? 2   GLN A CD  1 
ATOM   31   O  OE1 A GLN A 1 2   ? 2.04575   13.70982  14.53140  0.581 36.01028 ? 2   GLN A OE1 1 
ATOM   32   O  OE1 B GLN A 1 2   ? -1.85629  8.93284   13.64899  0.419 36.76224 ? 2   GLN A OE1 1 
ATOM   33   N  NE2 A GLN A 1 2   ? 1.90472   13.42558  16.75358  0.581 34.19760 ? 2   GLN A NE2 1 
ATOM   34   N  NE2 B GLN A 1 2   ? -1.27674  9.42639   15.75977  0.419 35.35214 ? 2   GLN A NE2 1 
ATOM   35   N  N   . ASN A 1 3   ? 0.99587   7.87729   11.97123  1.000 36.23560 ? 3   ASN A N   1 
ATOM   36   C  CA  . ASN A 1 3   ? 0.65932   7.44656   10.62550  1.000 33.61934 ? 3   ASN A CA  1 
ATOM   37   C  C   . ASN A 1 3   ? -0.84188  7.20634   10.54346  1.000 35.78678 ? 3   ASN A C   1 
ATOM   38   O  O   . ASN A 1 3   ? -1.48432  6.89260   11.54856  1.000 31.09408 ? 3   ASN A O   1 
ATOM   39   C  CB  . ASN A 1 3   ? 1.42042   6.17054   10.26277  1.000 34.21461 ? 3   ASN A CB  1 
ATOM   40   C  CG  . ASN A 1 3   ? 2.86910   6.20355   10.72540  1.000 35.59324 ? 3   ASN A CG  1 
ATOM   41   O  OD1 . ASN A 1 3   ? 3.62033   7.12472   10.40269  1.000 34.25190 ? 3   ASN A OD1 1 
ATOM   42   N  ND2 . ASN A 1 3   ? 3.26576   5.19265   11.49145  1.000 37.81595 ? 3   ASN A ND2 1 
ATOM   43   N  N   . SER A 1 4   ? -1.40251  7.35735   9.34258   1.000 32.07435 ? 4   SER A N   1 
ATOM   44   C  CA  . SER A 1 4   ? -2.83264  7.14914   9.15492   1.000 32.95524 ? 4   SER A CA  1 
ATOM   45   C  C   . SER A 1 4   ? -3.13122  6.71714   7.72561   1.000 34.21056 ? 4   SER A C   1 
ATOM   46   O  O   . SER A 1 4   ? -2.53843  7.22924   6.77331   1.000 32.94978 ? 4   SER A O   1 
ATOM   47   C  CB  . SER A 1 4   ? -3.63113  8.41452   9.49369   1.000 31.69081 ? 4   SER A CB  1 
ATOM   48   O  OG  . SER A 1 4   ? -3.46768  9.41434   8.50312   1.000 34.77325 ? 4   SER A OG  1 
ATOM   49   N  N   . VAL A 1 5   ? -4.05580  5.76838   7.59401   1.000 28.46869 ? 5   VAL A N   1 
ATOM   50   C  CA  . VAL A 1 5   ? -4.58966  5.32875   6.30948   1.000 27.44345 ? 5   VAL A CA  1 
ATOM   51   C  C   . VAL A 1 5   ? -6.07754  5.64744   6.31252   1.000 31.61273 ? 5   VAL A C   1 
ATOM   52   O  O   . VAL A 1 5   ? -6.81017  5.19482   7.20044   1.000 26.61066 ? 5   VAL A O   1 
ATOM   53   C  CB  . VAL A 1 5   ? -4.34343  3.83010   6.06536   1.000 30.72646 ? 5   VAL A CB  1 
ATOM   54   C  CG1 . VAL A 1 5   ? -5.08609  3.35093   4.82422   1.000 29.44144 ? 5   VAL A CG1 1 
ATOM   55   C  CG2 . VAL A 1 5   ? -2.85416  3.55348   5.93656   1.000 26.89625 ? 5   VAL A CG2 1 
ATOM   56   N  N   . ILE A 1 6   ? -6.52066  6.43691   5.33619   1.000 27.03864 ? 6   ILE A N   1 
ATOM   57   C  CA  . ILE A 1 6   ? -7.88573  6.95306   5.30522   1.000 31.69282 ? 6   ILE A CA  1 
ATOM   58   C  C   . ILE A 1 6   ? -8.44867  6.80910   3.89584   1.000 32.43256 ? 6   ILE A C   1 
ATOM   59   O  O   . ILE A 1 6   ? -7.79719  7.17485   2.91167   1.000 31.90789 ? 6   ILE A O   1 
ATOM   60   C  CB  . ILE A 1 6   ? -7.94022  8.42873   5.76172   1.000 32.98426 ? 6   ILE A CB  1 
ATOM   61   C  CG1 . ILE A 1 6   ? -7.37853  8.58378   7.17943   1.000 34.58999 ? 6   ILE A CG1 1 
ATOM   62   C  CG2 . ILE A 1 6   ? -9.36169  8.96191   5.70550   1.000 31.48508 ? 6   ILE A CG2 1 
ATOM   63   C  CD1 . ILE A 1 6   ? -7.22446  10.02787  7.63364   1.000 33.00208 ? 6   ILE A CD1 1 
ATOM   64   N  N   . ILE A 1 7   ? -9.65734  6.25967   3.80275   1.000 33.49382 ? 7   ILE A N   1 
ATOM   65   C  CA  . ILE A 1 7   ? -10.41355 6.23657   2.55526   1.000 31.68202 ? 7   ILE A CA  1 
ATOM   66   C  C   . ILE A 1 7   ? -11.20904 7.53141   2.47569   1.000 33.61402 ? 7   ILE A C   1 
ATOM   67   O  O   . ILE A 1 7   ? -12.04359 7.80641   3.34257   1.000 30.79910 ? 7   ILE A O   1 
ATOM   68   C  CB  . ILE A 1 7   ? -11.34114 5.01474   2.48975   1.000 34.40563 ? 7   ILE A CB  1 
ATOM   69   C  CG1 . ILE A 1 7   ? -10.51997 3.72903   2.39984   1.000 31.82102 ? 7   ILE A CG1 1 
ATOM   70   C  CG2 . ILE A 1 7   ? -12.31288 5.13390   1.31770   1.000 33.70471 ? 7   ILE A CG2 1 
ATOM   71   C  CD1 . ILE A 1 7   ? -11.34912 2.46791   2.46104   1.000 34.56679 ? 7   ILE A CD1 1 
ATOM   72   N  N   . VAL A 1 8   ? -10.94378 8.33392   1.44907   1.000 31.93742 ? 8   VAL A N   1 
ATOM   73   C  CA  . VAL A 1 8   ? -11.63797 9.59816   1.23365   1.000 33.97710 ? 8   VAL A CA  1 
ATOM   74   C  C   . VAL A 1 8   ? -12.55198 9.43887   0.02492   1.000 34.96164 ? 8   VAL A C   1 
ATOM   75   O  O   . VAL A 1 8   ? -12.14717 8.87951   -1.00093  1.000 33.66608 ? 8   VAL A O   1 
ATOM   76   C  CB  . VAL A 1 8   ? -10.64891 10.76599  1.04927   1.000 35.29121 ? 8   VAL A CB  1 
ATOM   77   C  CG1 . VAL A 1 8   ? -9.82096  10.96020  2.31105   1.000 34.38609 ? 8   VAL A CG1 1 
ATOM   78   C  CG2 . VAL A 1 8   ? -9.73515  10.53594  -0.14926  1.000 30.63383 ? 8   VAL A CG2 1 
ATOM   79   N  N   . ASP A 1 9   ? -13.79544 9.89309   0.16051   1.000 34.65240 ? 9   ASP A N   1 
ATOM   80   C  CA  . ASP A 1 9   ? -14.72794 9.87833   -0.95617  1.000 34.16638 ? 9   ASP A CA  1 
ATOM   81   C  C   . ASP A 1 9   ? -14.42431 11.04706  -1.87941  1.000 34.67815 ? 9   ASP A C   1 
ATOM   82   O  O   . ASP A 1 9   ? -14.06887 12.13655  -1.42204  1.000 34.22120 ? 9   ASP A O   1 
ATOM   83   C  CB  . ASP A 1 9   ? -16.17446 9.95188   -0.45937  1.000 36.69909 ? 9   ASP A CB  1 
ATOM   84   C  CG  . ASP A 1 9   ? -17.18323 9.58044   -1.53460  1.000 32.54848 ? 9   ASP A CG  1 
ATOM   85   O  OD1 . ASP A 1 9   ? -17.36738 10.36455  -2.49194  1.000 38.28612 ? 9   ASP A OD1 1 
ATOM   86   O  OD2 . ASP A 1 9   ? -17.78072 8.49035   -1.42842  1.000 39.08637 ? 9   ASP A OD2 1 
ATOM   87   N  N   . LYS A 1 10  ? -14.56270 10.82065  -3.18641  1.000 36.09779 ? 10  LYS A N   1 
ATOM   88   C  CA  . LYS A 1 10  ? -14.23157 11.87340  -4.13887  1.000 35.23689 ? 10  LYS A CA  1 
ATOM   89   C  C   . LYS A 1 10  ? -15.23483 13.02039  -4.13552  1.000 39.00869 ? 10  LYS A C   1 
ATOM   90   O  O   . LYS A 1 10  ? -14.98324 14.03534  -4.79650  1.000 42.57238 ? 10  LYS A O   1 
ATOM   91   C  CB  . LYS A 1 10  ? -14.10611 11.29665  -5.54975  1.000 40.56292 ? 10  LYS A CB  1 
ATOM   92   C  CG  . LYS A 1 10  ? -12.88821 10.40790  -5.74627  1.000 38.23980 ? 10  LYS A CG  1 
ATOM   93   C  CD  . LYS A 1 10  ? -12.52684 10.28843  -7.21495  1.000 39.14111 ? 10  LYS A CD  1 
ATOM   94   C  CE  . LYS A 1 10  ? -11.36830 9.32982   -7.42569  1.000 36.54588 ? 10  LYS A CE  1 
ATOM   95   N  NZ  . LYS A 1 10  ? -11.27919 8.91046   -8.85288  1.000 39.68024 ? 10  LYS A NZ  1 
ATOM   96   N  N   . ASN A 1 11  ? -16.35127 12.90031  -3.41296  1.000 36.87333 ? 11  ASN A N   1 
ATOM   97   C  CA  . ASN A 1 11  ? -17.24987 14.03759  -3.26517  1.000 39.35886 ? 11  ASN A CA  1 
ATOM   98   C  C   . ASN A 1 11  ? -16.68456 15.11359  -2.34396  1.000 38.97091 ? 11  ASN A C   1 
ATOM   99   O  O   . ASN A 1 11  ? -17.26717 16.20108  -2.25735  1.000 38.52594 ? 11  ASN A O   1 
ATOM   100  C  CB  . ASN A 1 11  ? -18.63097 13.58272  -2.76029  1.000 35.40628 ? 11  ASN A CB  1 
ATOM   101  C  CG  . ASN A 1 11  ? -18.59861 12.99924  -1.34786  1.000 36.52067 ? 11  ASN A CG  1 
ATOM   102  O  OD1 . ASN A 1 11  ? -17.58728 13.05923  -0.64941  1.000 36.99682 ? 11  ASN A OD1 1 
ATOM   103  N  ND2 . ASN A 1 11  ? -19.72601 12.43597  -0.92393  1.000 37.00594 ? 11  ASN A ND2 1 
ATOM   104  N  N   . GLY A 1 12  ? -15.57752 14.83598  -1.65634  1.000 36.04611 ? 12  GLY A N   1 
ATOM   105  C  CA  . GLY A 1 12  ? -14.92730 15.81419  -0.80932  1.000 37.46215 ? 12  GLY A CA  1 
ATOM   106  C  C   . GLY A 1 12  ? -15.52441 15.98815  0.56935   1.000 36.55301 ? 12  GLY A C   1 
ATOM   107  O  O   . GLY A 1 12  ? -15.00738 16.79754  1.34949   1.000 37.44947 ? 12  GLY A O   1 
ATOM   108  N  N   A ARG A 1 13  ? -16.59487 15.25708  0.88900   0.635 36.32018 ? 13  ARG A N   1 
ATOM   109  N  N   B ARG A 1 13  ? -16.58522 15.26094  0.90932   0.365 36.29679 ? 13  ARG A N   1 
ATOM   110  C  CA  A ARG A 1 13  ? -17.32856 15.39352  2.14050   0.635 34.51892 ? 13  ARG A CA  1 
ATOM   111  C  CA  B ARG A 1 13  ? -17.24096 15.41618  2.19813   0.365 34.54967 ? 13  ARG A CA  1 
ATOM   112  C  C   A ARG A 1 13  ? -17.13445 14.22823  3.09712   0.635 34.94604 ? 13  ARG A C   1 
ATOM   113  C  C   B ARG A 1 13  ? -17.08869 14.21896  3.12173   0.365 34.92717 ? 13  ARG A C   1 
ATOM   114  O  O   A ARG A 1 13  ? -17.21044 14.42689  4.31133   0.635 33.96072 ? 13  ARG A O   1 
ATOM   115  O  O   B ARG A 1 13  ? -17.14815 14.39295  4.34604   0.365 33.98807 ? 13  ARG A O   1 
ATOM   116  C  CB  A ARG A 1 13  ? -18.83145 15.54536  1.86029   0.635 34.97916 ? 13  ARG A CB  1 
ATOM   117  C  CB  B ARG A 1 13  ? -18.73942 15.69178  2.00036   0.365 34.98272 ? 13  ARG A CB  1 
ATOM   118  C  CG  A ARG A 1 13  ? -19.21509 16.75292  1.01170   0.635 35.18035 ? 13  ARG A CG  1 
ATOM   119  C  CG  B ARG A 1 13  ? -19.45890 16.08080  3.26608   0.365 34.68184 ? 13  ARG A CG  1 
ATOM   120  C  CD  A ARG A 1 13  ? -19.25418 18.02597  1.84483   0.635 34.52818 ? 13  ARG A CD  1 
ATOM   121  C  CD  B ARG A 1 13  ? -19.64915 17.57276  3.38194   0.365 34.85115 ? 13  ARG A CD  1 
ATOM   122  N  NE  A ARG A 1 13  ? -20.34996 18.01460  2.81017   0.635 35.17942 ? 13  ARG A NE  1 
ATOM   123  N  NE  B ARG A 1 13  ? -20.80136 17.99841  2.59983   0.365 34.62327 ? 13  ARG A NE  1 
ATOM   124  C  CZ  A ARG A 1 13  ? -20.34732 18.69545  3.95195   0.635 34.67743 ? 13  ARG A CZ  1 
ATOM   125  C  CZ  B ARG A 1 13  ? -20.73607 18.41168  1.33966   0.365 35.28608 ? 13  ARG A CZ  1 
ATOM   126  N  NH1 A ARG A 1 13  ? -19.29832 19.43564  4.28238   0.635 33.51128 ? 13  ARG A NH1 1 
ATOM   127  N  NH1 B ARG A 1 13  ? -19.56700 18.46909  0.71957   0.365 34.54703 ? 13  ARG A NH1 1 
ATOM   128  N  NH2 A ARG A 1 13  ? -21.38862 18.62528  4.77093   0.635 33.91982 ? 13  ARG A NH2 1 
ATOM   129  N  NH2 B ARG A 1 13  ? -21.83886 18.77377  0.70068   0.365 33.95631 ? 13  ARG A NH2 1 
ATOM   130  N  N   . LEU A 1 14  ? -16.88539 13.02456  2.58587   1.000 33.10232 ? 14  LEU A N   1 
ATOM   131  C  CA  . LEU A 1 14  ? -16.83408 11.81552  3.38896   1.000 32.33368 ? 14  LEU A CA  1 
ATOM   132  C  C   . LEU A 1 14  ? -15.44222 11.20024  3.37875   1.000 34.54434 ? 14  LEU A C   1 
ATOM   133  O  O   . LEU A 1 14  ? -14.76804 11.16186  2.34315   1.000 31.29201 ? 14  LEU A O   1 
ATOM   134  C  CB  . LEU A 1 14  ? -17.85923 10.79706  2.88260   1.000 31.31476 ? 14  LEU A CB  1 
ATOM   135  C  CG  . LEU A 1 14  ? -19.30772 11.28376  2.81688   1.000 31.98232 ? 14  LEU A CG  1 
ATOM   136  C  CD1 . LEU A 1 14  ? -20.15576 10.25700  2.09242   1.000 28.98041 ? 14  LEU A CD1 1 
ATOM   137  C  CD2 . LEU A 1 14  ? -19.85764 11.55134  4.20991   1.000 32.17695 ? 14  LEU A CD2 1 
ATOM   138  N  N   . GLU A 1 15  ? -15.02244 10.72448  4.54718   1.000 32.66568 ? 15  GLU A N   1 
ATOM   139  C  CA  . GLU A 1 15  ? -13.78689 9.97458   4.69544   1.000 33.17256 ? 15  GLU A CA  1 
ATOM   140  C  C   . GLU A 1 15  ? -13.97049 8.98606   5.83477   1.000 36.27085 ? 15  GLU A C   1 
ATOM   141  O  O   . GLU A 1 15  ? -14.83532 9.16739   6.69590   1.000 36.46216 ? 15  GLU A O   1 
ATOM   142  C  CB  . GLU A 1 15  ? -12.58846 10.88782  4.96594   1.000 32.06537 ? 15  GLU A CB  1 
ATOM   143  C  CG  . GLU A 1 15  ? -12.58049 11.46317  6.36822   1.000 40.89048 ? 15  GLU A CG  1 
ATOM   144  C  CD  . GLU A 1 15  ? -11.41067 12.38978  6.61626   1.000 38.89952 ? 15  GLU A CD  1 
ATOM   145  O  OE1 . GLU A 1 15  ? -11.09821 13.21338  5.72910   1.000 40.92112 ? 15  GLU A OE1 1 
ATOM   146  O  OE2 . GLU A 1 15  ? -10.80106 12.29196  7.70161   1.000 40.02259 ? 15  GLU A OE2 1 
ATOM   147  N  N   . TYR A 1 16  ? -13.14921 7.93911   5.83285   1.000 34.27572 ? 16  TYR A N   1 
ATOM   148  C  CA  . TYR A 1 16  ? -13.26843 6.85677   6.80595   1.000 36.46335 ? 16  TYR A CA  1 
ATOM   149  C  C   . TYR A 1 16  ? -11.87055 6.42075   7.21678   1.000 36.08784 ? 16  TYR A C   1 
ATOM   150  O  O   . TYR A 1 16  ? -11.13484 5.85089   6.40540   1.000 35.53338 ? 16  TYR A O   1 
ATOM   151  C  CB  . TYR A 1 16  ? -14.06570 5.68730   6.22516   1.000 36.86026 ? 16  TYR A CB  1 
ATOM   152  C  CG  . TYR A 1 16  ? -14.04693 4.43287   7.07022   1.000 37.93409 ? 16  TYR A CG  1 
ATOM   153  C  CD1 . TYR A 1 16  ? -14.82550 4.33043   8.21782   1.000 42.01322 ? 16  TYR A CD1 1 
ATOM   154  C  CD2 . TYR A 1 16  ? -13.26047 3.34367   6.71214   1.000 37.23122 ? 16  TYR A CD2 1 
ATOM   155  C  CE1 . TYR A 1 16  ? -14.81197 3.17911   8.99028   1.000 42.74500 ? 16  TYR A CE1 1 
ATOM   156  C  CE2 . TYR A 1 16  ? -13.24085 2.19194   7.47680   1.000 40.67865 ? 16  TYR A CE2 1 
ATOM   157  C  CZ  . TYR A 1 16  ? -14.01834 2.11423   8.61434   1.000 44.98184 ? 16  TYR A CZ  1 
ATOM   158  O  OH  . TYR A 1 16  ? -13.99912 0.96669   9.37564   1.000 46.20963 ? 16  TYR A OH  1 
ATOM   159  N  N   . LEU A 1 17  ? -11.50585 6.69025   8.46810   1.000 37.03238 ? 17  LEU A N   1 
ATOM   160  C  CA  . LEU A 1 17  ? -10.19283 6.30628   8.97850   1.000 35.88255 ? 17  LEU A CA  1 
ATOM   161  C  C   . LEU A 1 17  ? -10.07924 4.78879   8.99576   1.000 35.86049 ? 17  LEU A C   1 
ATOM   162  O  O   . LEU A 1 17  ? -10.75061 4.11565   9.78217   1.000 38.23013 ? 17  LEU A O   1 
ATOM   163  C  CB  . LEU A 1 17  ? -9.96674  6.88305   10.37297  1.000 33.92560 ? 17  LEU A CB  1 
ATOM   164  C  CG  . LEU A 1 17  ? -8.73107  6.32631   11.09163  1.000 34.69963 ? 17  LEU A CG  1 
ATOM   165  C  CD1 . LEU A 1 17  ? -7.44923  6.73643   10.37400  1.000 35.22522 ? 17  LEU A CD1 1 
ATOM   166  C  CD2 . LEU A 1 17  ? -8.69692  6.74929   12.55554  1.000 38.07071 ? 17  LEU A CD2 1 
ATOM   167  N  N   . VAL A 1 18  ? -9.22888  4.24847   8.12674   1.000 34.03766 ? 18  VAL A N   1 
ATOM   168  C  CA  . VAL A 1 18  ? -9.00606  2.80728   8.09472   1.000 32.65049 ? 18  VAL A CA  1 
ATOM   169  C  C   . VAL A 1 18  ? -8.16435  2.37192   9.28420   1.000 35.73205 ? 18  VAL A C   1 
ATOM   170  O  O   . VAL A 1 18  ? -8.55079  1.47664   10.04348  1.000 35.32324 ? 18  VAL A O   1 
ATOM   171  C  CB  . VAL A 1 18  ? -8.35393  2.39665   6.76161   1.000 31.11051 ? 18  VAL A CB  1 
ATOM   172  C  CG1 . VAL A 1 18  ? -7.87075  0.95564   6.82950   1.000 28.40728 ? 18  VAL A CG1 1 
ATOM   173  C  CG2 . VAL A 1 18  ? -9.33324  2.58270   5.61857   1.000 31.08412 ? 18  VAL A CG2 1 
ATOM   174  N  N   . GLU A 1 19  ? -7.00969  3.00690   9.47180   1.000 33.11391 ? 19  GLU A N   1 
ATOM   175  C  CA  . GLU A 1 19  ? -6.09877  2.60102   10.52982  1.000 34.48140 ? 19  GLU A CA  1 
ATOM   176  C  C   . GLU A 1 19  ? -5.06745  3.69387   10.75868  1.000 34.33152 ? 19  GLU A C   1 
ATOM   177  O  O   . GLU A 1 19  ? -4.62576  4.35424   9.81486   1.000 32.02681 ? 19  GLU A O   1 
ATOM   178  C  CB  . GLU A 1 19  ? -5.40116  1.28486   10.17557  1.000 33.30424 ? 19  GLU A CB  1 
ATOM   179  C  CG  . GLU A 1 19  ? -4.64739  0.65111   11.32549  1.000 33.77128 ? 19  GLU A CG  1 
ATOM   180  C  CD  . GLU A 1 19  ? -4.07709  -0.70428  10.96799  1.000 36.09244 ? 19  GLU A CD  1 
ATOM   181  O  OE1 . GLU A 1 19  ? -3.21562  -0.77399  10.06520  1.000 35.14887 ? 19  GLU A OE1 1 
ATOM   182  O  OE2 . GLU A 1 19  ? -4.50220  -1.70385  11.58211  1.000 38.48680 ? 19  GLU A OE2 1 
ATOM   183  N  N   . ASN A 1 20  ? -4.68673  3.87027   12.02531  1.000 33.56627 ? 20  ASN A N   1 
ATOM   184  C  CA  . ASN A 1 20  ? -3.54956  4.70211   12.40947  1.000 34.85477 ? 20  ASN A CA  1 
ATOM   185  C  C   . ASN A 1 20  ? -2.46181  3.75835   12.90387  1.000 34.33191 ? 20  ASN A C   1 
ATOM   186  O  O   . ASN A 1 20  ? -2.33811  3.51734   14.11445  1.000 35.50291 ? 20  ASN A O   1 
ATOM   187  C  CB  . ASN A 1 20  ? -3.92562  5.74082   13.46960  1.000 33.80975 ? 20  ASN A CB  1 
ATOM   188  C  CG  . ASN A 1 20  ? -4.56936  5.12393   14.70674  1.000 39.66407 ? 20  ASN A CG  1 
ATOM   189  O  OD1 . ASN A 1 20  ? -5.55160  4.38689   14.60775  1.000 40.81633 ? 20  ASN A OD1 1 
ATOM   190  N  ND2 . ASN A 1 20  ? -4.00621  5.41347   15.87727  1.000 42.17541 ? 20  ASN A ND2 1 
ATOM   191  N  N   . PRO A 1 21  ? -1.65630  3.19991   12.00364  1.000 35.36043 ? 21  PRO A N   1 
ATOM   192  C  CA  . PRO A 1 21  ? -0.69348  2.17257   12.41833  1.000 35.04618 ? 21  PRO A CA  1 
ATOM   193  C  C   . PRO A 1 21  ? 0.28308   2.69642   13.46072  1.000 36.68208 ? 21  PRO A C   1 
ATOM   194  O  O   . PRO A 1 21  ? 0.90899   3.74492   13.28432  1.000 38.01270 ? 21  PRO A O   1 
ATOM   195  C  CB  . PRO A 1 21  ? 0.02135   1.80631   11.11428  1.000 36.00739 ? 21  PRO A CB  1 
ATOM   196  C  CG  . PRO A 1 21  ? -0.88386  2.27604   10.02507  1.000 34.47353 ? 21  PRO A CG  1 
ATOM   197  C  CD  . PRO A 1 21  ? -1.55941  3.49419   10.56407  1.000 31.98007 ? 21  PRO A CD  1 
ATOM   198  N  N   . GLY A 1 22  ? 0.39949   1.95873   14.56574  1.000 36.67434 ? 22  GLY A N   1 
ATOM   199  C  CA  . GLY A 1 22  ? 1.35835   2.32477   15.59051  1.000 36.85879 ? 22  GLY A CA  1 
ATOM   200  C  C   . GLY A 1 22  ? 2.79146   2.12111   15.14797  1.000 34.64454 ? 22  GLY A C   1 
ATOM   201  O  O   . GLY A 1 22  ? 3.68977   2.84213   15.59085  1.000 37.73941 ? 22  GLY A O   1 
ATOM   202  N  N   . GLY A 1 23  ? 3.02664   1.15028   14.26844  1.000 35.03183 ? 23  GLY A N   1 
ATOM   203  C  CA  . GLY A 1 23  ? 4.36423   0.87840   13.77072  1.000 35.79913 ? 23  GLY A CA  1 
ATOM   204  C  C   . GLY A 1 23  ? 4.70430   1.73420   12.56187  1.000 35.89158 ? 23  GLY A C   1 
ATOM   205  O  O   . GLY A 1 23  ? 3.86490   1.97832   11.69748  1.000 34.24853 ? 23  GLY A O   1 
ATOM   206  N  N   . SER A 1 24  ? 5.95226   2.18490   12.51660  1.000 32.35854 ? 24  SER A N   1 
ATOM   207  C  CA  . SER A 1 24  ? 6.45151   3.01236   11.43188  1.000 33.30225 ? 24  SER A CA  1 
ATOM   208  C  C   . SER A 1 24  ? 7.45744   2.23283   10.59700  1.000 34.36938 ? 24  SER A C   1 
ATOM   209  O  O   . SER A 1 24  ? 8.18108   1.37383   11.10912  1.000 32.32402 ? 24  SER A O   1 
ATOM   210  C  CB  . SER A 1 24  ? 7.10299   4.28964   11.96912  1.000 35.75037 ? 24  SER A CB  1 
ATOM   211  O  OG  . SER A 1 24  ? 6.19635   5.02138   12.76993  1.000 40.15635 ? 24  SER A OG  1 
ATOM   212  N  N   . VAL A 1 25  ? 7.49280   2.53715   9.30453   1.000 32.21722 ? 25  VAL A N   1 
ATOM   213  C  CA  . VAL A 1 25  ? 8.45706   1.93775   8.39034   1.000 30.07650 ? 25  VAL A CA  1 
ATOM   214  C  C   . VAL A 1 25  ? 9.73819   2.75694   8.47931   1.000 31.60296 ? 25  VAL A C   1 
ATOM   215  O  O   . VAL A 1 25  ? 9.75922   3.93295   8.10546   1.000 30.51628 ? 25  VAL A O   1 
ATOM   216  C  CB  . VAL A 1 25  ? 7.92407   1.88729   6.95437   1.000 27.85075 ? 25  VAL A CB  1 
ATOM   217  C  CG1 . VAL A 1 25  ? 9.03581   1.50630   5.99064   1.000 28.88416 ? 25  VAL A CG1 1 
ATOM   218  C  CG2 . VAL A 1 25  ? 6.78136   0.89580   6.85171   1.000 27.35163 ? 25  VAL A CG2 1 
ATOM   219  N  N   . ALA A 1 26  ? 10.79884  2.14164   9.00124   1.000 29.10064 ? 26  ALA A N   1 
ATOM   220  C  CA  . ALA A 1 26  ? 12.09190  2.80740   9.07180   1.000 33.26850 ? 26  ALA A CA  1 
ATOM   221  C  C   . ALA A 1 26  ? 12.53059  3.24912   7.68542   1.000 27.75581 ? 26  ALA A C   1 
ATOM   222  O  O   . ALA A 1 26  ? 12.42205  2.49426   6.71686   1.000 29.57372 ? 26  ALA A O   1 
ATOM   223  C  CB  . ALA A 1 26  ? 13.14067  1.87462   9.68110   1.000 31.77197 ? 26  ALA A CB  1 
ATOM   224  N  N   . ASN A 1 27  ? 13.00466  4.49141   7.59494   1.000 29.44822 ? 27  ASN A N   1 
ATOM   225  C  CA  . ASN A 1 27  ? 13.53436  5.08286   6.36807   1.000 29.96056 ? 27  ASN A CA  1 
ATOM   226  C  C   . ASN A 1 27  ? 12.46804  5.33247   5.30499   1.000 32.02636 ? 27  ASN A C   1 
ATOM   227  O  O   . ASN A 1 27  ? 12.79428  5.47328   4.12247   1.000 30.72273 ? 27  ASN A O   1 
ATOM   228  C  CB  . ASN A 1 27  ? 14.67247  4.23699   5.78232   1.000 31.51584 ? 27  ASN A CB  1 
ATOM   229  C  CG  . ASN A 1 27  ? 15.84329  4.09454   6.73574   1.000 34.29206 ? 27  ASN A CG  1 
ATOM   230  O  OD1 . ASN A 1 27  ? 16.27868  5.06487   7.35699   1.000 35.74345 ? 27  ASN A OD1 1 
ATOM   231  N  ND2 . ASN A 1 27  ? 16.35612  2.87728   6.86070   1.000 36.71977 ? 27  ASN A ND2 1 
ATOM   232  N  N   . SER A 1 28  ? 11.19907  5.39438   5.68936   1.000 29.26782 ? 28  SER A N   1 
ATOM   233  C  CA  . SER A 1 28  ? 10.15865  5.86470   4.78752   1.000 29.48659 ? 28  SER A CA  1 
ATOM   234  C  C   . SER A 1 28  ? 10.14998  7.38516   4.78097   1.000 29.64104 ? 28  SER A C   1 
ATOM   235  O  O   . SER A 1 28  ? 10.30606  8.02221   5.82610   1.000 31.14639 ? 28  SER A O   1 
ATOM   236  C  CB  . SER A 1 28  ? 8.78100   5.34168   5.20158   1.000 31.08676 ? 28  SER A CB  1 
ATOM   237  O  OG  . SER A 1 28  ? 7.74723   5.98976   4.47432   1.000 32.46362 ? 28  SER A OG  1 
ATOM   238  N  N   . LYS A 1 29  ? 9.98804   7.96042   3.59428   1.000 31.55915 ? 29  LYS A N   1 
ATOM   239  C  CA  . LYS A 1 29  ? 9.74018   9.38885   3.48772   1.000 32.52228 ? 29  LYS A CA  1 
ATOM   240  C  C   . LYS A 1 29  ? 8.48899   9.76160   4.27302   1.000 31.48048 ? 29  LYS A C   1 
ATOM   241  O  O   . LYS A 1 29  ? 7.49573   9.03045   4.28695   1.000 32.88287 ? 29  LYS A O   1 
ATOM   242  C  CB  . LYS A 1 29  ? 9.57453   9.79045   2.02339   1.000 32.63604 ? 29  LYS A CB  1 
ATOM   243  C  CG  . LYS A 1 29  ? 9.20260   11.24391  1.79505   1.000 34.53111 ? 29  LYS A CG  1 
ATOM   244  C  CD  . LYS A 1 29  ? 8.77644   11.46112  0.35296   1.000 36.34984 ? 29  LYS A CD  1 
ATOM   245  C  CE  . LYS A 1 29  ? 9.43432   12.69683  -0.22767  1.000 40.86772 ? 29  LYS A CE  1 
ATOM   246  N  NZ  . LYS A 1 29  ? 9.15381   13.89132  0.61391   1.000 41.21588 ? 29  LYS A NZ  1 
ATOM   247  N  N   . ALA A 1 30  ? 8.55023   10.90495  4.94412   1.000 32.05025 ? 30  ALA A N   1 
ATOM   248  C  CA  . ALA A 1 30  ? 7.41824   11.44235  5.68440   1.000 34.85372 ? 30  ALA A CA  1 
ATOM   249  C  C   . ALA A 1 30  ? 6.64467   12.39628  4.78306   1.000 34.71244 ? 30  ALA A C   1 
ATOM   250  O  O   . ALA A 1 30  ? 7.17311   13.44231  4.38927   1.000 33.54284 ? 30  ALA A O   1 
ATOM   251  C  CB  . ALA A 1 30  ? 7.89206   12.15932  6.94674   1.000 33.59194 ? 30  ALA A CB  1 
ATOM   252  N  N   . ALA A 1 31  ? 5.39930   12.04321  4.46980   1.000 34.84934 ? 31  ALA A N   1 
ATOM   253  C  CA  . ALA A 1 31  ? 4.55832   12.85985  3.59791   1.000 33.90489 ? 31  ALA A CA  1 
ATOM   254  C  C   . ALA A 1 31  ? 3.12616   12.32904  3.64849   1.000 32.54027 ? 31  ALA A C   1 
ATOM   255  O  O   . ALA A 1 31  ? 2.84103   11.30108  4.26631   1.000 30.12379 ? 31  ALA A O   1 
ATOM   256  C  CB  . ALA A 1 31  ? 5.07768   12.87321  2.15832   1.000 34.72664 ? 31  ALA A CB  1 
ATOM   257  N  N   A THR A 1 32  ? 2.22303   13.06588  3.00464   0.549 31.46496 ? 32  THR A N   1 
ATOM   258  N  N   B THR A 1 32  ? 2.23103   13.05163  2.98352   0.451 31.47547 ? 32  THR A N   1 
ATOM   259  C  CA  A THR A 1 32  ? 0.84999   12.62318  2.79741   0.549 33.00510 ? 32  THR A CA  1 
ATOM   260  C  CA  B THR A 1 32  ? 0.84619   12.63804  2.80034   0.451 33.00502 ? 32  THR A CA  1 
ATOM   261  C  C   A THR A 1 32  ? 0.58364   12.57219  1.30158   0.549 32.79230 ? 32  THR A C   1 
ATOM   262  C  C   B THR A 1 32  ? 0.56244   12.58654  1.30774   0.451 32.78424 ? 32  THR A C   1 
ATOM   263  O  O   A THR A 1 32  ? 0.96814   13.48715  0.56621   0.549 33.34143 ? 32  THR A O   1 
ATOM   264  O  O   B THR A 1 32  ? 0.90875   13.52119  0.57920   0.451 33.35466 ? 32  THR A O   1 
ATOM   265  C  CB  A THR A 1 32  ? -0.17122  13.54063  3.49624   0.549 32.53764 ? 32  THR A CB  1 
ATOM   266  C  CB  B THR A 1 32  ? -0.12491  13.60357  3.49238   0.451 32.53756 ? 32  THR A CB  1 
ATOM   267  O  OG1 A THR A 1 32  ? -1.48798  12.99444  3.35202   0.549 33.34513 ? 32  THR A OG1 1 
ATOM   268  O  OG1 B THR A 1 32  ? 0.01744   13.49644  4.91244   0.451 33.36828 ? 32  THR A OG1 1 
ATOM   269  C  CG2 A THR A 1 32  ? -0.16542  14.95370  2.91678   0.549 33.56689 ? 32  THR A CG2 1 
ATOM   270  C  CG2 B THR A 1 32  ? -1.56265  13.29346  3.11325   0.451 33.09166 ? 32  THR A CG2 1 
ATOM   271  N  N   . VAL A 1 33  ? -0.03383  11.48706  0.84815   1.000 31.15142 ? 33  VAL A N   1 
ATOM   272  C  CA  . VAL A 1 33  ? -0.36789  11.31181  -0.55905  1.000 30.33133 ? 33  VAL A CA  1 
ATOM   273  C  C   . VAL A 1 33  ? -1.79006  10.78173  -0.65975  1.000 32.25172 ? 33  VAL A C   1 
ATOM   274  O  O   . VAL A 1 33  ? -2.27088  10.06540  0.22282   1.000 28.98579 ? 33  VAL A O   1 
ATOM   275  C  CB  . VAL A 1 33  ? 0.61403   10.36598  -1.29332  1.000 29.92168 ? 33  VAL A CB  1 
ATOM   276  C  CG1 . VAL A 1 33  ? 2.02053   10.94701  -1.30226  1.000 30.88542 ? 33  VAL A CG1 1 
ATOM   277  C  CG2 . VAL A 1 33  ? 0.59982   8.97356   -0.66772  1.000 31.41100 ? 33  VAL A CG2 1 
ATOM   278  N  N   . THR A 1 34  ? -2.46812  11.14596  -1.74597  1.000 32.86765 ? 34  THR A N   1 
ATOM   279  C  CA  . THR A 1 34  ? -3.84117  10.72022  -1.97373  1.000 28.13440 ? 34  THR A CA  1 
ATOM   280  C  C   . THR A 1 34  ? -3.99372  10.29786  -3.42468  1.000 32.77398 ? 34  THR A C   1 
ATOM   281  O  O   . THR A 1 34  ? -3.55734  11.01064  -4.33404  1.000 33.03954 ? 34  THR A O   1 
ATOM   282  C  CB  . THR A 1 34  ? -4.83959  11.83614  -1.63272  1.000 32.81209 ? 34  THR A CB  1 
ATOM   283  O  OG1 . THR A 1 34  ? -4.72556  12.17042  -0.24445  1.000 32.71873 ? 34  THR A OG1 1 
ATOM   284  C  CG2 . THR A 1 34  ? -6.26540  11.40035  -1.92115  1.000 32.39900 ? 34  THR A CG2 1 
ATOM   285  N  N   . GLY A 1 35  ? -4.60980  9.14336   -3.63399  1.000 31.27163 ? 35  GLY A N   1 
ATOM   286  C  CA  . GLY A 1 35  ? -4.85661  8.68218   -4.98237  1.000 32.05154 ? 35  GLY A CA  1 
ATOM   287  C  C   . GLY A 1 35  ? -5.47805  7.30575   -4.96947  1.000 29.31064 ? 35  GLY A C   1 
ATOM   288  O  O   . GLY A 1 35  ? -5.91316  6.81076   -3.92904  1.000 28.89634 ? 35  GLY A O   1 
ATOM   289  N  N   A LYS A 1 36  ? -5.51404  6.69749   -6.14471  0.636 31.23198 ? 36  LYS A N   1 
ATOM   290  N  N   B LYS A 1 36  ? -5.51931  6.70104   -6.15454  0.364 31.24105 ? 36  LYS A N   1 
ATOM   291  C  CA  A LYS A 1 36  ? -6.02739  5.34843   -6.32567  0.636 31.50380 ? 36  LYS A CA  1 
ATOM   292  C  CA  B LYS A 1 36  ? -6.02161  5.34363   -6.28829  0.364 31.52483 ? 36  LYS A CA  1 
ATOM   293  C  C   A LYS A 1 36  ? -5.12310  4.32813   -5.63607  0.636 29.65547 ? 36  LYS A C   1 
ATOM   294  C  C   B LYS A 1 36  ? -5.13315  4.36905   -5.52691  0.364 29.67152 ? 36  LYS A C   1 
ATOM   295  O  O   A LYS A 1 36  ? -3.91149  4.52458   -5.52254  0.636 29.92578 ? 36  LYS A O   1 
ATOM   296  O  O   B LYS A 1 36  ? -3.94381  4.60855   -5.30158  0.364 29.65936 ? 36  LYS A O   1 
ATOM   297  C  CB  A LYS A 1 36  ? -6.13139  5.05887   -7.82343  0.636 30.85886 ? 36  LYS A CB  1 
ATOM   298  C  CB  B LYS A 1 36  ? -6.07247  4.90964   -7.75291  0.364 30.94448 ? 36  LYS A CB  1 
ATOM   299  C  CG  A LYS A 1 36  ? -6.56318  3.67251   -8.22069  0.636 31.58563 ? 36  LYS A CG  1 
ATOM   300  C  CG  B LYS A 1 36  ? -6.94837  5.72455   -8.67515  0.364 32.70168 ? 36  LYS A CG  1 
ATOM   301  C  CD  A LYS A 1 36  ? -6.25907  3.45967   -9.69418  0.636 33.12609 ? 36  LYS A CD  1 
ATOM   302  C  CD  B LYS A 1 36  ? -7.32511  4.90006   -9.90677  0.364 33.61607 ? 36  LYS A CD  1 
ATOM   303  C  CE  A LYS A 1 36  ? -6.89769  4.52756   -10.56962 0.636 32.61393 ? 36  LYS A CE  1 
ATOM   304  C  CE  B LYS A 1 36  ? -6.26768  3.85465   -10.25237 0.364 33.17582 ? 36  LYS A CE  1 
ATOM   305  N  NZ  A LYS A 1 36  ? -6.80270  4.17743   -12.01416 0.636 36.03519 ? 36  LYS A NZ  1 
ATOM   306  N  NZ  B LYS A 1 36  ? -5.00116  4.42503   -10.80002 0.364 33.20203 ? 36  LYS A NZ  1 
ATOM   307  N  N   . LEU A 1 37  ? -5.72670  3.24240   -5.14936  1.000 30.00297 ? 37  LEU A N   1 
ATOM   308  C  CA  . LEU A 1 37  ? -4.99583  2.13604   -4.54418  1.000 27.83659 ? 37  LEU A CA  1 
ATOM   309  C  C   . LEU A 1 37  ? -5.04782  0.94944   -5.49402  1.000 29.59112 ? 37  LEU A C   1 
ATOM   310  O  O   . LEU A 1 37  ? -6.13369  0.51359   -5.88870  1.000 28.07699 ? 37  LEU A O   1 
ATOM   311  C  CB  . LEU A 1 37  ? -5.56724  1.75319   -3.17974  1.000 28.81413 ? 37  LEU A CB  1 
ATOM   312  C  CG  . LEU A 1 37  ? -4.72930  0.73242   -2.41006  1.000 27.60925 ? 37  LEU A CG  1 
ATOM   313  C  CD1 . LEU A 1 37  ? -3.33145  1.28110   -2.20996  1.000 26.43540 ? 37  LEU A CD1 1 
ATOM   314  C  CD2 . LEU A 1 37  ? -5.36626  0.37383   -1.07444  1.000 28.85171 ? 37  LEU A CD2 1 
ATOM   315  N  N   . VAL A 1 38  ? -3.87547  0.42790   -5.84830  1.000 26.78314 ? 38  VAL A N   1 
ATOM   316  C  CA  . VAL A 1 38  ? -3.73824  -0.67123  -6.79605  1.000 29.40046 ? 38  VAL A CA  1 
ATOM   317  C  C   . VAL A 1 38  ? -2.99201  -1.80667  -6.10929  1.000 26.10734 ? 38  VAL A C   1 
ATOM   318  O  O   . VAL A 1 38  ? -1.89885  -1.60028  -5.57301  1.000 27.40727 ? 38  VAL A O   1 
ATOM   319  C  CB  . VAL A 1 38  ? -2.99563  -0.22396  -8.06885  1.000 28.39101 ? 38  VAL A CB  1 
ATOM   320  C  CG1 . VAL A 1 38  ? -2.65154  -1.41978  -8.94329  1.000 30.17565 ? 38  VAL A CG1 1 
ATOM   321  C  CG2 . VAL A 1 38  ? -3.82832  0.78727   -8.83380  1.000 27.78237 ? 38  VAL A CG2 1 
ATOM   322  N  N   . HIS A 1 39  ? -3.57876  -2.99943  -6.12239  1.000 28.10395 ? 39  HIS A N   1 
ATOM   323  C  CA  . HIS A 1 39  ? -2.92279  -4.16720  -5.55148  1.000 27.23796 ? 39  HIS A CA  1 
ATOM   324  C  C   . HIS A 1 39  ? -1.89859  -4.70957  -6.53930  1.000 28.82468 ? 39  HIS A C   1 
ATOM   325  O  O   . HIS A 1 39  ? -2.20893  -4.91620  -7.71602  1.000 30.70137 ? 39  HIS A O   1 
ATOM   326  C  CB  . HIS A 1 39  ? -3.95251  -5.24018  -5.19379  1.000 28.21985 ? 39  HIS A CB  1 
ATOM   327  C  CG  . HIS A 1 39  ? -3.51500  -6.15163  -4.08907  1.000 26.93532 ? 39  HIS A CG  1 
ATOM   328  N  ND1 . HIS A 1 39  ? -2.23133  -6.64410  -3.99106  1.000 27.30802 ? 39  HIS A ND1 1 
ATOM   329  C  CD2 . HIS A 1 39  ? -4.19062  -6.64910  -3.02634  1.000 31.55640 ? 39  HIS A CD2 1 
ATOM   330  C  CE1 . HIS A 1 39  ? -2.13689  -7.41253  -2.92115  1.000 30.67281 ? 39  HIS A CE1 1 
ATOM   331  N  NE2 . HIS A 1 39  ? -3.31247  -7.43235  -2.31799  1.000 26.10929 ? 39  HIS A NE2 1 
ATOM   332  N  N   . ALA A 1 40  ? -0.67559  -4.92392  -6.06307  1.000 27.12663 ? 40  ALA A N   1 
ATOM   333  C  CA  . ALA A 1 40  ? 0.43824   -5.37677  -6.88742  1.000 26.81121 ? 40  ALA A CA  1 
ATOM   334  C  C   . ALA A 1 40  ? 1.04349   -6.66209  -6.34035  1.000 29.43255 ? 40  ALA A C   1 
ATOM   335  O  O   . ALA A 1 40  ? 2.24527   -6.90791  -6.47262  1.000 29.32959 ? 40  ALA A O   1 
ATOM   336  C  CB  . ALA A 1 40  ? 1.50405   -4.28937  -7.00423  1.000 28.98555 ? 40  ALA A CB  1 
ATOM   337  N  N   . ASN A 1 41  ? 0.20434   -7.49033  -5.71420  1.000 28.92704 ? 41  ASN A N   1 
ATOM   338  C  CA  . ASN A 1 41  ? 0.60684   -8.78128  -5.16582  1.000 28.84189 ? 41  ASN A CA  1 
ATOM   339  C  C   . ASN A 1 41  ? 1.77620   -8.62222  -4.20194  1.000 30.59579 ? 41  ASN A C   1 
ATOM   340  O  O   . ASN A 1 41  ? 1.62992   -8.00135  -3.14536  1.000 30.93895 ? 41  ASN A O   1 
ATOM   341  C  CB  . ASN A 1 41  ? 0.95444   -9.75810  -6.29508  1.000 33.09023 ? 41  ASN A CB  1 
ATOM   342  C  CG  . ASN A 1 41  ? 0.81369   -11.21072 -5.87826  1.000 33.71329 ? 41  ASN A CG  1 
ATOM   343  O  OD1 . ASN A 1 41  ? 0.29833   -11.51376 -4.80184  1.000 32.80290 ? 41  ASN A OD1 1 
ATOM   344  N  ND2 . ASN A 1 41  ? 1.26244   -12.11873 -6.73817  1.000 33.43508 ? 41  ASN A ND2 1 
ATOM   345  N  N   . PHE A 1 42  ? 2.93885   -9.16744  -4.55244  1.000 28.42745 ? 42  PHE A N   1 
ATOM   346  C  CA  . PHE A 1 42  ? 4.12091   -9.05604  -3.70646  1.000 30.45415 ? 42  PHE A CA  1 
ATOM   347  C  C   . PHE A 1 42  ? 5.02604   -7.89282  -4.08930  1.000 28.56035 ? 42  PHE A C   1 
ATOM   348  O  O   . PHE A 1 42  ? 6.03005   -7.65771  -3.40757  1.000 29.94292 ? 42  PHE A O   1 
ATOM   349  C  CB  . PHE A 1 42  ? 4.92986   -10.35707 -3.74672  1.000 30.29922 ? 42  PHE A CB  1 
ATOM   350  C  CG  . PHE A 1 42  ? 4.24042   -11.51432 -3.09177  1.000 31.70743 ? 42  PHE A CG  1 
ATOM   351  C  CD1 . PHE A 1 42  ? 4.24973   -11.65030 -1.71401  1.000 30.58297 ? 42  PHE A CD1 1 
ATOM   352  C  CD2 . PHE A 1 42  ? 3.58207   -12.46586 -3.84973  1.000 31.40557 ? 42  PHE A CD2 1 
ATOM   353  C  CE1 . PHE A 1 42  ? 3.61641   -12.71238 -1.10517  1.000 30.73027 ? 42  PHE A CE1 1 
ATOM   354  C  CE2 . PHE A 1 42  ? 2.94656   -13.53164 -3.24614  1.000 32.49287 ? 42  PHE A CE2 1 
ATOM   355  C  CZ  . PHE A 1 42  ? 2.96526   -13.65466 -1.87210  1.000 29.86914 ? 42  PHE A CZ  1 
ATOM   356  N  N   . GLY A 1 43  ? 4.69884   -7.16132  -5.15075  1.000 29.99271 ? 43  GLY A N   1 
ATOM   357  C  CA  . GLY A 1 43  ? 5.54477   -6.07217  -5.58226  1.000 27.48558 ? 43  GLY A CA  1 
ATOM   358  C  C   . GLY A 1 43  ? 6.80504   -6.48539  -6.30392  1.000 28.10861 ? 43  GLY A C   1 
ATOM   359  O  O   . GLY A 1 43  ? 7.69535   -5.64835  -6.48659  1.000 27.63033 ? 43  GLY A O   1 
ATOM   360  N  N   . THR A 1 44  ? 6.92092   -7.74681  -6.70741  1.000 26.07127 ? 44  THR A N   1 
ATOM   361  C  CA  . THR A 1 44  ? 8.05430   -8.16484  -7.51301  1.000 29.65657 ? 44  THR A CA  1 
ATOM   362  C  C   . THR A 1 44  ? 7.95709   -7.55199  -8.90478  1.000 30.79529 ? 44  THR A C   1 
ATOM   363  O  O   . THR A 1 44  ? 6.91107   -7.04798  -9.32078  1.000 28.00476 ? 44  THR A O   1 
ATOM   364  C  CB  . THR A 1 44  ? 8.12536   -9.68991  -7.61504  1.000 29.37542 ? 44  THR A CB  1 
ATOM   365  O  OG1 . THR A 1 44  ? 6.93406   -10.18580 -8.23484  1.000 30.64501 ? 44  THR A OG1 1 
ATOM   366  C  CG2 . THR A 1 44  ? 8.26512   -10.31414 -6.23931  1.000 28.61043 ? 44  THR A CG2 1 
ATOM   367  N  N   . LYS A 1 45  ? 9.07461   -7.59408  -9.62914  1.000 30.37363 ? 45  LYS A N   1 
ATOM   368  C  CA  . LYS A 1 45  ? 9.08780   -7.06206  -10.98618 1.000 31.17587 ? 45  LYS A CA  1 
ATOM   369  C  C   . LYS A 1 45  ? 8.06784   -7.77854  -11.86319 1.000 29.80005 ? 45  LYS A C   1 
ATOM   370  O  O   . LYS A 1 45  ? 7.30576   -7.13779  -12.59272 1.000 32.33463 ? 45  LYS A O   1 
ATOM   371  C  CB  . LYS A 1 45  ? 10.49835  -7.15505  -11.57111 1.000 34.53592 ? 45  LYS A CB  1 
ATOM   372  C  CG  . LYS A 1 45  ? 11.42021  -6.04633  -11.06297 1.000 33.70802 ? 45  LYS A CG  1 
ATOM   373  C  CD  . LYS A 1 45  ? 12.89338  -6.36415  -11.26655 1.000 40.35073 ? 45  LYS A CD  1 
ATOM   374  C  CE  . LYS A 1 45  ? 13.77519  -5.24891  -10.71179 1.000 43.04266 ? 45  LYS A CE  1 
ATOM   375  N  NZ  . LYS A 1 45  ? 13.66336  -5.11395  -9.22821  1.000 38.54604 ? 45  LYS A NZ  1 
ATOM   376  N  N   . LYS A 1 46  ? 8.00746   -9.11139  -11.77443 1.000 29.56168 ? 46  LYS A N   1 
ATOM   377  C  CA  . LYS A 1 46  ? 7.02726   -9.85035  -12.56755 1.000 31.79808 ? 46  LYS A CA  1 
ATOM   378  C  C   . LYS A 1 46  ? 5.60170   -9.48456  -12.16987 1.000 31.57013 ? 46  LYS A C   1 
ATOM   379  O  O   . LYS A 1 46  ? 4.72321   -9.37105  -13.03202 1.000 29.17147 ? 46  LYS A O   1 
ATOM   380  C  CB  . LYS A 1 46  ? 7.24643   -11.35862 -12.43655 1.000 33.23190 ? 46  LYS A CB  1 
ATOM   381  C  CG  . LYS A 1 46  ? 6.24295   -12.16823 -13.25040 1.000 34.81006 ? 46  LYS A CG  1 
ATOM   382  C  CD  . LYS A 1 46  ? 6.34718   -13.66093 -13.00424 1.000 37.91630 ? 46  LYS A CD  1 
ATOM   383  C  CE  . LYS A 1 46  ? 5.14296   -14.38342 -13.59019 1.000 39.95284 ? 46  LYS A CE  1 
ATOM   384  N  NZ  . LYS A 1 46  ? 3.87290   -13.94998 -12.93951 1.000 43.85635 ? 46  LYS A NZ  1 
ATOM   385  N  N   . ASP A 1 47  ? 5.35176   -9.29821  -10.86997 1.000 30.78128 ? 47  ASP A N   1 
ATOM   386  C  CA  . ASP A 1 47  ? 4.03135   -8.85251  -10.43109 1.000 29.31477 ? 47  ASP A CA  1 
ATOM   387  C  C   . ASP A 1 47  ? 3.62611   -7.56666  -11.13619 1.000 30.80577 ? 47  ASP A C   1 
ATOM   388  O  O   . ASP A 1 47  ? 2.48505   -7.42811  -11.59032 1.000 28.99275 ? 47  ASP A O   1 
ATOM   389  C  CB  . ASP A 1 47  ? 4.01116   -8.64785  -8.91444  1.000 24.49789 ? 47  ASP A CB  1 
ATOM   390  C  CG  . ASP A 1 47  ? 3.88278   -9.94893  -8.14889  1.000 30.08321 ? 47  ASP A CG  1 
ATOM   391  O  OD1 . ASP A 1 47  ? 3.41066   -10.94371 -8.74024  1.000 31.06082 ? 47  ASP A OD1 1 
ATOM   392  O  OD2 . ASP A 1 47  ? 4.24704   -9.97482  -6.95464  1.000 30.98927 ? 47  ASP A OD2 1 
ATOM   393  N  N   . PHE A 1 48  ? 4.55654   -6.61890  -11.25223 1.000 29.37313 ? 48  PHE A N   1 
ATOM   394  C  CA  . PHE A 1 48  ? 4.24340   -5.35081  -11.89767 1.000 29.75601 ? 48  PHE A CA  1 
ATOM   395  C  C   . PHE A 1 48  ? 4.12042   -5.49810  -13.40738 1.000 30.45592 ? 48  PHE A C   1 
ATOM   396  O  O   . PHE A 1 48  ? 3.34558   -4.76854  -14.03466 1.000 31.61736 ? 48  PHE A O   1 
ATOM   397  C  CB  . PHE A 1 48  ? 5.30111   -4.30872  -11.53729 1.000 26.76742 ? 48  PHE A CB  1 
ATOM   398  C  CG  . PHE A 1 48  ? 5.13814   -3.73872  -10.15593 1.000 32.33502 ? 48  PHE A CG  1 
ATOM   399  C  CD1 . PHE A 1 48  ? 4.07400   -2.90163  -9.86193  1.000 31.07917 ? 48  PHE A CD1 1 
ATOM   400  C  CD2 . PHE A 1 48  ? 6.04812   -4.03425  -9.15456  1.000 28.85257 ? 48  PHE A CD2 1 
ATOM   401  C  CE1 . PHE A 1 48  ? 3.91854   -2.37150  -8.59704  1.000 28.98587 ? 48  PHE A CE1 1 
ATOM   402  C  CE2 . PHE A 1 48  ? 5.89436   -3.50740  -7.88444  1.000 31.32936 ? 48  PHE A CE2 1 
ATOM   403  C  CZ  . PHE A 1 48  ? 4.82840   -2.67687  -7.60526  1.000 29.90414 ? 48  PHE A CZ  1 
ATOM   404  N  N   . GLU A 1 49  ? 4.86553   -6.43095  -14.00581 1.000 31.84817 ? 49  GLU A N   1 
ATOM   405  C  CA  . GLU A 1 49  ? 4.73922   -6.66328  -15.44196 1.000 31.65604 ? 49  GLU A CA  1 
ATOM   406  C  C   . GLU A 1 49  ? 3.36651   -7.22461  -15.79043 1.000 35.34011 ? 49  GLU A C   1 
ATOM   407  O  O   . GLU A 1 49  ? 2.74965   -6.80464  -16.77604 1.000 37.59691 ? 49  GLU A O   1 
ATOM   408  C  CB  . GLU A 1 49  ? 5.83639   -7.61082  -15.93226 1.000 29.63175 ? 49  GLU A CB  1 
ATOM   409  C  CG  . GLU A 1 49  ? 7.26148   -7.19128  -15.60119 1.000 31.01105 ? 49  GLU A CG  1 
ATOM   410  C  CD  . GLU A 1 49  ? 7.80146   -6.09582  -16.49959 1.000 35.58165 ? 49  GLU A CD  1 
ATOM   411  O  OE1 . GLU A 1 49  ? 7.02436   -5.50915  -17.28288 1.000 33.84395 ? 49  GLU A OE1 1 
ATOM   412  O  OE2 . GLU A 1 49  ? 9.01773   -5.82627  -16.42048 1.000 34.40827 ? 49  GLU A OE2 1 
ATOM   413  N  N   . ASP A 1 50  ? 2.87300   -8.17281  -14.99526 1.000 33.46442 ? 50  ASP A N   1 
ATOM   414  C  CA  . ASP A 1 50  ? 1.58359   -8.79574  -15.26148 1.000 32.66797 ? 50  ASP A CA  1 
ATOM   415  C  C   . ASP A 1 50  ? 0.40481   -7.94942  -14.79861 1.000 33.10848 ? 50  ASP A C   1 
ATOM   416  O  O   . ASP A 1 50  ? -0.74451  -8.31876  -15.06691 1.000 34.12384 ? 50  ASP A O   1 
ATOM   417  C  CB  . ASP A 1 50  ? 1.52671   -10.17613 -14.60082 1.000 36.93382 ? 50  ASP A CB  1 
ATOM   418  C  CG  . ASP A 1 50  ? 2.62947   -11.09814 -15.08705 1.000 37.09270 ? 50  ASP A CG  1 
ATOM   419  O  OD1 . ASP A 1 50  ? 3.11206   -10.90449 -16.22248 1.000 35.02434 ? 50  ASP A OD1 1 
ATOM   420  O  OD2 . ASP A 1 50  ? 3.01448   -12.01726 -14.33282 1.000 41.58176 ? 50  ASP A OD2 1 
ATOM   421  N  N   . LEU A 1 51  ? 0.65754   -6.83476  -14.11879 1.000 31.86721 ? 51  LEU A N   1 
ATOM   422  C  CA  . LEU A 1 51  ? -0.41890  -5.96433  -13.66437 1.000 35.87140 ? 51  LEU A CA  1 
ATOM   423  C  C   . LEU A 1 51  ? -1.07769  -5.26608  -14.84471 1.000 36.63652 ? 51  LEU A C   1 
ATOM   424  O  O   . LEU A 1 51  ? -0.39329  -4.73480  -15.72335 1.000 31.77455 ? 51  LEU A O   1 
ATOM   425  C  CB  . LEU A 1 51  ? 0.11549   -4.92071  -12.68453 1.000 36.02159 ? 51  LEU A CB  1 
ATOM   426  C  CG  . LEU A 1 51  ? -0.15086  -5.10738  -11.19330 1.000 32.82317 ? 51  LEU A CG  1 
ATOM   427  C  CD1 . LEU A 1 51  ? 0.34685   -3.89348  -10.42688 1.000 32.23380 ? 51  LEU A CD1 1 
ATOM   428  C  CD2 . LEU A 1 51  ? -1.62709  -5.33482  -10.93602 1.000 34.33740 ? 51  LEU A CD2 1 
ATOM   429  N  N   . TYR A 1 52  ? -2.41082  -5.25471  -14.86114 1.000 33.70410 ? 52  TYR A N   1 
ATOM   430  C  CA  . TYR A 1 52  ? -3.11051  -4.46945  -15.87169 1.000 36.88501 ? 52  TYR A CA  1 
ATOM   431  C  C   . TYR A 1 52  ? -3.06147  -2.98573  -15.55103 1.000 37.30470 ? 52  TYR A C   1 
ATOM   432  O  O   . TYR A 1 52  ? -2.75739  -2.16245  -16.42150 1.000 35.16351 ? 52  TYR A O   1 
ATOM   433  C  CB  . TYR A 1 52  ? -4.57051  -4.89887  -15.99707 1.000 34.26746 ? 52  TYR A CB  1 
ATOM   434  C  CG  . TYR A 1 52  ? -5.33596  -3.96168  -16.89915 1.000 36.15632 ? 52  TYR A CG  1 
ATOM   435  C  CD1 . TYR A 1 52  ? -5.27292  -4.09811  -18.27744 1.000 36.80782 ? 52  TYR A CD1 1 
ATOM   436  C  CD2 . TYR A 1 52  ? -6.09186  -2.91588  -16.37586 1.000 37.45538 ? 52  TYR A CD2 1 
ATOM   437  C  CE1 . TYR A 1 52  ? -5.95159  -3.23577  -19.11094 1.000 37.74120 ? 52  TYR A CE1 1 
ATOM   438  C  CE2 . TYR A 1 52  ? -6.77000  -2.04558  -17.20128 1.000 37.01382 ? 52  TYR A CE2 1 
ATOM   439  C  CZ  . TYR A 1 52  ? -6.69912  -2.21080  -18.56731 1.000 36.77673 ? 52  TYR A CZ  1 
ATOM   440  O  OH  . TYR A 1 52  ? -7.38026  -1.34545  -19.39198 1.000 45.57285 ? 52  TYR A OH  1 
ATOM   441  N  N   . THR A 1 53  ? -3.40056  -2.62785  -14.32324 1.000 36.89471 ? 53  THR A N   1 
ATOM   442  C  CA  . THR A 1 53  ? -3.58339  -1.22638  -13.98825 1.000 37.46369 ? 53  THR A CA  1 
ATOM   443  C  C   . THR A 1 53  ? -2.23460  -0.51993  -13.93229 1.000 37.13845 ? 53  THR A C   1 
ATOM   444  O  O   . THR A 1 53  ? -1.30880  -1.01606  -13.28560 1.000 39.90488 ? 53  THR A O   1 
ATOM   445  C  CB  . THR A 1 53  ? -4.30990  -1.08409  -12.65466 1.000 34.85875 ? 53  THR A CB  1 
ATOM   446  O  OG1 . THR A 1 53  ? -5.55712  -1.78915  -12.71607 1.000 29.97476 ? 53  THR A OG1 1 
ATOM   447  C  CG2 . THR A 1 53  ? -4.57994  0.38299   -12.35565 1.000 35.12924 ? 53  THR A CG2 1 
ATOM   448  N  N   . PRO A 1 54  ? -2.07879  0.61217   -14.61511 1.000 39.67092 ? 54  PRO A N   1 
ATOM   449  C  CA  . PRO A 1 54  ? -0.85063  1.39318   -14.45098 1.000 41.37177 ? 54  PRO A CA  1 
ATOM   450  C  C   . PRO A 1 54  ? -0.77479  1.92853   -13.03472 1.000 37.22371 ? 54  PRO A C   1 
ATOM   451  O  O   . PRO A 1 54  ? -1.74356  2.48237   -12.51276 1.000 38.76983 ? 54  PRO A O   1 
ATOM   452  C  CB  . PRO A 1 54  ? -1.00707  2.52953   -15.47060 1.000 42.97959 ? 54  PRO A CB  1 
ATOM   453  C  CG  . PRO A 1 54  ? -2.14512  2.13363   -16.35470 1.000 41.92759 ? 54  PRO A CG  1 
ATOM   454  C  CD  . PRO A 1 54  ? -3.03009  1.26604   -15.52346 1.000 41.59172 ? 54  PRO A CD  1 
ATOM   455  N  N   . VAL A 1 55  ? 0.38364   1.73613   -12.39794 1.000 36.30252 ? 55  VAL A N   1 
ATOM   456  C  CA  . VAL A 1 55  ? 0.57309   2.22002   -11.03248 1.000 34.73275 ? 55  VAL A CA  1 
ATOM   457  C  C   . VAL A 1 55  ? 1.07736   3.65458   -10.98731 1.000 34.24859 ? 55  VAL A C   1 
ATOM   458  O  O   . VAL A 1 55  ? 1.11716   4.25179   -9.89928  1.000 31.58293 ? 55  VAL A O   1 
ATOM   459  C  CB  . VAL A 1 55  ? 1.53192   1.29776   -10.25121 1.000 36.53656 ? 55  VAL A CB  1 
ATOM   460  C  CG1 . VAL A 1 55  ? 1.24424   -0.16749  -10.56266 1.000 39.12328 ? 55  VAL A CG1 1 
ATOM   461  C  CG2 . VAL A 1 55  ? 2.96615   1.63727   -10.56578 1.000 31.96013 ? 55  VAL A CG2 1 
ATOM   462  N  N   . ASN A 1 56  ? 1.45495   4.22805   -12.13074 1.000 33.26554 ? 56  ASN A N   1 
ATOM   463  C  CA  . ASN A 1 56  ? 1.93155   5.60526   -12.18837 1.000 33.26470 ? 56  ASN A CA  1 
ATOM   464  C  C   . ASN A 1 56  ? 0.88310   6.55980   -11.63204 1.000 34.13292 ? 56  ASN A C   1 
ATOM   465  O  O   . ASN A 1 56  ? -0.23834  6.63357   -12.14437 1.000 35.34953 ? 56  ASN A O   1 
ATOM   466  C  CB  . ASN A 1 56  ? 2.28435   5.97250   -13.63143 1.000 34.77603 ? 56  ASN A CB  1 
ATOM   467  C  CG  . ASN A 1 56  ? 2.30162   7.47476   -13.87197 1.000 40.86437 ? 56  ASN A CG  1 
ATOM   468  O  OD1 . ASN A 1 56  ? 3.16036   8.19003   -13.35704 1.000 40.12632 ? 56  ASN A OD1 1 
ATOM   469  N  ND2 . ASN A 1 56  ? 1.35977   7.95513   -14.68022 1.000 45.88763 ? 56  ASN A ND2 1 
ATOM   470  N  N   . GLY A 1 57  ? 1.25014   7.28394   -10.57780 1.000 32.38575 ? 57  GLY A N   1 
ATOM   471  C  CA  . GLY A 1 57  ? 0.33917   8.19366   -9.91708  1.000 30.15543 ? 57  GLY A CA  1 
ATOM   472  C  C   . GLY A 1 57  ? -0.60282  7.55728   -8.91969  1.000 30.79687 ? 57  GLY A C   1 
ATOM   473  O  O   . GLY A 1 57  ? -1.48917  8.24617   -8.40441  1.000 32.40648 ? 57  GLY A O   1 
ATOM   474  N  N   . SER A 1 58  ? -0.44454  6.26976   -8.62708  1.000 31.88215 ? 58  SER A N   1 
ATOM   475  C  CA  . SER A 1 58  ? -1.32202  5.56994   -7.70263  1.000 29.70553 ? 58  SER A CA  1 
ATOM   476  C  C   . SER A 1 58  ? -0.53910  5.06132   -6.50042  1.000 28.78446 ? 58  SER A C   1 
ATOM   477  O  O   . SER A 1 58  ? 0.67556   4.85722   -6.56341  1.000 27.10316 ? 58  SER A O   1 
ATOM   478  C  CB  . SER A 1 58  ? -2.02536  4.38819   -8.38451  1.000 30.35271 ? 58  SER A CB  1 
ATOM   479  O  OG  . SER A 1 58  ? -3.00691  4.83026   -9.30339  1.000 35.22386 ? 58  SER A OG  1 
ATOM   480  N  N   . ILE A 1 59  ? -1.25774  4.85729   -5.39656  1.000 27.24633 ? 59  ILE A N   1 
ATOM   481  C  CA  . ILE A 1 59  ? -0.73656  4.12834   -4.24749  1.000 25.61515 ? 59  ILE A CA  1 
ATOM   482  C  C   . ILE A 1 59  ? -0.84328  2.64288   -4.55504  1.000 25.64876 ? 59  ILE A C   1 
ATOM   483  O  O   . ILE A 1 59  ? -1.84389  2.18250   -5.11537  1.000 28.71654 ? 59  ILE A O   1 
ATOM   484  C  CB  . ILE A 1 59  ? -1.50316  4.49438   -2.95981  1.000 29.15397 ? 59  ILE A CB  1 
ATOM   485  C  CG1 . ILE A 1 59  ? -1.54360  6.01021   -2.77235  1.000 28.19743 ? 59  ILE A CG1 1 
ATOM   486  C  CG2 . ILE A 1 59  ? -0.85382  3.85811   -1.73821  1.000 26.58709 ? 59  ILE A CG2 1 
ATOM   487  C  CD1 . ILE A 1 59  ? -2.39061  6.45452   -1.60751  1.000 28.46037 ? 59  ILE A CD1 1 
ATOM   488  N  N   A VAL A 1 60  ? 0.18095   1.89454   -4.15038  0.455 24.92331 ? 60  VAL A N   1 
ATOM   489  N  N   B VAL A 1 60  ? 0.20051   1.88284   -4.24179  0.545 24.89654 ? 60  VAL A N   1 
ATOM   490  C  CA  A VAL A 1 60  ? 0.29717   0.45950   -4.38850  0.455 26.52556 ? 60  VAL A CA  1 
ATOM   491  C  CA  B VAL A 1 60  ? 0.17115   0.43864   -4.43689  0.545 26.54136 ? 60  VAL A CA  1 
ATOM   492  C  C   A VAL A 1 60  ? 0.23584   -0.25201  -3.04149  0.455 26.33674 ? 60  VAL A C   1 
ATOM   493  C  C   B VAL A 1 60  ? 0.18807   -0.23141  -3.07019  0.545 26.28509 ? 60  VAL A C   1 
ATOM   494  O  O   A VAL A 1 60  ? 0.87221   0.18738   -2.07754  0.455 27.12351 ? 60  VAL A O   1 
ATOM   495  O  O   B VAL A 1 60  ? 0.78548   0.28104   -2.11728  0.545 27.15225 ? 60  VAL A O   1 
ATOM   496  C  CB  A VAL A 1 60  ? 1.61027   0.13400   -5.12202  0.455 26.40295 ? 60  VAL A CB  1 
ATOM   497  C  CB  B VAL A 1 60  ? 1.32458   -0.07205  -5.32867  0.545 26.60894 ? 60  VAL A CB  1 
ATOM   498  C  CG1 A VAL A 1 60  ? 2.02385   -1.31036  -4.88851  0.455 24.45214 ? 60  VAL A CG1 1 
ATOM   499  C  CG1 B VAL A 1 60  ? 1.53696   0.85547   -6.52049  0.545 26.31544 ? 60  VAL A CG1 1 
ATOM   500  C  CG2 A VAL A 1 60  ? 1.47774   0.42777   -6.59773  0.455 26.61497 ? 60  VAL A CG2 1 
ATOM   501  C  CG2 B VAL A 1 60  ? 2.61218   -0.27376  -4.53473  0.545 24.56467 ? 60  VAL A CG2 1 
ATOM   502  N  N   . ILE A 1 61  ? -0.52080  -1.34909  -2.97222  1.000 24.66218 ? 61  ILE A N   1 
ATOM   503  C  CA  . ILE A 1 61  ? -0.57292  -2.17654  -1.77338  1.000 26.71757 ? 61  ILE A CA  1 
ATOM   504  C  C   . ILE A 1 61  ? -0.03003  -3.54717  -2.14243  1.000 27.00025 ? 61  ILE A C   1 
ATOM   505  O  O   . ILE A 1 61  ? -0.42707  -4.12854  -3.16052  1.000 27.69107 ? 61  ILE A O   1 
ATOM   506  C  CB  . ILE A 1 61  ? -1.99837  -2.27209  -1.19740  1.000 25.84256 ? 61  ILE A CB  1 
ATOM   507  C  CG1 . ILE A 1 61  ? -2.05369  -3.33976  -0.09815  1.000 26.24203 ? 61  ILE A CG1 1 
ATOM   508  C  CG2 . ILE A 1 61  ? -3.01185  -2.56135  -2.29906  1.000 27.96172 ? 61  ILE A CG2 1 
ATOM   509  C  CD1 . ILE A 1 61  ? -3.35049  -3.35692  0.68166   1.000 26.49438 ? 61  ILE A CD1 1 
ATOM   510  N  N   . VAL A 1 62  ? 0.89378   -4.05508  -1.32914  1.000 24.05704 ? 62  VAL A N   1 
ATOM   511  C  CA  . VAL A 1 62  ? 1.57841   -5.30622  -1.61707  1.000 24.45920 ? 62  VAL A CA  1 
ATOM   512  C  C   . VAL A 1 62  ? 1.61107   -6.16823  -0.36407  1.000 26.51967 ? 62  VAL A C   1 
ATOM   513  O  O   . VAL A 1 62  ? 1.56129   -5.67544  0.76465   1.000 26.11989 ? 62  VAL A O   1 
ATOM   514  C  CB  . VAL A 1 62  ? 3.01214   -5.07964  -2.14250  1.000 27.73632 ? 62  VAL A CB  1 
ATOM   515  C  CG1 . VAL A 1 62  ? 2.97906   -4.47712  -3.53851  1.000 28.50258 ? 62  VAL A CG1 1 
ATOM   516  C  CG2 . VAL A 1 62  ? 3.79676   -4.19216  -1.19021  1.000 24.45046 ? 62  VAL A CG2 1 
ATOM   517  N  N   . ARG A 1 63  ? 1.69000   -7.47542  -0.58318  1.000 26.72534 ? 63  ARG A N   1 
ATOM   518  C  CA  . ARG A 1 63  ? 1.86803   -8.43800  0.49018   1.000 28.72282 ? 63  ARG A CA  1 
ATOM   519  C  C   . ARG A 1 63  ? 3.34233   -8.52435  0.85643   1.000 28.09069 ? 63  ARG A C   1 
ATOM   520  O  O   . ARG A 1 63  ? 4.21911   -8.35799  0.00668   1.000 26.85080 ? 63  ARG A O   1 
ATOM   521  C  CB  . ARG A 1 63  ? 1.35630   -9.81671  0.07039   1.000 29.49121 ? 63  ARG A CB  1 
ATOM   522  C  CG  . ARG A 1 63  ? -0.02071  -9.78796  -0.55875  1.000 33.73212 ? 63  ARG A CG  1 
ATOM   523  C  CD  . ARG A 1 63  ? -0.20327  -10.89321 -1.58521  1.000 32.38981 ? 63  ARG A CD  1 
ATOM   524  N  NE  . ARG A 1 63  ? -0.25583  -12.21861 -0.97885  1.000 34.21309 ? 63  ARG A NE  1 
ATOM   525  C  CZ  . ARG A 1 63  ? -0.31786  -13.34938 -1.67316  1.000 34.81954 ? 63  ARG A CZ  1 
ATOM   526  N  NH1 . ARG A 1 63  ? -0.32739  -13.31293 -2.99819  1.000 31.56123 ? 63  ARG A NH1 1 
ATOM   527  N  NH2 . ARG A 1 63  ? -0.36268  -14.51600 -1.04380  1.000 35.70441 ? 63  ARG A NH2 1 
ATOM   528  N  N   . ALA A 1 64  ? 3.60845   -8.76947  2.13645   1.000 28.51872 ? 64  ALA A N   1 
ATOM   529  C  CA  . ALA A 1 64  ? 4.97045   -9.01835  2.58203   1.000 26.64599 ? 64  ALA A CA  1 
ATOM   530  C  C   . ALA A 1 64  ? 5.42271   -10.39369 2.11290   1.000 28.22762 ? 64  ALA A C   1 
ATOM   531  O  O   . ALA A 1 64  ? 4.63375   -11.34217 2.08383   1.000 30.92813 ? 64  ALA A O   1 
ATOM   532  C  CB  . ALA A 1 64  ? 5.06858   -8.92306  4.10696   1.000 27.42321 ? 64  ALA A CB  1 
ATOM   533  N  N   . GLY A 1 65  ? 6.69550   -10.49655 1.73236   1.000 30.94926 ? 65  GLY A N   1 
ATOM   534  C  CA  . GLY A 1 65  ? 7.24772   -11.76814 1.30502   1.000 30.56458 ? 65  GLY A CA  1 
ATOM   535  C  C   . GLY A 1 65  ? 7.98558   -11.73439 -0.02019  1.000 32.84475 ? 65  GLY A C   1 
ATOM   536  O  O   . GLY A 1 65  ? 7.83351   -10.78619 -0.79954  1.000 28.86377 ? 65  GLY A O   1 
ATOM   537  N  N   . LYS A 1 66  ? 8.80129   -12.76753 -0.26418  1.000 30.36049 ? 66  LYS A N   1 
ATOM   538  C  CA  . LYS A 1 66  ? 9.52999   -12.99327 -1.51277  1.000 32.20096 ? 66  LYS A CA  1 
ATOM   539  C  C   . LYS A 1 66  ? 10.69943  -12.03335 -1.69543  1.000 30.31572 ? 66  LYS A C   1 
ATOM   540  O  O   . LYS A 1 66  ? 11.80181  -12.45979 -2.04828  1.000 32.02826 ? 66  LYS A O   1 
ATOM   541  C  CB  . LYS A 1 66  ? 8.58392   -12.91792 -2.71458  1.000 32.89387 ? 66  LYS A CB  1 
ATOM   542  C  CG  . LYS A 1 66  ? 7.81216   -14.20313 -2.94705  1.000 32.00033 ? 66  LYS A CG  1 
ATOM   543  C  CD  . LYS A 1 66  ? 6.76687   -14.04788 -4.02768  1.000 32.18567 ? 66  LYS A CD  1 
ATOM   544  C  CE  . LYS A 1 66  ? 6.13384   -15.39009 -4.33965  1.000 33.83471 ? 66  LYS A CE  1 
ATOM   545  N  NZ  . LYS A 1 66  ? 5.23557   -15.32242 -5.52226  1.000 36.83185 ? 66  LYS A NZ  1 
ATOM   546  N  N   . ILE A 1 67  ? 10.47796  -10.74032 -1.46133  1.000 28.38684 ? 67  ILE A N   1 
ATOM   547  C  CA  . ILE A 1 67  ? 11.51274  -9.73023  -1.63039  1.000 25.05230 ? 67  ILE A CA  1 
ATOM   548  C  C   . ILE A 1 67  ? 11.45361  -8.76664  -0.45440  1.000 28.38815 ? 67  ILE A C   1 
ATOM   549  O  O   . ILE A 1 67  ? 10.44323  -8.66234  0.24236   1.000 32.04869 ? 67  ILE A O   1 
ATOM   550  C  CB  . ILE A 1 67  ? 11.36298  -8.95451  -2.95761  1.000 27.51515 ? 67  ILE A CB  1 
ATOM   551  C  CG1 . ILE A 1 67  ? 9.98331   -8.29229  -3.03324  1.000 27.22501 ? 67  ILE A CG1 1 
ATOM   552  C  CG2 . ILE A 1 67  ? 11.59119  -9.87586  -4.14800  1.000 29.56083 ? 67  ILE A CG2 1 
ATOM   553  C  CD1 . ILE A 1 67  ? 9.71919   -7.58711  -4.34360  1.000 24.69816 ? 67  ILE A CD1 1 
ATOM   554  N  N   . THR A 1 68  ? 12.55933  -8.05772  -0.23922  1.000 28.15567 ? 68  THR A N   1 
ATOM   555  C  CA  . THR A 1 68  ? 12.61965  -7.07682  0.83409   1.000 30.51472 ? 68  THR A CA  1 
ATOM   556  C  C   . THR A 1 68  ? 11.58389  -5.97793  0.61576   1.000 31.01280 ? 68  THR A C   1 
ATOM   557  O  O   . THR A 1 68  ? 11.06972  -5.77844  -0.49001  1.000 31.05093 ? 68  THR A O   1 
ATOM   558  C  CB  . THR A 1 68  ? 14.01391  -6.45355  0.92610   1.000 31.88105 ? 68  THR A CB  1 
ATOM   559  O  OG1 . THR A 1 68  ? 14.23031  -5.58637  -0.19320  1.000 28.91244 ? 68  THR A OG1 1 
ATOM   560  C  CG2 . THR A 1 68  ? 15.08546  -7.53475  0.93915   1.000 33.62408 ? 68  THR A CG2 1 
ATOM   561  N  N   . PHE A 1 69  ? 11.26707  -5.26634  1.69978   1.000 30.01486 ? 69  PHE A N   1 
ATOM   562  C  CA  . PHE A 1 69  ? 10.38883  -4.10810  1.57971   1.000 29.00109 ? 69  PHE A CA  1 
ATOM   563  C  C   . PHE A 1 69  ? 11.00985  -3.05321  0.67571   1.000 31.17261 ? 69  PHE A C   1 
ATOM   564  O  O   . PHE A 1 69  ? 10.30607  -2.39421  -0.09732  1.000 27.51675 ? 69  PHE A O   1 
ATOM   565  C  CB  . PHE A 1 69  ? 10.08948  -3.51541  2.95817   1.000 28.37776 ? 69  PHE A CB  1 
ATOM   566  C  CG  . PHE A 1 69  ? 9.23026   -4.38778  3.83216   1.000 27.63293 ? 69  PHE A CG  1 
ATOM   567  C  CD1 . PHE A 1 69  ? 8.61979   -5.52265  3.32683   1.000 26.76603 ? 69  PHE A CD1 1 
ATOM   568  C  CD2 . PHE A 1 69  ? 9.02559   -4.05917  5.16000   1.000 31.05720 ? 69  PHE A CD2 1 
ATOM   569  C  CE1 . PHE A 1 69  ? 7.83270   -6.31823  4.13429   1.000 29.48780 ? 69  PHE A CE1 1 
ATOM   570  C  CE2 . PHE A 1 69  ? 8.23734   -4.84853  5.97328   1.000 26.81547 ? 69  PHE A CE2 1 
ATOM   571  C  CZ  . PHE A 1 69  ? 7.63886   -5.98006  5.45906   1.000 28.13343 ? 69  PHE A CZ  1 
ATOM   572  N  N   . ALA A 1 70  ? 12.33201  -2.88857  0.75083   1.000 27.45935 ? 70  ALA A N   1 
ATOM   573  C  CA  . ALA A 1 70  ? 13.00161  -1.90026  -0.08667  1.000 29.89303 ? 70  ALA A CA  1 
ATOM   574  C  C   . ALA A 1 70  ? 12.82263  -2.21530  -1.56489  1.000 29.07243 ? 70  ALA A C   1 
ATOM   575  O  O   . ALA A 1 70  ? 12.58127  -1.31306  -2.37387  1.000 28.47313 ? 70  ALA A O   1 
ATOM   576  C  CB  . ALA A 1 70  ? 14.48474  -1.82367  0.26985   1.000 31.47848 ? 70  ALA A CB  1 
ATOM   577  N  N   . GLU A 1 71  ? 12.92430  -3.49257  -1.93851  1.000 30.03288 ? 71  GLU A N   1 
ATOM   578  C  CA  . GLU A 1 71  ? 12.77512  -3.85198  -3.34527  1.000 30.88376 ? 71  GLU A CA  1 
ATOM   579  C  C   . GLU A 1 71  ? 11.34517  -3.62421  -3.82061  1.000 28.04890 ? 71  GLU A C   1 
ATOM   580  O  O   . GLU A 1 71  ? 11.12574  -3.16854  -4.94891  1.000 27.07115 ? 71  GLU A O   1 
ATOM   581  C  CB  . GLU A 1 71  ? 13.20029  -5.30459  -3.57343  1.000 29.74370 ? 71  GLU A CB  1 
ATOM   582  C  CG  . GLU A 1 71  ? 13.16378  -5.73486  -5.03484  1.000 34.03716 ? 71  GLU A CG  1 
ATOM   583  C  CD  . GLU A 1 71  ? 14.00280  -6.97161  -5.30435  1.000 33.26954 ? 71  GLU A CD  1 
ATOM   584  O  OE1 . GLU A 1 71  ? 14.68675  -7.44137  -4.37226  1.000 32.78500 ? 71  GLU A OE1 1 
ATOM   585  O  OE2 . GLU A 1 71  ? 13.98068  -7.47094  -6.44895  1.000 35.75099 ? 71  GLU A OE2 1 
ATOM   586  N  N   . LYS A 1 72  ? 10.35950  -3.93247  -2.97402  1.000 27.64181 ? 72  LYS A N   1 
ATOM   587  C  CA  . LYS A 1 72  ? 8.97544   -3.59477  -3.29537  1.000 26.86394 ? 72  LYS A CA  1 
ATOM   588  C  C   . LYS A 1 72  ? 8.83164   -2.10128  -3.55187  1.000 26.05409 ? 72  LYS A C   1 
ATOM   589  O  O   . LYS A 1 72  ? 8.27735   -1.68385  -4.57439  1.000 28.65278 ? 72  LYS A O   1 
ATOM   590  C  CB  . LYS A 1 72  ? 8.04356   -4.02588  -2.15947  1.000 26.86391 ? 72  LYS A CB  1 
ATOM   591  C  CG  . LYS A 1 72  ? 8.07452   -5.50344  -1.81352  1.000 27.60545 ? 72  LYS A CG  1 
ATOM   592  C  CD  . LYS A 1 72  ? 7.27298   -5.75857  -0.54428  1.000 28.62476 ? 72  LYS A CD  1 
ATOM   593  C  CE  . LYS A 1 72  ? 7.49063   -7.16348  -0.00745  1.000 28.56892 ? 72  LYS A CE  1 
ATOM   594  N  NZ  . LYS A 1 72  ? 6.82348   -8.19897  -0.84113  1.000 28.89326 ? 72  LYS A NZ  1 
ATOM   595  N  N   . VAL A 1 73  ? 9.34064   -1.27884  -2.63118  1.000 27.51201 ? 73  VAL A N   1 
ATOM   596  C  CA  . VAL A 1 73  ? 9.23433   0.17177   -2.77626  1.000 26.69720 ? 73  VAL A CA  1 
ATOM   597  C  C   . VAL A 1 73  ? 10.02596  0.64682   -3.98903  1.000 27.02336 ? 73  VAL A C   1 
ATOM   598  O  O   . VAL A 1 73  ? 9.56118   1.49836   -4.75457  1.000 29.28184 ? 73  VAL A O   1 
ATOM   599  C  CB  . VAL A 1 73  ? 9.69292   0.87209   -1.48134  1.000 25.11290 ? 73  VAL A CB  1 
ATOM   600  C  CG1 . VAL A 1 73  ? 9.68839   2.38870   -1.65160  1.000 27.34279 ? 73  VAL A CG1 1 
ATOM   601  C  CG2 . VAL A 1 73  ? 8.80431   0.45808   -0.32067  1.000 26.13461 ? 73  VAL A CG2 1 
ATOM   602  N  N   . ALA A 1 74  ? 11.22583  0.09430   -4.19113  1.000 29.45059 ? 74  ALA A N   1 
ATOM   603  C  CA  . ALA A 1 74  ? 12.05673  0.50508   -5.32029  1.000 30.68322 ? 74  ALA A CA  1 
ATOM   604  C  C   . ALA A 1 74  ? 11.35884  0.24514   -6.64968  1.000 25.04389 ? 74  ALA A C   1 
ATOM   605  O  O   . ALA A 1 74  ? 11.42451  1.07371   -7.56465  1.000 31.10448 ? 74  ALA A O   1 
ATOM   606  C  CB  . ALA A 1 74  ? 13.40395  -0.21552  -5.27191  1.000 26.34765 ? 74  ALA A CB  1 
ATOM   607  N  N   . ASN A 1 75  ? 10.68592  -0.90076  -6.77708  1.000 24.63991 ? 75  ASN A N   1 
ATOM   608  C  CA  . ASN A 1 75  ? 9.92398   -1.18062  -7.99021  1.000 26.59494 ? 75  ASN A CA  1 
ATOM   609  C  C   . ASN A 1 75  ? 8.74615   -0.22326  -8.13101  1.000 29.27051 ? 75  ASN A C   1 
ATOM   610  O  O   . ASN A 1 75  ? 8.49723   0.30754   -9.22067  1.000 27.36475 ? 75  ASN A O   1 
ATOM   611  C  CB  . ASN A 1 75  ? 9.44091   -2.63325  -7.99050  1.000 28.05351 ? 75  ASN A CB  1 
ATOM   612  C  CG  . ASN A 1 75  ? 10.58648  -3.63325  -8.02977  1.000 30.33803 ? 75  ASN A CG  1 
ATOM   613  O  OD1 . ASN A 1 75  ? 11.70696  -3.29673  -8.41540  1.000 26.13974 ? 75  ASN A OD1 1 
ATOM   614  N  ND2 . ASN A 1 75  ? 10.30533  -4.87279  -7.64014  1.000 29.04118 ? 75  ASN A ND2 1 
ATOM   615  N  N   . ALA A 1 76  ? 8.01294   0.01385   -7.04162  1.000 28.01257 ? 76  ALA A N   1 
ATOM   616  C  CA  . ALA A 1 76  ? 6.91113   0.96938   -7.09201  1.000 26.09480 ? 76  ALA A CA  1 
ATOM   617  C  C   . ALA A 1 76  ? 7.41485   2.37218   -7.40356  1.000 28.02375 ? 76  ALA A C   1 
ATOM   618  O  O   . ALA A 1 76  ? 6.81377   3.08814   -8.21408  1.000 30.11676 ? 76  ALA A O   1 
ATOM   619  C  CB  . ALA A 1 76  ? 6.13405   0.94770   -5.77590  1.000 26.00006 ? 76  ALA A CB  1 
ATOM   620  N  N   . GLU A 1 77  ? 8.52799   2.77271   -6.78377  1.000 28.23112 ? 77  GLU A N   1 
ATOM   621  C  CA  . GLU A 1 77  ? 9.13823   4.05956   -7.10455  1.000 29.85095 ? 77  GLU A CA  1 
ATOM   622  C  C   . GLU A 1 77  ? 9.46766   4.16633   -8.58427  1.000 29.21926 ? 77  GLU A C   1 
ATOM   623  O  O   . GLU A 1 77  ? 9.20471   5.19818   -9.21581  1.000 29.11147 ? 77  GLU A O   1 
ATOM   624  C  CB  . GLU A 1 77  ? 10.41241  4.26971   -6.28222  1.000 33.33015 ? 77  GLU A CB  1 
ATOM   625  C  CG  . GLU A 1 77  ? 10.21637  4.72860   -4.85180  1.000 35.14205 ? 77  GLU A CG  1 
ATOM   626  C  CD  . GLU A 1 77  ? 11.54080  4.92038   -4.14004  1.000 34.86693 ? 77  GLU A CD  1 
ATOM   627  O  OE1 . GLU A 1 77  ? 12.58828  4.62537   -4.75348  1.000 38.01438 ? 77  GLU A OE1 1 
ATOM   628  O  OE2 . GLU A 1 77  ? 11.53791  5.36139   -2.97438  1.000 35.06812 ? 77  GLU A OE2 1 
ATOM   629  N  N   A SER A 1 78  ? 10.07238  3.10884   -9.14504  0.630 29.46040 ? 78  SER A N   1 
ATOM   630  N  N   B SER A 1 78  ? 10.04827  3.12351   -9.17982  0.370 29.44790 ? 78  SER A N   1 
ATOM   631  C  CA  A SER A 1 78  ? 10.48659  3.11366   -10.54272 0.630 28.89137 ? 78  SER A CA  1 
ATOM   632  C  CA  B SER A 1 78  ? 10.47626  3.26139   -10.56975 0.370 28.95738 ? 78  SER A CA  1 
ATOM   633  C  C   A SER A 1 78  ? 9.30105   3.35372   -11.46637 0.630 29.64116 ? 78  SER A C   1 
ATOM   634  C  C   B SER A 1 78  ? 9.29361   3.32849   -11.52763 0.370 29.61808 ? 78  SER A C   1 
ATOM   635  O  O   A SER A 1 78  ? 9.39981   4.11069   -12.43863 0.630 28.99978 ? 78  SER A O   1 
ATOM   636  O  O   B SER A 1 78  ? 9.39880   3.93565   -12.59919 0.370 29.02352 ? 78  SER A O   1 
ATOM   637  C  CB  A SER A 1 78  ? 11.18051  1.79244   -10.88766 0.630 28.33489 ? 78  SER A CB  1 
ATOM   638  C  CB  B SER A 1 78  ? 11.40748  2.11593   -10.96157 0.370 28.75033 ? 78  SER A CB  1 
ATOM   639  O  OG  A SER A 1 78  ? 12.43142  1.66515   -10.23438 0.630 28.21040 ? 78  SER A OG  1 
ATOM   640  O  OG  B SER A 1 78  ? 10.72603  0.87944   -10.95024 0.370 27.85079 ? 78  SER A OG  1 
ATOM   641  N  N   . LEU A 1 79  ? 8.16880   2.71812   -11.17203 1.000 26.73389 ? 79  LEU A N   1 
ATOM   642  C  CA  . LEU A 1 79  ? 6.95922   2.83119   -11.97131 1.000 29.48043 ? 79  LEU A CA  1 
ATOM   643  C  C   . LEU A 1 79  ? 6.12200   4.05004   -11.59214 1.000 29.03021 ? 79  LEU A C   1 
ATOM   644  O  O   . LEU A 1 79  ? 4.96096   4.14635   -12.01081 1.000 28.56106 ? 79  LEU A O   1 
ATOM   645  C  CB  . LEU A 1 79  ? 6.13563   1.54917   -11.84871 1.000 28.09903 ? 79  LEU A CB  1 
ATOM   646  C  CG  . LEU A 1 79  ? 6.81226   0.27371   -12.35423 1.000 28.44922 ? 79  LEU A CG  1 
ATOM   647  C  CD1 . LEU A 1 79  ? 5.93311   -0.92150  -12.08741 1.000 28.74498 ? 79  LEU A CD1 1 
ATOM   648  C  CD2 . LEU A 1 79  ? 7.13104   0.37450   -13.83864 1.000 29.52314 ? 79  LEU A CD2 1 
ATOM   649  N  N   . ASN A 1 80  ? 6.69129   4.96789   -10.80355 1.000 27.64513 ? 80  ASN A N   1 
ATOM   650  C  CA  . ASN A 1 80  ? 6.08645   6.26233   -10.47596 1.000 32.42816 ? 80  ASN A CA  1 
ATOM   651  C  C   . ASN A 1 80  ? 4.82204   6.11327   -9.63058  1.000 29.55558 ? 80  ASN A C   1 
ATOM   652  O  O   . ASN A 1 80  ? 3.84826   6.84956   -9.80115  1.000 32.10845 ? 80  ASN A O   1 
ATOM   653  C  CB  . ASN A 1 80  ? 5.80300   7.08514   -11.73577 1.000 34.82216 ? 80  ASN A CB  1 
ATOM   654  C  CG  . ASN A 1 80  ? 5.88870   8.57853   -11.48488 1.000 37.17255 ? 80  ASN A CG  1 
ATOM   655  O  OD1 . ASN A 1 80  ? 6.71924   9.04283   -10.70172 1.000 39.79549 ? 80  ASN A OD1 1 
ATOM   656  N  ND2 . ASN A 1 80  ? 5.02790   9.33925   -12.14780 1.000 42.97164 ? 80  ASN A ND2 1 
ATOM   657  N  N   . ALA A 1 81  ? 4.83396   5.15255   -8.71507  1.000 28.61117 ? 81  ALA A N   1 
ATOM   658  C  CA  . ALA A 1 81  ? 3.82249   5.11247   -7.67185  1.000 28.65662 ? 81  ALA A CA  1 
ATOM   659  C  C   . ALA A 1 81  ? 4.07377   6.24282   -6.68072  1.000 26.49932 ? 81  ALA A C   1 
ATOM   660  O  O   . ALA A 1 81  ? 5.20447   6.70495   -6.51087  1.000 25.62553 ? 81  ALA A O   1 
ATOM   661  C  CB  . ALA A 1 81  ? 3.83410   3.76294   -6.95174  1.000 27.41328 ? 81  ALA A CB  1 
ATOM   662  N  N   . ILE A 1 82  ? 3.00065   6.70033   -6.03144  1.000 26.32347 ? 82  ILE A N   1 
ATOM   663  C  CA  . ILE A 1 82  ? 3.09715   7.81325   -5.08750  1.000 23.75295 ? 82  ILE A CA  1 
ATOM   664  C  C   . ILE A 1 82  ? 3.15540   7.35445   -3.63636  1.000 27.43123 ? 82  ILE A C   1 
ATOM   665  O  O   . ILE A 1 82  ? 3.44207   8.17488   -2.75066  1.000 28.12600 ? 82  ILE A O   1 
ATOM   666  C  CB  . ILE A 1 82  ? 1.92951   8.80869   -5.27313  1.000 29.30925 ? 82  ILE A CB  1 
ATOM   667  C  CG1 . ILE A 1 82  ? 0.58631   8.14505   -4.95501  1.000 26.20254 ? 82  ILE A CG1 1 
ATOM   668  C  CG2 . ILE A 1 82  ? 1.93034   9.37152   -6.68791  1.000 29.67554 ? 82  ILE A CG2 1 
ATOM   669  C  CD1 . ILE A 1 82  ? -0.60230  9.09060   -5.06011  1.000 30.41702 ? 82  ILE A CD1 1 
ATOM   670  N  N   . GLY A 1 83  ? 2.90129   6.08100   -3.36735  1.000 29.28277 ? 83  GLY A N   1 
ATOM   671  C  CA  . GLY A 1 83  ? 2.95589   5.55786   -2.01304  1.000 25.87889 ? 83  GLY A CA  1 
ATOM   672  C  C   . GLY A 1 83  ? 2.82145   4.05422   -2.04363  1.000 26.07356 ? 83  GLY A C   1 
ATOM   673  O  O   . GLY A 1 83  ? 2.42061   3.46434   -3.05014  1.000 24.88349 ? 83  GLY A O   1 
ATOM   674  N  N   . VAL A 1 84  ? 3.16942   3.43379   -0.91725  1.000 23.58149 ? 84  VAL A N   1 
ATOM   675  C  CA  . VAL A 1 84  ? 3.16228   1.97829   -0.80332  1.000 25.09762 ? 84  VAL A CA  1 
ATOM   676  C  C   . VAL A 1 84  ? 2.54823   1.57830   0.53326   1.000 25.84138 ? 84  VAL A C   1 
ATOM   677  O  O   . VAL A 1 84  ? 2.90970   2.12670   1.58030   1.000 27.64818 ? 84  VAL A O   1 
ATOM   678  C  CB  . VAL A 1 84  ? 4.57821   1.38288   -0.94052  1.000 25.29438 ? 84  VAL A CB  1 
ATOM   679  C  CG1 . VAL A 1 84  ? 4.54470   -0.12428  -0.74198  1.000 26.10230 ? 84  VAL A CG1 1 
ATOM   680  C  CG2 . VAL A 1 84  ? 5.17757   1.72626   -2.30043  1.000 26.50581 ? 84  VAL A CG2 1 
ATOM   681  N  N   . LEU A 1 85  ? 1.61686   0.62559   0.49553   1.000 25.20161 ? 85  LEU A N   1 
ATOM   682  C  CA  . LEU A 1 85  ? 1.08278   -0.02359  1.68601   1.000 25.11447 ? 85  LEU A CA  1 
ATOM   683  C  C   . LEU A 1 85  ? 1.53166   -1.47738  1.69831   1.000 24.83382 ? 85  LEU A C   1 
ATOM   684  O  O   . LEU A 1 85  ? 1.51369   -2.14814  0.66238   1.000 25.58140 ? 85  LEU A O   1 
ATOM   685  C  CB  . LEU A 1 85  ? -0.44738  0.05049   1.72421   1.000 22.72398 ? 85  LEU A CB  1 
ATOM   686  C  CG  . LEU A 1 85  ? -1.06731  1.44746   1.66250   1.000 23.32861 ? 85  LEU A CG  1 
ATOM   687  C  CD1 . LEU A 1 85  ? -2.58237  1.37924   1.76996   1.000 27.21211 ? 85  LEU A CD1 1 
ATOM   688  C  CD2 . LEU A 1 85  ? -0.49082  2.33332   2.75278   1.000 24.88107 ? 85  LEU A CD2 1 
ATOM   689  N  N   . ILE A 1 86  ? 1.93925   -1.96146  2.86855   1.000 26.18480 ? 86  ILE A N   1 
ATOM   690  C  CA  . ILE A 1 86  ? 2.45647   -3.31702  3.02438   1.000 25.12332 ? 86  ILE A CA  1 
ATOM   691  C  C   . ILE A 1 86  ? 1.65647   -4.01297  4.11468   1.000 26.47764 ? 86  ILE A C   1 
ATOM   692  O  O   . ILE A 1 86  ? 1.43786   -3.44266  5.18775   1.000 23.89329 ? 86  ILE A O   1 
ATOM   693  C  CB  . ILE A 1 86  ? 3.95724   -3.32642  3.37450   1.000 20.57496 ? 86  ILE A CB  1 
ATOM   694  C  CG1 . ILE A 1 86  ? 4.75245   -2.50875  2.35479   1.000 23.62115 ? 86  ILE A CG1 1 
ATOM   695  C  CG2 . ILE A 1 86  ? 4.48798   -4.75037  3.42995   1.000 26.35760 ? 86  ILE A CG2 1 
ATOM   696  C  CD1 . ILE A 1 86  ? 6.24202   -2.48121  2.63055   1.000 24.03846 ? 86  ILE A CD1 1 
ATOM   697  N  N   . TYR A 1 87  ? 1.22787   -5.24253  3.84571   1.000 25.97058 ? 87  TYR A N   1 
ATOM   698  C  CA  . TYR A 1 87  ? 0.43753   -5.98935  4.81268   1.000 28.77044 ? 87  TYR A CA  1 
ATOM   699  C  C   . TYR A 1 87  ? 0.78100   -7.46481  4.70432   1.000 30.35809 ? 87  TYR A C   1 
ATOM   700  O  O   . TYR A 1 87  ? 1.31374   -7.92501  3.69181   1.000 28.26958 ? 87  TYR A O   1 
ATOM   701  C  CB  . TYR A 1 87  ? -1.06601  -5.77391  4.59197   1.000 28.86411 ? 87  TYR A CB  1 
ATOM   702  C  CG  . TYR A 1 87  ? -1.62748  -6.51934  3.40116   1.000 28.04639 ? 87  TYR A CG  1 
ATOM   703  C  CD1 . TYR A 1 87  ? -1.40514  -6.06995  2.10581   1.000 27.23458 ? 87  TYR A CD1 1 
ATOM   704  C  CD2 . TYR A 1 87  ? -2.38837  -7.66954  3.57411   1.000 30.87744 ? 87  TYR A CD2 1 
ATOM   705  C  CE1 . TYR A 1 87  ? -1.91982  -6.74746  1.01704   1.000 29.07947 ? 87  TYR A CE1 1 
ATOM   706  C  CE2 . TYR A 1 87  ? -2.90770  -8.35276  2.49189   1.000 30.78722 ? 87  TYR A CE2 1 
ATOM   707  C  CZ  . TYR A 1 87  ? -2.67069  -7.88755  1.21451   1.000 29.62673 ? 87  TYR A CZ  1 
ATOM   708  O  OH  . TYR A 1 87  ? -3.18573  -8.56491  0.13342   1.000 28.02909 ? 87  TYR A OH  1 
ATOM   709  N  N   . MET A 1 88  ? 0.46218   -8.20452  5.76125   1.000 31.99813 ? 88  MET A N   1 
ATOM   710  C  CA  . MET A 1 88  ? 0.58047   -9.65618  5.77969   1.000 32.04790 ? 88  MET A CA  1 
ATOM   711  C  C   . MET A 1 88  ? -0.80346  -10.27315 5.63355   1.000 33.23084 ? 88  MET A C   1 
ATOM   712  O  O   . MET A 1 88  ? -1.71129  -9.94837  6.40520   1.000 33.98649 ? 88  MET A O   1 
ATOM   713  C  CB  . MET A 1 88  ? 1.23155   -10.13956 7.07575   1.000 32.01234 ? 88  MET A CB  1 
ATOM   714  C  CG  . MET A 1 88  ? 2.66416   -9.68559  7.24788   1.000 32.78684 ? 88  MET A CG  1 
ATOM   715  S  SD  . MET A 1 88  ? 3.53850   -10.52275 8.58448   1.000 36.71627 ? 88  MET A SD  1 
ATOM   716  C  CE  . MET A 1 88  ? 2.78974   -9.76427  10.02204  1.000 30.67237 ? 88  MET A CE  1 
ATOM   717  N  N   . ASP A 1 89  ? -0.96289  -11.16749 4.65458   1.000 35.33444 ? 89  ASP A N   1 
ATOM   718  C  CA  . ASP A 1 89  ? -2.23804  -11.84010 4.43573   1.000 32.66406 ? 89  ASP A CA  1 
ATOM   719  C  C   . ASP A 1 89  ? -2.39580  -13.11165 5.25983   1.000 35.41582 ? 89  ASP A C   1 
ATOM   720  O  O   . ASP A 1 89  ? -3.50186  -13.65864 5.32063   1.000 39.86152 ? 89  ASP A O   1 
ATOM   721  C  CB  . ASP A 1 89  ? -2.43006  -12.16707 2.94240   1.000 36.15616 ? 89  ASP A CB  1 
ATOM   722  C  CG  . ASP A 1 89  ? -1.57820  -13.33015 2.48424   1.000 37.92275 ? 89  ASP A CG  1 
ATOM   723  O  OD1 . ASP A 1 89  ? -0.40293  -13.39369 2.91350   1.000 39.89921 ? 89  ASP A OD1 1 
ATOM   724  O  OD2 . ASP A 1 89  ? -2.06822  -14.18058 1.72557   1.000 40.17550 ? 89  ASP A OD2 1 
ATOM   725  N  N   . GLN A 1 90  ? -1.32715  -13.58751 5.90122   1.000 35.10247 ? 90  GLN A N   1 
ATOM   726  C  CA  . GLN A 1 90  ? -1.34606  -14.83703 6.64913   1.000 35.95621 ? 90  GLN A CA  1 
ATOM   727  C  C   . GLN A 1 90  ? -1.56142  -14.65267 8.15235   1.000 34.33673 ? 90  GLN A C   1 
ATOM   728  O  O   . GLN A 1 90  ? -1.52152  -15.64063 8.89410   1.000 36.36968 ? 90  GLN A O   1 
ATOM   729  C  CB  . GLN A 1 90  ? -0.05443  -15.62825 6.40166   1.000 35.81326 ? 90  GLN A CB  1 
ATOM   730  C  CG  . GLN A 1 90  ? 1.24240   -15.01670 6.96905   1.000 37.06121 ? 90  GLN A CG  1 
ATOM   731  C  CD  . GLN A 1 90  ? 1.79370   -13.91432 6.08030   1.000 41.21204 ? 90  GLN A CD  1 
ATOM   732  O  OE1 . GLN A 1 90  ? 1.16547   -13.54124 5.09323   1.000 38.94221 ? 90  GLN A OE1 1 
ATOM   733  N  NE2 . GLN A 1 90  ? 2.96849   -13.39144 6.42337   1.000 46.24291 ? 90  GLN A NE2 1 
ATOM   734  N  N   . THR A 1 91  ? -1.76566  -13.42121 8.62111   1.000 35.13265 ? 91  THR A N   1 
ATOM   735  C  CA  . THR A 1 91  ? -1.99718  -13.19067 10.04303  1.000 35.05567 ? 91  THR A CA  1 
ATOM   736  C  C   . THR A 1 91  ? -2.64296  -11.82388 10.20555  1.000 33.28842 ? 91  THR A C   1 
ATOM   737  O  O   . THR A 1 91  ? -2.43476  -10.92089 9.38982   1.000 32.04044 ? 91  THR A O   1 
ATOM   738  C  CB  . THR A 1 91  ? -0.70584  -13.27002 10.87991  1.000 32.84152 ? 91  THR A CB  1 
ATOM   739  O  OG1 . THR A 1 91  ? -1.00307  -12.98252 12.26261  1.000 34.67884 ? 91  THR A OG1 1 
ATOM   740  C  CG2 . THR A 1 91  ? 0.33496   -12.28060 10.36987  1.000 36.79408 ? 91  THR A CG2 1 
ATOM   741  N  N   . LYS A 1 92  ? -3.44008  -11.69510 11.26991  1.000 30.67369 ? 92  LYS A N   1 
ATOM   742  C  CA  . LYS A 1 92  ? -4.00186  -10.41941 11.69816  1.000 31.46341 ? 92  LYS A CA  1 
ATOM   743  C  C   . LYS A 1 92  ? -2.99325  -9.53514  12.41279  1.000 30.02413 ? 92  LYS A C   1 
ATOM   744  O  O   . LYS A 1 92  ? -3.20885  -8.32205  12.51247  1.000 30.95530 ? 92  LYS A O   1 
ATOM   745  C  CB  . LYS A 1 92  ? -5.18346  -10.64899 12.64332  1.000 27.71557 ? 92  LYS A CB  1 
ATOM   746  C  CG  . LYS A 1 92  ? -6.28992  -11.51056 12.08793  1.000 32.26595 ? 92  LYS A CG  1 
ATOM   747  C  CD  . LYS A 1 92  ? -7.37257  -11.69175 13.12922  1.000 33.38034 ? 92  LYS A CD  1 
ATOM   748  C  CE  . LYS A 1 92  ? -8.57363  -12.39888 12.55341  1.000 31.85990 ? 92  LYS A CE  1 
ATOM   749  N  NZ  . LYS A 1 92  ? -9.45221  -12.89101 13.64278  1.000 34.83028 ? 92  LYS A NZ  1 
ATOM   750  N  N   . PHE A 1 93  ? -1.91817  -10.11218 12.92592  1.000 28.17762 ? 93  PHE A N   1 
ATOM   751  C  CA  . PHE A 1 93  ? -1.00267  -9.34675  13.75331  1.000 28.28095 ? 93  PHE A CA  1 
ATOM   752  C  C   . PHE A 1 93  ? -0.14800  -8.42582  12.88300  1.000 31.34552 ? 93  PHE A C   1 
ATOM   753  O  O   . PHE A 1 93  ? 0.20813   -8.78546  11.75877  1.000 32.05480 ? 93  PHE A O   1 
ATOM   754  C  CB  . PHE A 1 93  ? -0.13271  -10.28629 14.58120  1.000 30.72556 ? 93  PHE A CB  1 
ATOM   755  C  CG  . PHE A 1 93  ? -0.86435  -10.89254 15.74154  1.000 29.03241 ? 93  PHE A CG  1 
ATOM   756  C  CD1 . PHE A 1 93  ? -1.60396  -12.05089 15.58519  1.000 29.97331 ? 93  PHE A CD1 1 
ATOM   757  C  CD2 . PHE A 1 93  ? -0.84750  -10.27668 16.97831  1.000 30.08601 ? 93  PHE A CD2 1 
ATOM   758  C  CE1 . PHE A 1 93  ? -2.29248  -12.59529 16.64808  1.000 32.79004 ? 93  PHE A CE1 1 
ATOM   759  C  CE2 . PHE A 1 93  ? -1.53407  -10.81421 18.04507  1.000 29.62538 ? 93  PHE A CE2 1 
ATOM   760  C  CZ  . PHE A 1 93  ? -2.25763  -11.97623 17.88042  1.000 32.37963 ? 93  PHE A CZ  1 
ATOM   761  N  N   . PRO A 1 94  ? 0.17758   -7.23036  13.37020  1.000 31.71810 ? 94  PRO A N   1 
ATOM   762  C  CA  . PRO A 1 94  ? 0.85610   -6.25022  12.51815  1.000 33.04414 ? 94  PRO A CA  1 
ATOM   763  C  C   . PRO A 1 94  ? 2.32300   -6.58676  12.30447  1.000 34.02072 ? 94  PRO A C   1 
ATOM   764  O  O   . PRO A 1 94  ? 2.96326   -7.27406  13.10167  1.000 31.68834 ? 94  PRO A O   1 
ATOM   765  C  CB  . PRO A 1 94  ? 0.69989   -4.94122  13.29858  1.000 31.03472 ? 94  PRO A CB  1 
ATOM   766  C  CG  . PRO A 1 94  ? 0.63471   -5.37514  14.71909  1.000 31.44740 ? 94  PRO A CG  1 
ATOM   767  C  CD  . PRO A 1 94  ? -0.10094  -6.69257  14.71157  1.000 29.18805 ? 94  PRO A CD  1 
ATOM   768  N  N   . ILE A 1 95  ? 2.84536   -6.09434  11.18214  1.000 31.05506 ? 95  ILE A N   1 
ATOM   769  C  CA  . ILE A 1 95  ? 4.27173   -6.19019  10.91515  1.000 31.25919 ? 95  ILE A CA  1 
ATOM   770  C  C   . ILE A 1 95  ? 5.02095   -5.36978  11.95297  1.000 32.87735 ? 95  ILE A C   1 
ATOM   771  O  O   . ILE A 1 95  ? 4.57269   -4.28869  12.35818  1.000 31.46500 ? 95  ILE A O   1 
ATOM   772  C  CB  . ILE A 1 95  ? 4.58283   -5.71310  9.48524   1.000 31.24792 ? 95  ILE A CB  1 
ATOM   773  C  CG1 . ILE A 1 95  ? 3.66980   -6.42035  8.48179   1.000 31.74677 ? 95  ILE A CG1 1 
ATOM   774  C  CG2 . ILE A 1 95  ? 6.04598   -5.96481  9.14201   1.000 31.47832 ? 95  ILE A CG2 1 
ATOM   775  C  CD1 . ILE A 1 95  ? 3.76218   -5.87408  7.07135   1.000 27.84704 ? 95  ILE A CD1 1 
ATOM   776  N  N   . VAL A 1 96  ? 6.16327   -5.88632  12.40070  1.000 29.60193 ? 96  VAL A N   1 
ATOM   777  C  CA  . VAL A 1 96  ? 6.96758   -5.24188  13.43208  1.000 32.78178 ? 96  VAL A CA  1 
ATOM   778  C  C   . VAL A 1 96  ? 8.36840   -4.99405  12.88710  1.000 33.77505 ? 96  VAL A C   1 
ATOM   779  O  O   . VAL A 1 96  ? 8.90279   -5.79012  12.10921  1.000 34.72039 ? 96  VAL A O   1 
ATOM   780  C  CB  . VAL A 1 96  ? 7.01071   -6.08827  14.72802  1.000 35.44529 ? 96  VAL A CB  1 
ATOM   781  C  CG1 . VAL A 1 96  ? 7.70903   -7.42328  14.49162  1.000 36.44021 ? 96  VAL A CG1 1 
ATOM   782  C  CG2 . VAL A 1 96  ? 7.67205   -5.31472  15.86626  1.000 37.23364 ? 96  VAL A CG2 1 
ATOM   783  N  N   . ASN A 1 97  ? 8.95259   -3.86135  13.28865  1.000 33.39101 ? 97  ASN A N   1 
ATOM   784  C  CA  . ASN A 1 97  ? 10.30814  -3.47615  12.88779  1.000 35.84736 ? 97  ASN A CA  1 
ATOM   785  C  C   . ASN A 1 97  ? 10.45168  -3.44653  11.36814  1.000 34.49774 ? 97  ASN A C   1 
ATOM   786  O  O   . ASN A 1 97  ? 11.46490  -3.87076  10.81019  1.000 34.08146 ? 97  ASN A O   1 
ATOM   787  C  CB  . ASN A 1 97  ? 11.35301  -4.39842  13.52200  1.000 37.22514 ? 97  ASN A CB  1 
ATOM   788  C  CG  . ASN A 1 97  ? 11.51921  -4.15526  15.00974  1.000 42.23000 ? 97  ASN A CG  1 
ATOM   789  O  OD1 . ASN A 1 97  ? 11.50756  -3.01383  15.47072  1.000 42.20470 ? 97  ASN A OD1 1 
ATOM   790  N  ND2 . ASN A 1 97  ? 11.67263  -5.23253  15.77051  1.000 44.65391 ? 97  ASN A ND2 1 
ATOM   791  N  N   . ALA A 1 98  ? 9.41526   -2.95163  10.69244  1.000 29.80390 ? 98  ALA A N   1 
ATOM   792  C  CA  . ALA A 1 98  ? 9.48909   -2.77015  9.24978   1.000 30.68424 ? 98  ALA A CA  1 
ATOM   793  C  C   . ALA A 1 98  ? 10.60652  -1.79471  8.91110   1.000 30.56714 ? 98  ALA A C   1 
ATOM   794  O  O   . ALA A 1 98  ? 10.78661  -0.77564  9.58075   1.000 31.01558 ? 98  ALA A O   1 
ATOM   795  C  CB  . ALA A 1 98  ? 8.15601   -2.26080  8.70319   1.000 28.74916 ? 98  ALA A CB  1 
ATOM   796  N  N   . GLU A 1 99  ? 11.36194  -2.11095  7.86232   1.000 33.44839 ? 99  GLU A N   1 
ATOM   797  C  CA  . GLU A 1 99  ? 12.59948  -1.39513  7.59823   1.000 33.29246 ? 99  GLU A CA  1 
ATOM   798  C  C   . GLU A 1 99  ? 12.87599  -1.34964  6.10261   1.000 30.01242 ? 99  GLU A C   1 
ATOM   799  O  O   . GLU A 1 99  ? 12.62240  -2.31488  5.37765   1.000 30.88643 ? 99  GLU A O   1 
ATOM   800  C  CB  . GLU A 1 99  ? 13.76243  -2.05230  8.35517   1.000 36.03221 ? 99  GLU A CB  1 
ATOM   801  C  CG  . GLU A 1 99  ? 15.04463  -1.23765  8.40438   1.000 39.22211 ? 99  GLU A CG  1 
ATOM   802  C  CD  . GLU A 1 99  ? 16.01648  -1.63432  7.31643   1.000 40.18423 ? 99  GLU A CD  1 
ATOM   803  O  OE1 . GLU A 1 99  ? 15.89675  -2.76212  6.79299   1.000 39.64139 ? 99  GLU A OE1 1 
ATOM   804  O  OE2 . GLU A 1 99  ? 16.89971  -0.81884  6.98054   1.000 41.31865 ? 99  GLU A OE2 1 
ATOM   805  N  N   . LEU A 1 100 ? 13.39700  -0.20743  5.65554   1.000 30.97137 ? 100 LEU A N   1 
ATOM   806  C  CA  . LEU A 1 100 ? 13.78271  0.02075   4.26725   1.000 31.48164 ? 100 LEU A CA  1 
ATOM   807  C  C   . LEU A 1 100 ? 15.27901  0.28933   4.21048   1.000 31.84190 ? 100 LEU A C   1 
ATOM   808  O  O   . LEU A 1 100 ? 15.75411  1.28587   4.76465   1.000 34.08783 ? 100 LEU A O   1 
ATOM   809  C  CB  . LEU A 1 100 ? 13.02278  1.20274   3.66108   1.000 29.57967 ? 100 LEU A CB  1 
ATOM   810  C  CG  . LEU A 1 100 ? 11.50706  1.13723   3.48403   1.000 27.54821 ? 100 LEU A CG  1 
ATOM   811  C  CD1 . LEU A 1 100 ? 11.02628  2.28591   2.60790   1.000 30.44423 ? 100 LEU A CD1 1 
ATOM   812  C  CD2 . LEU A 1 100 ? 11.08833  -0.18965  2.89735   1.000 26.02466 ? 100 LEU A CD2 1 
ATOM   813  N  N   . SER A 1 101 ? 16.01400  -0.58918  3.53545   1.000 33.20277 ? 101 SER A N   1 
ATOM   814  C  CA  . SER A 1 101 ? 17.45554  -0.44515  3.34919   1.000 35.36653 ? 101 SER A CA  1 
ATOM   815  C  C   . SER A 1 101 ? 17.71799  -0.10278  1.88895   1.000 33.61005 ? 101 SER A C   1 
ATOM   816  O  O   . SER A 1 101 ? 17.46802  -0.92361  1.00041   1.000 33.28008 ? 101 SER A O   1 
ATOM   817  C  CB  . SER A 1 101 ? 18.18838  -1.72250  3.75178   1.000 36.86980 ? 101 SER A CB  1 
ATOM   818  O  OG  . SER A 1 101 ? 18.02691  -1.99450  5.13015   1.000 35.94165 ? 101 SER A OG  1 
ATOM   819  N  N   . PHE A 1 102 ? 18.22157  1.10309   1.64255   1.000 32.93069 ? 102 PHE A N   1 
ATOM   820  C  CA  . PHE A 1 102 ? 18.53627  1.56565   0.30068   1.000 32.71394 ? 102 PHE A CA  1 
ATOM   821  C  C   . PHE A 1 102 ? 20.02606  1.85448   0.17974   1.000 34.65034 ? 102 PHE A C   1 
ATOM   822  O  O   . PHE A 1 102 ? 20.73017  2.03186   1.17664   1.000 33.43976 ? 102 PHE A O   1 
ATOM   823  C  CB  . PHE A 1 102 ? 17.73490  2.82559   -0.05759  1.000 31.52131 ? 102 PHE A CB  1 
ATOM   824  C  CG  . PHE A 1 102 ? 16.25520  2.59599   -0.16830  1.000 30.95894 ? 102 PHE A CG  1 
ATOM   825  C  CD1 . PHE A 1 102 ? 15.75177  1.72669   -1.11508  1.000 29.26199 ? 102 PHE A CD1 1 
ATOM   826  C  CD2 . PHE A 1 102 ? 15.36737  3.25286   0.66755   1.000 33.06735 ? 102 PHE A CD2 1 
ATOM   827  C  CE1 . PHE A 1 102 ? 14.39563  1.51514   -1.24016  1.000 33.75202 ? 102 PHE A CE1 1 
ATOM   828  C  CE2 . PHE A 1 102 ? 14.00076  3.03842   0.55649   1.000 27.72582 ? 102 PHE A CE2 1 
ATOM   829  C  CZ  . PHE A 1 102 ? 13.51638  2.16768   -0.40123  1.000 28.37205 ? 102 PHE A CZ  1 
ATOM   830  N  N   . THR A 1 103 ? 20.50089  1.88486   -1.06321  1.000 36.05198 ? 103 THR A N   1 
ATOM   831  C  CA  . THR A 1 103 ? 21.86630  2.30854   -1.33920  1.000 36.05258 ? 103 THR A CA  1 
ATOM   832  C  C   . THR A 1 103 ? 22.03018  3.76610   -0.92833  1.000 38.83832 ? 103 THR A C   1 
ATOM   833  O  O   . THR A 1 103 ? 21.23882  4.62578   -1.32840  1.000 39.66757 ? 103 THR A O   1 
ATOM   834  C  CB  . THR A 1 103 ? 22.19132  2.13209   -2.82401  1.000 37.79203 ? 103 THR A CB  1 
ATOM   835  O  OG1 . THR A 1 103 ? 22.13609  0.74208   -3.16604  1.000 34.65263 ? 103 THR A OG1 1 
ATOM   836  C  CG2 . THR A 1 103 ? 23.57624  2.67353   -3.14448  1.000 40.89421 ? 103 THR A CG2 1 
ATOM   837  N  N   . GLY A 1 104 ? 23.05444  4.04284   -0.12352  1.000 35.76125 ? 104 GLY A N   1 
ATOM   838  C  CA  . GLY A 1 104 ? 23.25344  5.35989   0.44459   1.000 36.59297 ? 104 GLY A CA  1 
ATOM   839  C  C   . GLY A 1 104 ? 22.58899  5.58462   1.78602   1.000 38.47149 ? 104 GLY A C   1 
ATOM   840  O  O   . GLY A 1 104 ? 22.70886  6.68655   2.33851   1.000 36.67120 ? 104 GLY A O   1 
ATOM   841  N  N   . LYS A 1 105 ? 21.88674  4.58284   2.31878   1.000 36.75408 ? 105 LYS A N   1 
ATOM   842  C  CA  . LYS A 1 105 ? 21.25072  4.63581   3.63602   1.000 37.67923 ? 105 LYS A CA  1 
ATOM   843  C  C   . LYS A 1 105 ? 20.18853  5.72606   3.73677   1.000 37.20401 ? 105 LYS A C   1 
ATOM   844  O  O   . LYS A 1 105 ? 19.85447  6.17172   4.84032   1.000 38.88264 ? 105 LYS A O   1 
ATOM   845  C  CB  . LYS A 1 105 ? 22.29011  4.81210   4.75200   1.000 38.84869 ? 105 LYS A CB  1 
ATOM   846  C  CG  . LYS A 1 105 ? 23.29640  3.67865   4.84916   1.000 41.47352 ? 105 LYS A CG  1 
ATOM   847  C  CD  . LYS A 1 105 ? 24.17445  3.82248   6.08075   1.000 40.43346 ? 105 LYS A CD  1 
ATOM   848  C  CE  . LYS A 1 105 ? 25.04780  2.59382   6.26034   1.000 45.50788 ? 105 LYS A CE  1 
ATOM   849  N  NZ  . LYS A 1 105 ? 24.22674  1.35077   6.26005   1.000 47.13464 ? 105 LYS A NZ  1 
ATOM   850  N  N   . GLY A 1 106 ? 19.63470  6.16022   2.60732   1.000 36.44025 ? 106 GLY A N   1 
ATOM   851  C  CA  . GLY A 1 106 ? 18.65388  7.22222   2.58975   1.000 35.00086 ? 106 GLY A CA  1 
ATOM   852  C  C   . GLY A 1 106 ? 17.23123  6.71460   2.71398   1.000 33.88526 ? 106 GLY A C   1 
ATOM   853  O  O   . GLY A 1 106 ? 16.97403  5.54224   3.01154   1.000 31.76296 ? 106 GLY A O   1 
ATOM   854  N  N   A LYS A 1 107 ? 16.28655  7.61687   2.47903   0.588 32.67218 ? 107 LYS A N   1 
ATOM   855  N  N   B LYS A 1 107 ? 16.29064  7.62277   2.47011   0.412 32.66610 ? 107 LYS A N   1 
ATOM   856  C  CA  A LYS A 1 107 ? 14.87410  7.30756   2.61663   0.588 30.74794 ? 107 LYS A CA  1 
ATOM   857  C  CA  B LYS A 1 107 ? 14.87040  7.35153   2.60375   0.412 30.78073 ? 107 LYS A CA  1 
ATOM   858  C  C   A LYS A 1 107 ? 14.28274  6.91752   1.26720   0.588 31.32537 ? 107 LYS A C   1 
ATOM   859  C  C   B LYS A 1 107 ? 14.28383  6.91616   1.26388   0.412 31.30604 ? 107 LYS A C   1 
ATOM   860  O  O   A LYS A 1 107 ? 14.89516  7.09329   0.21236   0.588 30.74907 ? 107 LYS A O   1 
ATOM   861  O  O   B LYS A 1 107 ? 14.90508  7.05194   0.20840   0.412 30.79519 ? 107 LYS A O   1 
ATOM   862  C  CB  A LYS A 1 107 ? 14.11504  8.49500   3.21253   0.588 32.15470 ? 107 LYS A CB  1 
ATOM   863  C  CB  B LYS A 1 107 ? 14.14460  8.58868   3.13261   0.412 32.13774 ? 107 LYS A CB  1 
ATOM   864  C  CG  A LYS A 1 107 ? 14.50039  8.85638   4.63291   0.588 32.48592 ? 107 LYS A CG  1 
ATOM   865  C  CG  B LYS A 1 107 ? 14.73801  9.16181   4.40355   0.412 32.20586 ? 107 LYS A CG  1 
ATOM   866  C  CD  A LYS A 1 107 ? 13.93933  10.22714  4.99955   0.588 32.06340 ? 107 LYS A CD  1 
ATOM   867  C  CD  B LYS A 1 107 ? 14.40694  8.29066   5.60021   0.412 31.95201 ? 107 LYS A CD  1 
ATOM   868  C  CE  A LYS A 1 107 ? 13.18532  10.20054  6.32074   0.588 32.69952 ? 107 LYS A CE  1 
ATOM   869  C  CE  B LYS A 1 107 ? 15.14307  8.72442   6.85990   0.412 32.68662 ? 107 LYS A CE  1 
ATOM   870  N  NZ  A LYS A 1 107 ? 14.09252  9.88336   7.45445   0.588 32.42240 ? 107 LYS A NZ  1 
ATOM   871  N  NZ  B LYS A 1 107 ? 16.31263  7.84375   7.12659   0.412 33.25985 ? 107 LYS A NZ  1 
ATOM   872  N  N   . SER A 1 108 ? 13.06729  6.38108   1.30846   1.000 31.23787 ? 108 SER A N   1 
ATOM   873  C  CA  . SER A 1 108 ? 12.30527  6.14088   0.09809   1.000 31.52141 ? 108 SER A CA  1 
ATOM   874  C  C   . SER A 1 108 ? 11.89363  7.47677   -0.51819  1.000 31.08840 ? 108 SER A C   1 
ATOM   875  O  O   . SER A 1 108 ? 11.81807  8.50863   0.15920   1.000 29.82152 ? 108 SER A O   1 
ATOM   876  C  CB  . SER A 1 108 ? 11.05808  5.30248   0.39680   1.000 30.72551 ? 108 SER A CB  1 
ATOM   877  O  OG  . SER A 1 108 ? 10.21032  5.95400   1.32834   1.000 31.89468 ? 108 SER A OG  1 
ATOM   878  N  N   . GLY A 1 109 ? 11.63173  7.45415   -1.82430  1.000 31.71208 ? 109 GLY A N   1 
ATOM   879  C  CA  . GLY A 1 109 ? 11.09626  8.63681   -2.47603  1.000 31.83035 ? 109 GLY A CA  1 
ATOM   880  C  C   . GLY A 1 109 ? 9.62110   8.88120   -2.23490  1.000 35.49496 ? 109 GLY A C   1 
ATOM   881  O  O   . GLY A 1 109 ? 9.13017   9.97866   -2.51766  1.000 33.13554 ? 109 GLY A O   1 
ATOM   882  N  N   . ILE A 1 110 ? 8.90801   7.88450   -1.71474  1.000 31.23521 ? 110 ILE A N   1 
ATOM   883  C  CA  . ILE A 1 110 ? 7.46317   7.98219   -1.49415  1.000 30.36248 ? 110 ILE A CA  1 
ATOM   884  C  C   . ILE A 1 110 ? 7.12843   7.41728   -0.12454  1.000 29.84237 ? 110 ILE A C   1 
ATOM   885  O  O   . ILE A 1 110 ? 7.85108   6.56487   0.41023   1.000 30.52873 ? 110 ILE A O   1 
ATOM   886  C  CB  . ILE A 1 110 ? 6.66893   7.22120   -2.57927  1.000 26.40251 ? 110 ILE A CB  1 
ATOM   887  C  CG1 . ILE A 1 110 ? 7.08997   5.75087   -2.61345  1.000 29.57817 ? 110 ILE A CG1 1 
ATOM   888  C  CG2 . ILE A 1 110 ? 6.86934   7.86765   -3.94590  1.000 29.43295 ? 110 ILE A CG2 1 
ATOM   889  C  CD1 . ILE A 1 110 ? 6.43516   4.94112   -3.71992  1.000 29.10963 ? 110 ILE A CD1 1 
ATOM   890  N  N   . PRO A 1 111 ? 6.03515   7.89094   0.47525   1.000 31.07048 ? 111 PRO A N   1 
ATOM   891  C  CA  . PRO A 1 111 ? 5.64949   7.36795   1.79462   1.000 27.03215 ? 111 PRO A CA  1 
ATOM   892  C  C   . PRO A 1 111 ? 5.33093   5.88110   1.73242   1.000 26.86675 ? 111 PRO A C   1 
ATOM   893  O  O   . PRO A 1 111 ? 4.69800   5.39902   0.79160   1.000 26.37186 ? 111 PRO A O   1 
ATOM   894  C  CB  . PRO A 1 111 ? 4.41187   8.19832   2.15949   1.000 31.13548 ? 111 PRO A CB  1 
ATOM   895  C  CG  . PRO A 1 111 ? 3.89988   8.71739   0.86235   1.000 31.20017 ? 111 PRO A CG  1 
ATOM   896  C  CD  . PRO A 1 111 ? 5.12339   8.95648   0.02794   1.000 30.22911 ? 111 PRO A CD  1 
ATOM   897  N  N   . VAL A 1 112 ? 5.79146   5.15489   2.74838   1.000 27.76066 ? 112 VAL A N   1 
ATOM   898  C  CA  . VAL A 1 112 ? 5.63077   3.70789   2.83541   1.000 23.85696 ? 112 VAL A CA  1 
ATOM   899  C  C   . VAL A 1 112 ? 5.10632   3.37740   4.22530   1.000 27.46846 ? 112 VAL A C   1 
ATOM   900  O  O   . VAL A 1 112 ? 5.65868   3.84689   5.22503   1.000 26.08506 ? 112 VAL A O   1 
ATOM   901  C  CB  . VAL A 1 112 ? 6.95691   2.96572   2.57441   1.000 24.25785 ? 112 VAL A CB  1 
ATOM   902  C  CG1 . VAL A 1 112 ? 6.72783   1.46163   2.50225   1.000 25.78097 ? 112 VAL A CG1 1 
ATOM   903  C  CG2 . VAL A 1 112 ? 7.61763   3.47512   1.30323   1.000 26.22436 ? 112 VAL A CG2 1 
ATOM   904  N  N   . GLN A 1 113 ? 4.04956   2.56661   4.29044   1.000 26.97160 ? 113 GLN A N   1 
ATOM   905  C  CA  . GLN A 1 113 ? 3.41014   2.25335   5.56082   1.000 24.54813 ? 113 GLN A CA  1 
ATOM   906  C  C   . GLN A 1 113 ? 2.97370   0.79875   5.61203   1.000 27.03618 ? 113 GLN A C   1 
ATOM   907  O  O   . GLN A 1 113 ? 2.39677   0.27916   4.65368   1.000 25.26356 ? 113 GLN A O   1 
ATOM   908  C  CB  . GLN A 1 113 ? 2.19112   3.15249   5.80767   1.000 25.10259 ? 113 GLN A CB  1 
ATOM   909  C  CG  . GLN A 1 113 ? 1.53964   2.94051   7.16093   1.000 27.05681 ? 113 GLN A CG  1 
ATOM   910  C  CD  . GLN A 1 113 ? 2.51338   3.14996   8.30058   1.000 28.87942 ? 113 GLN A CD  1 
ATOM   911  O  OE1 . GLN A 1 113 ? 3.14972   4.19852   8.40323   1.000 29.27299 ? 113 GLN A OE1 1 
ATOM   912  N  NE2 . GLN A 1 113 ? 2.64536   2.14594   9.15684   1.000 28.97198 ? 113 GLN A NE2 1 
ATOM   913  N  N   . THR A 1 114 ? 3.24368   0.15753   6.74598   1.000 25.89440 ? 114 THR A N   1 
ATOM   914  C  CA  . THR A 1 114 ? 2.70931   -1.16062  7.04419   1.000 27.17685 ? 114 THR A CA  1 
ATOM   915  C  C   . THR A 1 114 ? 1.32425   -1.02209  7.65994   1.000 29.91217 ? 114 THR A C   1 
ATOM   916  O  O   . THR A 1 114 ? 1.08341   -0.13046  8.47854   1.000 27.56017 ? 114 THR A O   1 
ATOM   917  C  CB  . THR A 1 114 ? 3.62303   -1.91957  8.00610   1.000 25.44448 ? 114 THR A CB  1 
ATOM   918  O  OG1 . THR A 1 114 ? 3.92239   -1.08508  9.13146   1.000 30.77036 ? 114 THR A OG1 1 
ATOM   919  C  CG2 . THR A 1 114 ? 4.91173   -2.31223  7.31679   1.000 27.33294 ? 114 THR A CG2 1 
ATOM   920  N  N   . ILE A 1 115 ? 0.41194   -1.90650  7.25576   1.000 28.89175 ? 115 ILE A N   1 
ATOM   921  C  CA  . ILE A 1 115 ? -0.94822  -1.92324  7.77541   1.000 30.50462 ? 115 ILE A CA  1 
ATOM   922  C  C   . ILE A 1 115 ? -1.29958  -3.34767  8.17832   1.000 30.49919 ? 115 ILE A C   1 
ATOM   923  O  O   . ILE A 1 115 ? -0.75448  -4.32033  7.65316   1.000 30.78123 ? 115 ILE A O   1 
ATOM   924  C  CB  . ILE A 1 115 ? -1.97782  -1.38589  6.75430   1.000 27.89339 ? 115 ILE A CB  1 
ATOM   925  C  CG1 . ILE A 1 115 ? -2.02415  -2.26874  5.50327   1.000 29.40661 ? 115 ILE A CG1 1 
ATOM   926  C  CG2 . ILE A 1 115 ? -1.66326  0.05104   6.38214   1.000 30.30894 ? 115 ILE A CG2 1 
ATOM   927  C  CD1 . ILE A 1 115 ? -2.95109  -1.74640  4.42129   1.000 26.81331 ? 115 ILE A CD1 1 
ATOM   928  N  N   . SER A 1 116 ? -2.21858  -3.46269  9.13475   1.000 30.12822 ? 116 SER A N   1 
ATOM   929  C  CA  . SER A 1 116 ? -2.70505  -4.76876  9.55007   1.000 31.20063 ? 116 SER A CA  1 
ATOM   930  C  C   . SER A 1 116 ? -3.53027  -5.40134  8.43328   1.000 27.91365 ? 116 SER A C   1 
ATOM   931  O  O   . SER A 1 116 ? -3.95267  -4.74040  7.48136   1.000 27.50772 ? 116 SER A O   1 
ATOM   932  C  CB  . SER A 1 116 ? -3.54847  -4.65923  10.82081  1.000 29.34388 ? 116 SER A CB  1 
ATOM   933  O  OG  . SER A 1 116 ? -4.81595  -4.08377  10.54925  1.000 30.22409 ? 116 SER A OG  1 
ATOM   934  N  N   . ARG A 1 117 ? -3.76121  -6.70994  8.55766   1.000 27.18346 ? 117 ARG A N   1 
ATOM   935  C  CA  . ARG A 1 117 ? -4.58166  -7.39447  7.56605   1.000 31.10471 ? 117 ARG A CA  1 
ATOM   936  C  C   . ARG A 1 117 ? -6.02925  -6.92626  7.63499   1.000 30.51230 ? 117 ARG A C   1 
ATOM   937  O  O   . ARG A 1 117 ? -6.69090  -6.77985  6.60077   1.000 27.77083 ? 117 ARG A O   1 
ATOM   938  C  CB  . ARG A 1 117 ? -4.49445  -8.90517  7.76053   1.000 27.78285 ? 117 ARG A CB  1 
ATOM   939  C  CG  . ARG A 1 117 ? -4.99663  -9.69539  6.56684   1.000 31.86513 ? 117 ARG A CG  1 
ATOM   940  C  CD  . ARG A 1 117 ? -4.92460  -11.18188 6.82702   1.000 34.59631 ? 117 ARG A CD  1 
ATOM   941  N  NE  . ARG A 1 117 ? -5.96145  -11.62213 7.75183   1.000 34.38697 ? 117 ARG A NE  1 
ATOM   942  C  CZ  . ARG A 1 117 ? -5.98511  -12.82141 8.31972   1.000 35.27057 ? 117 ARG A CZ  1 
ATOM   943  N  NH1 . ARG A 1 117 ? -5.02118  -13.69371 8.06056   1.000 34.69602 ? 117 ARG A NH1 1 
ATOM   944  N  NH2 . ARG A 1 117 ? -6.96574  -13.14559 9.14913   1.000 36.01007 ? 117 ARG A NH2 1 
ATOM   945  N  N   . GLU A 1 118 ? -6.53971  -6.68685  8.84726   1.000 29.85462 ? 118 GLU A N   1 
ATOM   946  C  CA  . GLU A 1 118 ? -7.85507  -6.07153  8.98410   1.000 30.70871 ? 118 GLU A CA  1 
ATOM   947  C  C   . GLU A 1 118 ? -7.91839  -4.75323  8.22411   1.000 31.63754 ? 118 GLU A C   1 
ATOM   948  O  O   . GLU A 1 118 ? -8.90634  -4.47162  7.53846   1.000 30.38267 ? 118 GLU A O   1 
ATOM   949  C  CB  . GLU A 1 118 ? -8.18654  -5.84820  10.46027  1.000 35.80230 ? 118 GLU A CB  1 
ATOM   950  C  CG  . GLU A 1 118 ? -8.97053  -4.56627  10.71402  1.000 41.54161 ? 118 GLU A CG  1 
ATOM   951  C  CD  . GLU A 1 118 ? -9.19878  -4.29226  12.18324  1.000 42.52773 ? 118 GLU A CD  1 
ATOM   952  O  OE1 . GLU A 1 118 ? -9.87306  -5.10645  12.83834  1.000 45.66530 ? 118 GLU A OE1 1 
ATOM   953  O  OE2 . GLU A 1 118 ? -8.69397  -3.26543  12.68439  1.000 45.86950 ? 118 GLU A OE2 1 
ATOM   954  N  N   . ALA A 1 119 ? -6.86610  -3.93887  8.32358   1.000 33.28713 ? 119 ALA A N   1 
ATOM   955  C  CA  . ALA A 1 119 ? -6.83719  -2.68062  7.58535   1.000 32.66590 ? 119 ALA A CA  1 
ATOM   956  C  C   . ALA A 1 119 ? -6.86850  -2.93401  6.08587   1.000 29.74103 ? 119 ALA A C   1 
ATOM   957  O  O   . ALA A 1 119 ? -7.62411  -2.29012  5.35085   1.000 29.36511 ? 119 ALA A O   1 
ATOM   958  C  CB  . ALA A 1 119 ? -5.59856  -1.87189  7.97013   1.000 30.83901 ? 119 ALA A CB  1 
ATOM   959  N  N   . ALA A 1 120 ? -6.05728  -3.88099  5.61373   1.000 28.99193 ? 120 ALA A N   1 
ATOM   960  C  CA  . ALA A 1 120 ? -6.08202  -4.23287  4.19869   1.000 30.51281 ? 120 ALA A CA  1 
ATOM   961  C  C   . ALA A 1 120 ? -7.45859  -4.73217  3.78159   1.000 31.55897 ? 120 ALA A C   1 
ATOM   962  O  O   . ALA A 1 120 ? -7.94940  -4.38860  2.70153   1.000 26.05331 ? 120 ALA A O   1 
ATOM   963  C  CB  . ALA A 1 120 ? -5.01185  -5.28259  3.89770   1.000 29.67366 ? 120 ALA A CB  1 
ATOM   964  N  N   . GLU A 1 121 ? -8.10776  -5.52804  4.63462   1.000 28.69767 ? 121 GLU A N   1 
ATOM   965  C  CA  . GLU A 1 121 ? -9.43656  -6.03520  4.30320   1.000 31.36865 ? 121 GLU A CA  1 
ATOM   966  C  C   . GLU A 1 121 ? -10.45225 -4.90236  4.19896   1.000 30.33314 ? 121 GLU A C   1 
ATOM   967  O  O   . GLU A 1 121 ? -11.33813 -4.93455  3.33664   1.000 31.71282 ? 121 GLU A O   1 
ATOM   968  C  CB  . GLU A 1 121 ? -9.87721  -7.07282  5.33837   1.000 33.59900 ? 121 GLU A CB  1 
ATOM   969  C  CG  . GLU A 1 121 ? -9.20063  -8.42770  5.17328   1.000 32.78467 ? 121 GLU A CG  1 
ATOM   970  C  CD  . GLU A 1 121 ? -9.39286  -9.34018  6.37162   1.000 35.41605 ? 121 GLU A CD  1 
ATOM   971  O  OE1 . GLU A 1 121 ? -10.06002 -8.92362  7.34140   1.000 39.74705 ? 121 GLU A OE1 1 
ATOM   972  O  OE2 . GLU A 1 121 ? -8.86702  -10.47387 6.34529   1.000 40.53675 ? 121 GLU A OE2 1 
ATOM   973  N  N   . LYS A 1 122 ? -10.33977 -3.89072  5.06373   1.000 29.43486 ? 122 LYS A N   1 
ATOM   974  C  CA  . LYS A 1 122 ? -11.20947 -2.72365  4.94950   1.000 31.27024 ? 122 LYS A CA  1 
ATOM   975  C  C   . LYS A 1 122 ? -11.00485 -2.02116  3.61536   1.000 32.23675 ? 122 LYS A C   1 
ATOM   976  O  O   . LYS A 1 122 ? -11.97459 -1.66952  2.93392   1.000 30.16146 ? 122 LYS A O   1 
ATOM   977  C  CB  . LYS A 1 122 ? -10.95161 -1.74226  6.09343   1.000 29.46042 ? 122 LYS A CB  1 
ATOM   978  C  CG  . LYS A 1 122 ? -11.42766 -2.19134  7.45904   1.000 31.23736 ? 122 LYS A CG  1 
ATOM   979  C  CD  . LYS A 1 122 ? -11.22950 -1.06318  8.45711   1.000 34.30600 ? 122 LYS A CD  1 
ATOM   980  C  CE  . LYS A 1 122 ? -11.30578 -1.54849  9.89048   1.000 37.20436 ? 122 LYS A CE  1 
ATOM   981  N  NZ  . LYS A 1 122 ? -11.01162 -0.44437  10.84579  1.000 39.16903 ? 122 LYS A NZ  1 
ATOM   982  N  N   . LEU A 1 123 ? -9.74605  -1.80311  3.22960   1.000 25.60030 ? 123 LEU A N   1 
ATOM   983  C  CA  . LEU A 1 123 ? -9.46424  -1.19018  1.93611   1.000 29.93996 ? 123 LEU A CA  1 
ATOM   984  C  C   . LEU A 1 123 ? -10.06250 -2.00924  0.80287   1.000 29.63210 ? 123 LEU A C   1 
ATOM   985  O  O   . LEU A 1 123 ? -10.62553 -1.45093  -0.14493  1.000 30.28347 ? 123 LEU A O   1 
ATOM   986  C  CB  . LEU A 1 123 ? -7.95469  -1.03542  1.74553   1.000 24.03430 ? 123 LEU A CB  1 
ATOM   987  C  CG  . LEU A 1 123 ? -7.23782  -0.09399  2.71017   1.000 24.89125 ? 123 LEU A CG  1 
ATOM   988  C  CD1 . LEU A 1 123 ? -5.73348  -0.24305  2.57912   1.000 24.01947 ? 123 LEU A CD1 1 
ATOM   989  C  CD2 . LEU A 1 123 ? -7.65224  1.34403   2.45784   1.000 23.69157 ? 123 LEU A CD2 1 
ATOM   990  N  N   . PHE A 1 124 ? -9.96462  -3.33781  0.89191   1.000 28.71835 ? 124 PHE A N   1 
ATOM   991  C  CA  . PHE A 1 124 ? -10.51586 -4.19520  -0.15158  1.000 30.66633 ? 124 PHE A CA  1 
ATOM   992  C  C   . PHE A 1 124 ? -12.02602 -4.03787  -0.27099  1.000 31.96768 ? 124 PHE A C   1 
ATOM   993  O  O   . PHE A 1 124 ? -12.57927 -4.18797  -1.36460  1.000 30.39734 ? 124 PHE A O   1 
ATOM   994  C  CB  . PHE A 1 124 ? -10.14992 -5.65496  0.12144   1.000 28.88432 ? 124 PHE A CB  1 
ATOM   995  C  CG  . PHE A 1 124 ? -8.67071  -5.92915  0.09159   1.000 31.46517 ? 124 PHE A CG  1 
ATOM   996  C  CD1 . PHE A 1 124 ? -7.81870  -5.13725  -0.66127  1.000 29.55608 ? 124 PHE A CD1 1 
ATOM   997  C  CD2 . PHE A 1 124 ? -8.13372  -6.97680  0.82020   1.000 33.70410 ? 124 PHE A CD2 1 
ATOM   998  C  CE1 . PHE A 1 124 ? -6.45921  -5.38563  -0.68678  1.000 30.27822 ? 124 PHE A CE1 1 
ATOM   999  C  CE2 . PHE A 1 124 ? -6.77421  -7.23020  0.79765   1.000 30.78477 ? 124 PHE A CE2 1 
ATOM   1000 C  CZ  . PHE A 1 124 ? -5.93682  -6.43341  0.04401   1.000 29.71286 ? 124 PHE A CZ  1 
ATOM   1001 N  N   . GLY A 1 125 ? -12.70663 -3.73145  0.83544   1.000 31.35390 ? 125 GLY A N   1 
ATOM   1002 C  CA  . GLY A 1 125 ? -14.13814 -3.49112  0.77471   1.000 31.18711 ? 125 GLY A CA  1 
ATOM   1003 C  C   . GLY A 1 125 ? -14.50140 -2.30967  -0.10267  1.000 33.73271 ? 125 GLY A C   1 
ATOM   1004 O  O   . GLY A 1 125 ? -15.57657 -2.28513  -0.70731  1.000 33.64493 ? 125 GLY A O   1 
ATOM   1005 N  N   . ASN A 1 126 ? -13.61784 -1.31477  -0.18491  1.000 31.75097 ? 126 ASN A N   1 
ATOM   1006 C  CA  . ASN A 1 126 ? -13.80137 -0.17034  -1.06491  1.000 33.75078 ? 126 ASN A CA  1 
ATOM   1007 C  C   . ASN A 1 126 ? -13.06150 -0.34353  -2.38477  1.000 33.66311 ? 126 ASN A C   1 
ATOM   1008 O  O   . ASN A 1 126 ? -12.78398 0.64648   -3.06987  1.000 35.05899 ? 126 ASN A O   1 
ATOM   1009 C  CB  . ASN A 1 126 ? -13.34838 1.11188   -0.36746  1.000 34.18874 ? 126 ASN A CB  1 
ATOM   1010 C  CG  . ASN A 1 126 ? -14.18654 1.44057   0.85215   1.000 36.35845 ? 126 ASN A CG  1 
ATOM   1011 O  OD1 . ASN A 1 126 ? -14.07092 0.79247   1.89337   1.000 39.40669 ? 126 ASN A OD1 1 
ATOM   1012 N  ND2 . ASN A 1 126 ? -15.02451 2.46438   0.73667   1.000 40.29023 ? 126 ASN A ND2 1 
ATOM   1013 N  N   . MET A 1 127 ? -12.73298 -1.58080  -2.74710  1.000 32.28137 ? 127 MET A N   1 
ATOM   1014 C  CA  . MET A 1 127 ? -11.99424 -1.87335  -3.96384  1.000 32.63049 ? 127 MET A CA  1 
ATOM   1015 C  C   . MET A 1 127 ? -12.74610 -2.90352  -4.79259  1.000 31.16705 ? 127 MET A C   1 
ATOM   1016 O  O   . MET A 1 127 ? -13.56043 -3.67461  -4.27887  1.000 31.50621 ? 127 MET A O   1 
ATOM   1017 C  CB  . MET A 1 127 ? -10.57500 -2.37546  -3.65086  1.000 27.89468 ? 127 MET A CB  1 
ATOM   1018 C  CG  . MET A 1 127 ? -9.66084  -1.31427  -3.05757  1.000 29.33426 ? 127 MET A CG  1 
ATOM   1019 S  SD  . MET A 1 127 ? -8.12207  -1.95722  -2.37132  1.000 31.57237 ? 127 MET A SD  1 
ATOM   1020 C  CE  . MET A 1 127 ? -7.24160  -2.42201  -3.85670  1.000 29.67383 ? 127 MET A CE  1 
ATOM   1021 N  N   . GLU A 1 128 ? -12.45175 -2.90910  -6.08904  1.000 32.94440 ? 128 GLU A N   1 
ATOM   1022 C  CA  . GLU A 1 128 ? -13.16491 -3.72175  -7.05988  1.000 33.64408 ? 128 GLU A CA  1 
ATOM   1023 C  C   . GLU A 1 128 ? -12.19134 -4.57286  -7.86375  1.000 33.76467 ? 128 GLU A C   1 
ATOM   1024 O  O   . GLU A 1 128 ? -11.02665 -4.20746  -8.05221  1.000 32.02328 ? 128 GLU A O   1 
ATOM   1025 C  CB  . GLU A 1 128 ? -13.98631 -2.83712  -8.00085  1.000 32.75625 ? 128 GLU A CB  1 
ATOM   1026 C  CG  . GLU A 1 128 ? -14.77209 -1.75485  -7.28074  1.000 37.60045 ? 128 GLU A CG  1 
ATOM   1027 C  CD  . GLU A 1 128 ? -15.61897 -0.92630  -8.22014  1.000 38.24092 ? 128 GLU A CD  1 
ATOM   1028 O  OE1 . GLU A 1 128 ? -15.10113 -0.50034  -9.27389  1.000 35.79784 ? 128 GLU A OE1 1 
ATOM   1029 O  OE2 . GLU A 1 128 ? -16.80635 -0.70991  -7.90804  1.000 38.42080 ? 128 GLU A OE2 1 
ATOM   1030 N  N   . GLY A 1 129 ? -12.68452 -5.71212  -8.34252  1.000 32.96989 ? 129 GLY A N   1 
ATOM   1031 C  CA  . GLY A 1 129 ? -11.86467 -6.62622  -9.11119  1.000 34.90527 ? 129 GLY A CA  1 
ATOM   1032 C  C   . GLY A 1 129 ? -11.25255 -7.71840  -8.25959  1.000 34.89203 ? 129 GLY A C   1 
ATOM   1033 O  O   . GLY A 1 129 ? -10.41847 -7.44375  -7.39221  1.000 33.09858 ? 129 GLY A O   1 
ATOM   1034 N  N   . ASP A 1 130 ? -11.67280 -8.95925  -8.48768  1.000 36.33889 ? 130 ASP A N   1 
ATOM   1035 C  CA  . ASP A 1 130 ? -11.08928 -10.08228 -7.77357  1.000 38.21089 ? 130 ASP A CA  1 
ATOM   1036 C  C   . ASP A 1 130 ? -9.60986  -10.20025 -8.10791  1.000 36.17652 ? 130 ASP A C   1 
ATOM   1037 O  O   . ASP A 1 130 ? -9.18065  -9.93059  -9.23347  1.000 37.65881 ? 130 ASP A O   1 
ATOM   1038 C  CB  . ASP A 1 130 ? -11.80361 -11.38762 -8.12772  1.000 39.52720 ? 130 ASP A CB  1 
ATOM   1039 C  CG  . ASP A 1 130 ? -13.29614 -11.32144 -7.89455  1.000 43.90917 ? 130 ASP A CG  1 
ATOM   1040 O  OD1 . ASP A 1 130 ? -14.03025 -10.91909 -8.82222  1.000 50.46000 ? 130 ASP A OD1 1 
ATOM   1041 O  OD2 . ASP A 1 130 ? -13.73348 -11.67742 -6.78193  1.000 42.77514 ? 130 ASP A OD2 1 
ATOM   1042 N  N   . CYS A 1 131 ? -8.82702  -10.58185 -7.11019  1.000 36.86837 ? 131 CYS A N   1 
ATOM   1043 C  CA  . CYS A 1 131 ? -7.42039  -10.82659 -7.36078  1.000 36.08659 ? 131 CYS A CA  1 
ATOM   1044 C  C   . CYS A 1 131 ? -7.26879  -12.16972 -8.06203  1.000 37.70700 ? 131 CYS A C   1 
ATOM   1045 O  O   . CYS A 1 131 ? -8.07424  -13.07736 -7.84575  1.000 38.87262 ? 131 CYS A O   1 
ATOM   1046 C  CB  . CYS A 1 131 ? -6.63133  -10.80294 -6.05075  1.000 35.53050 ? 131 CYS A CB  1 
ATOM   1047 S  SG  . CYS A 1 131 ? -6.80527  -9.22179  -5.20702  1.000 37.03725 ? 131 CYS A SG  1 
ATOM   1048 N  N   . PRO A 1 132 ? -6.27431  -12.30592 -8.93726  1.000 36.86024 ? 132 PRO A N   1 
ATOM   1049 C  CA  . PRO A 1 132 ? -6.10083  -13.57032 -9.66141  1.000 39.03211 ? 132 PRO A CA  1 
ATOM   1050 C  C   . PRO A 1 132 ? -6.01167  -14.75420 -8.70790  1.000 39.88584 ? 132 PRO A C   1 
ATOM   1051 O  O   . PRO A 1 132 ? -5.42451  -14.66213 -7.62737  1.000 39.31183 ? 132 PRO A O   1 
ATOM   1052 C  CB  . PRO A 1 132 ? -4.78856  -13.35881 -10.42479 1.000 38.06532 ? 132 PRO A CB  1 
ATOM   1053 C  CG  . PRO A 1 132 ? -4.65663  -11.87717 -10.55358 1.000 38.51652 ? 132 PRO A CG  1 
ATOM   1054 C  CD  . PRO A 1 132 ? -5.24891  -11.31168 -9.29976  1.000 34.60378 ? 132 PRO A CD  1 
ATOM   1055 N  N   A SER A 1 133 ? -6.64029  -15.86662 -9.11035  0.522 39.71883 ? 133 SER A N   1 
ATOM   1056 N  N   B SER A 1 133 ? -6.61800  -15.87591 -9.10796  0.478 39.72108 ? 133 SER A N   1 
ATOM   1057 C  CA  A SER A 1 133 ? -6.55470  -17.09945 -8.33453  0.522 40.45586 ? 133 SER A CA  1 
ATOM   1058 C  CA  B SER A 1 133 ? -6.52061  -17.08161 -8.29196  0.478 40.44180 ? 133 SER A CA  1 
ATOM   1059 C  C   A SER A 1 133 ? -5.10801  -17.53197 -8.13489  0.522 38.49409 ? 133 SER A C   1 
ATOM   1060 C  C   B SER A 1 133 ? -5.07174  -17.51865 -8.12054  0.478 38.50625 ? 133 SER A C   1 
ATOM   1061 O  O   A SER A 1 133 ? -4.78832  -18.18487 -7.13526  0.522 38.45856 ? 133 SER A O   1 
ATOM   1062 O  O   B SER A 1 133 ? -4.73364  -18.15881 -7.11795  0.478 38.45400 ? 133 SER A O   1 
ATOM   1063 C  CB  A SER A 1 133 ? -7.34902  -18.20937 -9.02870  0.522 41.06105 ? 133 SER A CB  1 
ATOM   1064 C  CB  B SER A 1 133 ? -7.34030  -18.21131 -8.91393  0.478 41.04559 ? 133 SER A CB  1 
ATOM   1065 O  OG  A SER A 1 133 ? -7.21498  -19.45201 -8.35940  0.522 41.01724 ? 133 SER A OG  1 
ATOM   1066 O  OG  B SER A 1 133 ? -6.77708  -18.63479 -10.14367 0.478 40.00296 ? 133 SER A OG  1 
ATOM   1067 N  N   A ASP A 1 134 ? -4.22147  -17.16529 -9.06402  0.522 39.40880 ? 134 ASP A N   1 
ATOM   1068 N  N   B ASP A 1 134 ? -4.20560  -17.17666 -9.08131  0.478 39.41444 ? 134 ASP A N   1 
ATOM   1069 C  CA  A ASP A 1 134 ? -2.82764  -17.58282 -8.96763  0.522 38.93966 ? 134 ASP A CA  1 
ATOM   1070 C  CA  B ASP A 1 134 ? -2.79822  -17.55272 -8.99199  0.478 38.93062 ? 134 ASP A CA  1 
ATOM   1071 C  C   A ASP A 1 134 ? -2.13167  -16.96668 -7.76050  0.522 37.90412 ? 134 ASP A C   1 
ATOM   1072 C  C   B ASP A 1 134 ? -2.14048  -16.97614 -7.74444  0.478 37.90253 ? 134 ASP A C   1 
ATOM   1073 O  O   A ASP A 1 134 ? -1.15282  -17.53155 -7.25810  0.522 36.31680 ? 134 ASP A O   1 
ATOM   1074 O  O   B ASP A 1 134 ? -1.19520  -17.56382 -7.20602  0.478 36.34173 ? 134 ASP A O   1 
ATOM   1075 C  CB  A ASP A 1 134 ? -2.09294  -17.23145 -10.26387 0.522 38.66085 ? 134 ASP A CB  1 
ATOM   1076 C  CB  B ASP A 1 134 ? -2.04817  -17.09986 -10.24591 0.478 38.64891 ? 134 ASP A CB  1 
ATOM   1077 C  CG  A ASP A 1 134 ? -0.60340  -17.50507 -10.19092 0.522 39.68142 ? 134 ASP A CG  1 
ATOM   1078 C  CG  B ASP A 1 134 ? -2.29363  -18.00508 -11.43596 0.478 39.98918 ? 134 ASP A CG  1 
ATOM   1079 O  OD1 A ASP A 1 134 ? -0.20531  -18.66648 -9.96994  0.522 39.44453 ? 134 ASP A OD1 1 
ATOM   1080 O  OD1 B ASP A 1 134 ? -2.61350  -19.19186 -11.23074 0.478 41.89061 ? 134 ASP A OD1 1 
ATOM   1081 O  OD2 A ASP A 1 134 ? 0.17269   -16.54906 -10.38082 0.522 39.65065 ? 134 ASP A OD2 1 
ATOM   1082 O  OD2 B ASP A 1 134 ? -2.14685  -17.53266 -12.58239 0.478 39.92661 ? 134 ASP A OD2 1 
ATOM   1083 N  N   . TRP A 1 135 ? -2.61350  -15.81916 -7.27639  1.000 36.69538 ? 135 TRP A N   1 
ATOM   1084 C  CA  . TRP A 1 135 ? -1.99096  -15.19076 -6.11569  1.000 36.39985 ? 135 TRP A CA  1 
ATOM   1085 C  C   . TRP A 1 135 ? -2.15018  -16.02039 -4.84830  1.000 34.64299 ? 135 TRP A C   1 
ATOM   1086 O  O   . TRP A 1 135 ? -1.38955  -15.81891 -3.89275  1.000 36.76246 ? 135 TRP A O   1 
ATOM   1087 C  CB  . TRP A 1 135 ? -2.56545  -13.79315 -5.90154  1.000 34.86498 ? 135 TRP A CB  1 
ATOM   1088 C  CG  . TRP A 1 135 ? -2.19103  -12.82656 -6.97716  1.000 35.52524 ? 135 TRP A CG  1 
ATOM   1089 C  CD1 . TRP A 1 135 ? -1.54985  -13.10341 -8.14974  1.000 34.70600 ? 135 TRP A CD1 1 
ATOM   1090 C  CD2 . TRP A 1 135 ? -2.43026  -11.41994 -6.97263  1.000 32.43449 ? 135 TRP A CD2 1 
ATOM   1091 N  NE1 . TRP A 1 135 ? -1.37980  -11.95126 -8.87895  1.000 35.92792 ? 135 TRP A NE1 1 
ATOM   1092 C  CE2 . TRP A 1 135 ? -1.91194  -10.90295 -8.17579  1.000 36.89117 ? 135 TRP A CE2 1 
ATOM   1093 C  CE3 . TRP A 1 135 ? -3.03468  -10.54560 -6.06629  1.000 34.12908 ? 135 TRP A CE3 1 
ATOM   1094 C  CZ2 . TRP A 1 135 ? -1.98104  -9.55355  -8.49513  1.000 37.20391 ? 135 TRP A CZ2 1 
ATOM   1095 C  CZ3 . TRP A 1 135 ? -3.10333  -9.21084  -6.38311  1.000 33.95353 ? 135 TRP A CZ3 1 
ATOM   1096 C  CH2 . TRP A 1 135 ? -2.57957  -8.72358  -7.58741  1.000 31.79059 ? 135 TRP A CH2 1 
ATOM   1097 N  N   . LYS A 1 136 ? -3.10791  -16.94866 -4.82229  1.000 37.56497 ? 136 LYS A N   1 
ATOM   1098 C  CA  . LYS A 1 136 ? -3.29310  -17.86128 -3.69675  1.000 38.05631 ? 136 LYS A CA  1 
ATOM   1099 C  C   . LYS A 1 136 ? -3.47965  -17.09309 -2.39250  1.000 37.13724 ? 136 LYS A C   1 
ATOM   1100 O  O   . LYS A 1 136 ? -2.89066  -17.41488 -1.35754  1.000 39.43123 ? 136 LYS A O   1 
ATOM   1101 C  CB  . LYS A 1 136 ? -2.12255  -18.84038 -3.59172  1.000 37.21120 ? 136 LYS A CB  1 
ATOM   1102 C  CG  . LYS A 1 136 ? -2.01940  -19.81094 -4.75639  1.000 38.01728 ? 136 LYS A CG  1 
ATOM   1103 C  CD  . LYS A 1 136 ? -3.22733  -20.73128 -4.81184  1.000 37.23011 ? 136 LYS A CD  1 
ATOM   1104 C  CE  . LYS A 1 136 ? -3.16250  -21.67273 -6.00467  1.000 41.86195 ? 136 LYS A CE  1 
ATOM   1105 N  NZ  . LYS A 1 136 ? -4.41774  -22.46470 -6.13127  1.000 44.25467 ? 136 LYS A NZ  1 
ATOM   1106 N  N   . THR A 1 137 ? -4.30763  -16.05654 -2.44831  1.000 41.02965 ? 137 THR A N   1 
ATOM   1107 C  CA  . THR A 1 137 ? -4.58349  -15.23390 -1.28394  1.000 38.32959 ? 137 THR A CA  1 
ATOM   1108 C  C   . THR A 1 137 ? -6.07044  -15.26373 -0.96042  1.000 39.48845 ? 137 THR A C   1 
ATOM   1109 O  O   . THR A 1 137 ? -6.88204  -15.84021 -1.68841  1.000 41.29470 ? 137 THR A O   1 
ATOM   1110 C  CB  . THR A 1 137 ? -4.11206  -13.78903 -1.49444  1.000 37.93000 ? 137 THR A CB  1 
ATOM   1111 O  OG1 . THR A 1 137 ? -4.23058  -13.06906 -0.26065  1.000 39.33559 ? 137 THR A OG1 1 
ATOM   1112 C  CG2 . THR A 1 137 ? -4.94603  -13.09563 -2.56296  1.000 34.34161 ? 137 THR A CG2 1 
ATOM   1113 N  N   . ASP A 1 138 ? -6.40736  -14.62488 0.16003   1.000 39.86580 ? 138 ASP A N   1 
ATOM   1114 C  CA  . ASP A 1 138 ? -7.77005  -14.62954 0.67450   1.000 38.30789 ? 138 ASP A CA  1 
ATOM   1115 C  C   . ASP A 1 138 ? -8.75790  -14.13869 -0.37662  1.000 37.19931 ? 138 ASP A C   1 
ATOM   1116 O  O   . ASP A 1 138 ? -8.43753  -13.29800 -1.22137  1.000 36.65865 ? 138 ASP A O   1 
ATOM   1117 C  CB  . ASP A 1 138 ? -7.85803  -13.75351 1.92694   1.000 38.85289 ? 138 ASP A CB  1 
ATOM   1118 C  CG  . ASP A 1 138 ? -7.15191  -14.36746 3.12340   1.000 46.30301 ? 138 ASP A CG  1 
ATOM   1119 O  OD1 . ASP A 1 138 ? -7.30291  -15.58625 3.34665   1.000 49.82320 ? 138 ASP A OD1 1 
ATOM   1120 O  OD2 . ASP A 1 138 ? -6.44606  -13.62664 3.84408   1.000 45.01747 ? 138 ASP A OD2 1 
ATOM   1121 N  N   . SER A 1 139 ? -9.97872  -14.67553 -0.31643  1.000 38.03245 ? 139 SER A N   1 
ATOM   1122 C  CA  . SER A 1 139 ? -11.03392 -14.28674 -1.24230  1.000 36.99255 ? 139 SER A CA  1 
ATOM   1123 C  C   . SER A 1 139 ? -11.46351 -12.83468 -1.06700  1.000 37.57593 ? 139 SER A C   1 
ATOM   1124 O  O   . SER A 1 139 ? -12.16303 -12.30444 -1.93840  1.000 38.29580 ? 139 SER A O   1 
ATOM   1125 C  CB  . SER A 1 139 ? -12.23519 -15.21262 -1.07169  1.000 37.94085 ? 139 SER A CB  1 
ATOM   1126 O  OG  . SER A 1 139 ? -12.73446 -15.16003 0.25182   1.000 38.53338 ? 139 SER A OG  1 
ATOM   1127 N  N   A THR A 1 140 ? -11.06582 -12.17967 0.02624   0.834 35.72589 ? 140 THR A N   1 
ATOM   1128 N  N   B THR A 1 140 ? -11.06654 -12.18579 0.02971   0.166 35.73781 ? 140 THR A N   1 
ATOM   1129 C  CA  A THR A 1 140 ? -11.40197 -10.77456 0.21984   0.834 35.69042 ? 140 THR A CA  1 
ATOM   1130 C  CA  B THR A 1 140 ? -11.37087 -10.78043 0.26208   0.166 35.65764 ? 140 THR A CA  1 
ATOM   1131 C  C   A THR A 1 140 ? -10.53331 -9.84797  -0.61798  0.834 35.03108 ? 140 THR A C   1 
ATOM   1132 C  C   B THR A 1 140 ? -10.50221 -9.84240  -0.56684  0.166 34.98865 ? 140 THR A C   1 
ATOM   1133 O  O   A THR A 1 140 ? -10.87850 -8.67210  -0.77250  0.834 34.47708 ? 140 THR A O   1 
ATOM   1134 O  O   B THR A 1 140 ? -10.83400 -8.65755  -0.68258  0.166 34.43780 ? 140 THR A O   1 
ATOM   1135 C  CB  A THR A 1 140 ? -11.27227 -10.38305 1.69522   0.834 35.04059 ? 140 THR A CB  1 
ATOM   1136 C  CB  B THR A 1 140 ? -11.21715 -10.45966 1.75349   0.166 35.07178 ? 140 THR A CB  1 
ATOM   1137 O  OG1 A THR A 1 140 ? -9.89092  -10.36514 2.06908   0.834 35.48497 ? 140 THR A OG1 1 
ATOM   1138 O  OG1 B THR A 1 140 ? -11.84602 -9.20856  2.04923   0.166 34.75921 ? 140 THR A OG1 1 
ATOM   1139 C  CG2 A THR A 1 140 ? -12.01811 -11.36518 2.58325   0.834 34.65098 ? 140 THR A CG2 1 
ATOM   1140 C  CG2 B THR A 1 140 ? -9.75192  -10.38333 2.13863   0.166 35.49477 ? 140 THR A CG2 1 
ATOM   1141 N  N   . CYS A 1 141 ? -9.42197  -10.34726 -1.15634  1.000 32.89610 ? 141 CYS A N   1 
ATOM   1142 C  CA  . CYS A 1 141 ? -8.50834  -9.51092  -1.92490  1.000 33.40385 ? 141 CYS A CA  1 
ATOM   1143 C  C   . CYS A 1 141 ? -9.21398  -8.86210  -3.10649  1.000 31.32837 ? 141 CYS A C   1 
ATOM   1144 O  O   . CYS A 1 141 ? -9.99360  -9.50532  -3.81202  1.000 31.92131 ? 141 CYS A O   1 
ATOM   1145 C  CB  . CYS A 1 141 ? -7.32707  -10.35837 -2.40823  1.000 34.31802 ? 141 CYS A CB  1 
ATOM   1146 S  SG  . CYS A 1 141 ? -6.03140  -9.50597  -3.33885  1.000 35.96044 ? 141 CYS A SG  1 
ATOM   1147 N  N   . ARG A 1 142 ? -8.94370  -7.57708  -3.30939  1.000 33.06529 ? 142 ARG A N   1 
ATOM   1148 C  CA  . ARG A 1 142 ? -9.46188  -6.83677  -4.44733  1.000 31.38640 ? 142 ARG A CA  1 
ATOM   1149 C  C   . ARG A 1 142 ? -8.32002  -6.07951  -5.10711  1.000 31.87107 ? 142 ARG A C   1 
ATOM   1150 O  O   . ARG A 1 142 ? -7.25637  -5.88281  -4.51832  1.000 34.06205 ? 142 ARG A O   1 
ATOM   1151 C  CB  . ARG A 1 142 ? -10.58487 -5.87719  -4.03538  1.000 31.30399 ? 142 ARG A CB  1 
ATOM   1152 C  CG  . ARG A 1 142 ? -11.83104 -6.57224  -3.50668  1.000 32.86136 ? 142 ARG A CG  1 
ATOM   1153 C  CD  . ARG A 1 142 ? -12.44140 -7.50127  -4.54818  1.000 33.92750 ? 142 ARG A CD  1 
ATOM   1154 N  NE  . ARG A 1 142 ? -13.75054 -8.00658  -4.13843  1.000 32.96002 ? 142 ARG A NE  1 
ATOM   1155 C  CZ  . ARG A 1 142 ? -13.94464 -9.14981  -3.48781  1.000 35.16550 ? 142 ARG A CZ  1 
ATOM   1156 N  NH1 . ARG A 1 142 ? -12.91281 -9.91863  -3.16948  1.000 34.42789 ? 142 ARG A NH1 1 
ATOM   1157 N  NH2 . ARG A 1 142 ? -15.17341 -9.52518  -3.15578  1.000 35.65723 ? 142 ARG A NH2 1 
ATOM   1158 N  N   . MET A 1 143 ? -8.55256  -5.65227  -6.34524  1.000 31.37951 ? 143 MET A N   1 
ATOM   1159 C  CA  . MET A 1 143 ? -7.47314  -5.14792  -7.18625  1.000 31.78976 ? 143 MET A CA  1 
ATOM   1160 C  C   . MET A 1 143 ? -7.29313  -3.63658  -7.10062  1.000 30.17639 ? 143 MET A C   1 
ATOM   1161 O  O   . MET A 1 143 ? -6.18941  -3.16242  -6.81991  1.000 31.98730 ? 143 MET A O   1 
ATOM   1162 C  CB  . MET A 1 143 ? -7.70934  -5.56959  -8.63878  1.000 31.51357 ? 143 MET A CB  1 
ATOM   1163 C  CG  . MET A 1 143 ? -7.60075  -7.06885  -8.87095  1.000 33.68335 ? 143 MET A CG  1 
ATOM   1164 S  SD  . MET A 1 143 ? -5.98494  -7.73113  -8.41406  1.000 37.45657 ? 143 MET A SD  1 
ATOM   1165 C  CE  . MET A 1 143 ? -5.00666  -7.27078  -9.84099  1.000 32.88373 ? 143 MET A CE  1 
ATOM   1166 N  N   . VAL A 1 144 ? -8.34985  -2.87093  -7.35945  1.000 30.76928 ? 144 VAL A N   1 
ATOM   1167 C  CA  . VAL A 1 144 ? -8.25779  -1.42259  -7.48986  1.000 30.88277 ? 144 VAL A CA  1 
ATOM   1168 C  C   . VAL A 1 144 ? -9.45716  -0.78225  -6.80032  1.000 30.21387 ? 144 VAL A C   1 
ATOM   1169 O  O   . VAL A 1 144 ? -10.55938 -1.33480  -6.79517  1.000 32.72738 ? 144 VAL A O   1 
ATOM   1170 C  CB  . VAL A 1 144 ? -8.20423  -1.00028  -8.97587  1.000 29.60184 ? 144 VAL A CB  1 
ATOM   1171 C  CG1 . VAL A 1 144 ? -7.86227  0.45607   -9.09123  1.000 33.66198 ? 144 VAL A CG1 1 
ATOM   1172 C  CG2 . VAL A 1 144 ? -7.20319  -1.84061  -9.76394  1.000 32.30645 ? 144 VAL A CG2 1 
ATOM   1173 N  N   . THR A 1 145 ? -9.25010  0.39557   -6.21575  1.000 30.21935 ? 145 THR A N   1 
ATOM   1174 C  CA  . THR A 1 145 ? -10.34425 1.14176   -5.59827  1.000 34.19767 ? 145 THR A CA  1 
ATOM   1175 C  C   . THR A 1 145 ? -11.39879 1.50875   -6.63123  1.000 32.71129 ? 145 THR A C   1 
ATOM   1176 O  O   . THR A 1 145 ? -11.10069 1.70421   -7.80947  1.000 31.90518 ? 145 THR A O   1 
ATOM   1177 C  CB  . THR A 1 145 ? -9.82885  2.42154   -4.92001  1.000 36.07214 ? 145 THR A CB  1 
ATOM   1178 O  OG1 . THR A 1 145 ? -9.09818  3.21183   -5.85801  1.000 34.49399 ? 145 THR A OG1 1 
ATOM   1179 C  CG2 . THR A 1 145 ? -8.94508  2.09237   -3.72994  1.000 34.27998 ? 145 THR A CG2 1 
ATOM   1180 N  N   . SER A 1 146 ? -12.64423 1.58859   -6.17611  1.000 37.51498 ? 146 SER A N   1 
ATOM   1181 C  CA  . SER A 1 146 ? -13.71979 2.05522   -7.03247  1.000 35.17440 ? 146 SER A CA  1 
ATOM   1182 C  C   . SER A 1 146 ? -13.48416 3.50971   -7.41608  1.000 35.15070 ? 146 SER A C   1 
ATOM   1183 O  O   . SER A 1 146 ? -12.68510 4.22071   -6.80193  1.000 34.43659 ? 146 SER A O   1 
ATOM   1184 C  CB  . SER A 1 146 ? -15.07653 1.90343   -6.34049  1.000 38.37753 ? 146 SER A CB  1 
ATOM   1185 O  OG  . SER A 1 146 ? -15.09844 2.59231   -5.10471  1.000 39.69953 ? 146 SER A OG  1 
ATOM   1186 N  N   . GLU A 1 147 ? -14.20648 3.95406   -8.44672  1.000 39.93444 ? 147 GLU A N   1 
ATOM   1187 C  CA  . GLU A 1 147 ? -13.97410 5.28880   -8.99101  1.000 41.30831 ? 147 GLU A CA  1 
ATOM   1188 C  C   . GLU A 1 147 ? -14.31666 6.39511   -8.00034  1.000 38.05254 ? 147 GLU A C   1 
ATOM   1189 O  O   . GLU A 1 147 ? -13.76747 7.49914   -8.09523  1.000 42.29681 ? 147 GLU A O   1 
ATOM   1190 C  CB  . GLU A 1 147 ? -14.77656 5.47595   -10.27519 1.000 44.37530 ? 147 GLU A CB  1 
ATOM   1191 C  CG  . GLU A 1 147 ? -14.05258 5.04421   -11.53401 1.000 47.73120 ? 147 GLU A CG  1 
ATOM   1192 C  CD  . GLU A 1 147 ? -14.94739 5.08853   -12.75213 1.000 52.06379 ? 147 GLU A CD  1 
ATOM   1193 O  OE1 . GLU A 1 147 ? -15.97561 4.37935   -12.75720 1.000 50.05388 ? 147 GLU A OE1 1 
ATOM   1194 O  OE2 . GLU A 1 147 ? -14.63308 5.84329   -13.69654 1.000 52.19817 ? 147 GLU A OE2 1 
ATOM   1195 N  N   . SER A 1 148 ? -15.22132 6.13722   -7.06163  1.000 39.61944 ? 148 SER A N   1 
ATOM   1196 C  CA  . SER A 1 148 ? -15.63728 7.15279   -6.10329  1.000 39.54960 ? 148 SER A CA  1 
ATOM   1197 C  C   . SER A 1 148 ? -14.75046 7.20563   -4.86629  1.000 38.11800 ? 148 SER A C   1 
ATOM   1198 O  O   . SER A 1 148 ? -15.03101 7.99265   -3.95487  1.000 37.92648 ? 148 SER A O   1 
ATOM   1199 C  CB  . SER A 1 148 ? -17.09513 6.92175   -5.68149  1.000 41.07785 ? 148 SER A CB  1 
ATOM   1200 O  OG  . SER A 1 148 ? -17.25956 5.64060   -5.10233  1.000 43.68270 ? 148 SER A OG  1 
ATOM   1201 N  N   . LYS A 1 149 ? -13.68611 6.40967   -4.81536  1.000 37.75351 ? 149 LYS A N   1 
ATOM   1202 C  CA  . LYS A 1 149 ? -12.86088 6.30094   -3.62039  1.000 35.30903 ? 149 LYS A CA  1 
ATOM   1203 C  C   . LYS A 1 149 ? -11.38961 6.51116   -3.94561  1.000 35.59659 ? 149 LYS A C   1 
ATOM   1204 O  O   . LYS A 1 149 ? -10.88330 6.00567   -4.95041  1.000 37.83618 ? 149 LYS A O   1 
ATOM   1205 C  CB  . LYS A 1 149 ? -13.04039 4.93194   -2.94744  1.000 37.49369 ? 149 LYS A CB  1 
ATOM   1206 C  CG  . LYS A 1 149 ? -14.46581 4.60398   -2.52631  1.000 40.47706 ? 149 LYS A CG  1 
ATOM   1207 C  CD  . LYS A 1 149 ? -15.01659 5.59644   -1.51387  1.000 39.06274 ? 149 LYS A CD  1 
ATOM   1208 C  CE  . LYS A 1 149 ? -16.25942 5.02549   -0.84648  1.000 41.38215 ? 149 LYS A CE  1 
ATOM   1209 N  NZ  . LYS A 1 149 ? -17.27775 6.05862   -0.51407  1.000 41.03898 ? 149 LYS A NZ  1 
ATOM   1210 N  N   . ASN A 1 150 ? -10.71006 7.25943   -3.07966  1.000 32.35554 ? 150 ASN A N   1 
ATOM   1211 C  CA  . ASN A 1 150 ? -9.25907  7.36631   -3.07249  1.000 33.78441 ? 150 ASN A CA  1 
ATOM   1212 C  C   . ASN A 1 150 ? -8.75788  7.00340   -1.68250  1.000 32.13336 ? 150 ASN A C   1 
ATOM   1213 O  O   . ASN A 1 150 ? -9.51217  7.02347   -0.70596  1.000 29.73900 ? 150 ASN A O   1 
ATOM   1214 C  CB  . ASN A 1 150 ? -8.77958  8.77716   -3.45299  1.000 32.71638 ? 150 ASN A CB  1 
ATOM   1215 C  CG  . ASN A 1 150 ? -8.56051  8.94006   -4.94585  1.000 33.17816 ? 150 ASN A CG  1 
ATOM   1216 O  OD1 . ASN A 1 150 ? -8.70705  7.99196   -5.71501  1.000 33.67840 ? 150 ASN A OD1 1 
ATOM   1217 N  ND2 . ASN A 1 150 ? -8.21224  10.15366  -5.36313  1.000 35.34846 ? 150 ASN A ND2 1 
ATOM   1218 N  N   . VAL A 1 151 ? -7.47635  6.65989   -1.59696  1.000 33.85823 ? 151 VAL A N   1 
ATOM   1219 C  CA  . VAL A 1 151 ? -6.82658  6.35841   -0.32777  1.000 30.66649 ? 151 VAL A CA  1 
ATOM   1220 C  C   . VAL A 1 151 ? -5.88240  7.50216   0.00281   1.000 31.29727 ? 151 VAL A C   1 
ATOM   1221 O  O   . VAL A 1 151 ? -5.07100  7.90934   -0.83754  1.000 30.64418 ? 151 VAL A O   1 
ATOM   1222 C  CB  . VAL A 1 151 ? -6.08051  5.01352   -0.37261  1.000 29.21747 ? 151 VAL A CB  1 
ATOM   1223 C  CG1 . VAL A 1 151 ? -5.33180  4.77149   0.93383   1.000 28.72216 ? 151 VAL A CG1 1 
ATOM   1224 C  CG2 . VAL A 1 151 ? -7.05606  3.88223   -0.63711  1.000 30.98760 ? 151 VAL A CG2 1 
ATOM   1225 N  N   . LYS A 1 152 ? -6.00577  8.03278   1.21679   1.000 30.97661 ? 152 LYS A N   1 
ATOM   1226 C  CA  . LYS A 1 152 ? -5.13416  9.08398   1.72889   1.000 30.74284 ? 152 LYS A CA  1 
ATOM   1227 C  C   . LYS A 1 152 ? -4.15147  8.44450   2.69996   1.000 32.40749 ? 152 LYS A C   1 
ATOM   1228 O  O   . LYS A 1 152 ? -4.52463  8.08516   3.82151   1.000 32.16257 ? 152 LYS A O   1 
ATOM   1229 C  CB  . LYS A 1 152 ? -5.94632  10.18209  2.41149   1.000 31.04815 ? 152 LYS A CB  1 
ATOM   1230 C  CG  . LYS A 1 152 ? -5.12738  11.37690  2.86376   1.000 33.68115 ? 152 LYS A CG  1 
ATOM   1231 C  CD  . LYS A 1 152 ? -5.97787  12.34215  3.66691   1.000 33.34790 ? 152 LYS A CD  1 
ATOM   1232 C  CE  . LYS A 1 152 ? -5.20829  13.60289  3.99894   1.000 38.11110 ? 152 LYS A CE  1 
ATOM   1233 N  NZ  . LYS A 1 152 ? -5.93063  14.40222  5.02152   1.000 39.55030 ? 152 LYS A NZ  1 
ATOM   1234 N  N   . LEU A 1 153 ? -2.90431  8.29860   2.26822   1.000 29.37108 ? 153 LEU A N   1 
ATOM   1235 C  CA  . LEU A 1 153 ? -1.84338  7.74342   3.09742   1.000 30.48087 ? 153 LEU A CA  1 
ATOM   1236 C  C   . LEU A 1 153 ? -1.02017  8.87280   3.69623   1.000 30.94614 ? 153 LEU A C   1 
ATOM   1237 O  O   . LEU A 1 153 ? -0.58500  9.77559   2.97650   1.000 30.56580 ? 153 LEU A O   1 
ATOM   1238 C  CB  . LEU A 1 153 ? -0.94402  6.81217   2.28288   1.000 31.26871 ? 153 LEU A CB  1 
ATOM   1239 C  CG  . LEU A 1 153 ? 0.37908   6.42861   2.95252   1.000 26.46153 ? 153 LEU A CG  1 
ATOM   1240 C  CD1 . LEU A 1 153 ? 0.12118   5.69297   4.26003   1.000 27.79849 ? 153 LEU A CD1 1 
ATOM   1241 C  CD2 . LEU A 1 153 ? 1.25268   5.59800   2.02248   1.000 28.59382 ? 153 LEU A CD2 1 
ATOM   1242 N  N   . THR A 1 154 ? -0.80646  8.81612   5.00956   1.000 30.73014 ? 154 THR A N   1 
ATOM   1243 C  CA  . THR A 1 154 ? -0.03405  9.82066   5.73209   1.000 32.33282 ? 154 THR A CA  1 
ATOM   1244 C  C   . THR A 1 154 ? 1.00882   9.11874   6.58672   1.000 30.96397 ? 154 THR A C   1 
ATOM   1245 O  O   . THR A 1 154 ? 0.65929   8.33510   7.47490   1.000 31.71014 ? 154 THR A O   1 
ATOM   1246 C  CB  . THR A 1 154 ? -0.93930  10.69402  6.60612   1.000 32.90633 ? 154 THR A CB  1 
ATOM   1247 O  OG1 . THR A 1 154 ? -1.82951  11.44882  5.77170   1.000 31.12873 ? 154 THR A OG1 1 
ATOM   1248 C  CG2 . THR A 1 154 ? -0.11153  11.64894  7.45929   1.000 33.13618 ? 154 THR A CG2 1 
ATOM   1249 N  N   . VAL A 1 155 ? 2.27984   9.39220   6.31063   1.000 33.02020 ? 155 VAL A N   1 
ATOM   1250 C  CA  . VAL A 1 155 ? 3.40278   8.86495   7.07728   1.000 33.85578 ? 155 VAL A CA  1 
ATOM   1251 C  C   . VAL A 1 155 ? 4.08405   10.05374  7.73845   1.000 34.36026 ? 155 VAL A C   1 
ATOM   1252 O  O   . VAL A 1 155 ? 4.63387   10.92409  7.05377   1.000 31.65671 ? 155 VAL A O   1 
ATOM   1253 C  CB  . VAL A 1 155 ? 4.38057   8.07921   6.19219   1.000 33.05664 ? 155 VAL A CB  1 
ATOM   1254 C  CG1 . VAL A 1 155 ? 5.62165   7.68587   6.97980   1.000 31.67809 ? 155 VAL A CG1 1 
ATOM   1255 C  CG2 . VAL A 1 155 ? 3.69817   6.84988   5.61517   1.000 31.85193 ? 155 VAL A CG2 1 
ATOM   1256 N  N   . GLY A 1 156 ? 4.04279   10.10474  9.06438   1.000 34.86283 ? 156 GLY A N   1 
ATOM   1257 C  CA  . GLY A 1 156 ? 4.56933   11.24948  9.77260   1.000 38.31777 ? 156 GLY A CA  1 
ATOM   1258 C  C   . GLY A 1 156 ? 6.04017   11.12791  10.11499  1.000 40.04885 ? 156 GLY A C   1 
ATOM   1259 O  O   . GLY A 1 156 ? 6.67132   10.08438  9.94547   1.000 38.32108 ? 156 GLY A O   1 
ATOM   1260 N  N   . GLY A 1 157 ? 6.58453   12.23319  10.61427  1.000 41.88329 ? 157 GLY A N   1 
ATOM   1261 C  CA  . GLY A 1 157 ? 7.99771   12.31564  10.92934  1.000 44.81757 ? 157 GLY A CA  1 
ATOM   1262 C  C   . GLY A 1 157 ? 8.30770   12.80061  12.33197  1.000 48.75309 ? 157 GLY A C   1 
ATOM   1263 O  O   . GLY A 1 157 ? 9.39687   12.54692  12.85235  1.000 47.72755 ? 157 GLY A O   1 
HETATM 1264 NA NA  . NA  B 2 .   ? 15.05085  -8.24335  -2.17509  1.000 35.30023 ? 201 NA  A NA  1 
HETATM 1265 NA NA  . NA  C 2 .   ? -9.77168  4.89143   -7.63385  1.000 42.43019 ? 202 NA  A NA  1 
HETATM 1266 B  B   . BO3 D 3 .   ? -8.42510  -4.90899  -12.54601 1.000 39.93052 ? 203 BO3 A B   1 
HETATM 1267 O  O1  . BO3 D 3 .   ? -9.17680  -4.02674  -11.92059 1.000 42.55061 ? 203 BO3 A O1  1 
HETATM 1268 O  O2  . BO3 D 3 .   ? -8.89733  -6.13658  -12.63574 1.000 40.83918 ? 203 BO3 A O2  1 
HETATM 1269 O  O3  . BO3 D 3 .   ? -7.50470  -4.48972  -13.40912 1.000 37.99264 ? 203 BO3 A O3  1 
HETATM 1270 O  O   . HOH E 4 .   ? -11.01515 -3.56278  -10.78099 1.000 40.69870 ? 301 HOH A O   1 
HETATM 1271 O  O   . HOH E 4 .   ? -6.84958  -6.48163  -14.25104 1.000 38.60241 ? 302 HOH A O   1 
HETATM 1272 O  O   . HOH E 4 .   ? 5.87813   7.22422   10.39312  1.000 38.90691 ? 303 HOH A O   1 
HETATM 1273 O  O   . HOH E 4 .   ? -19.10266 17.27247  -3.11650  1.000 36.03416 ? 304 HOH A O   1 
HETATM 1274 O  O   . HOH E 4 .   ? 5.69148   -6.47544  -18.93546 1.000 39.39636 ? 305 HOH A O   1 
HETATM 1275 O  O   . HOH E 4 .   ? 5.21724   -2.00274  10.89559  1.000 33.28659 ? 306 HOH A O   1 
HETATM 1276 O  O   . HOH E 4 .   ? 5.01785   -13.29160 3.40770   1.000 34.78682 ? 307 HOH A O   1 
HETATM 1277 O  O   . HOH E 4 .   ? 12.87623  10.63733  0.51759   1.000 33.88190 ? 308 HOH A O   1 
HETATM 1278 O  O   . HOH E 4 .   ? -4.15986  9.84776   6.23064   1.000 35.02098 ? 309 HOH A O   1 
HETATM 1279 O  O   . HOH E 4 .   ? 1.16290   -11.34554 -9.53561  1.000 37.09363 ? 310 HOH A O   1 
HETATM 1280 O  O   . HOH E 4 .   ? -2.87420  13.66542  0.26393   1.000 34.61355 ? 311 HOH A O   1 
HETATM 1281 O  O   . HOH E 4 .   ? 17.17236  7.37573   -0.66002  1.000 33.15769 ? 312 HOH A O   1 
HETATM 1282 O  O   . HOH E 4 .   ? 20.10514  6.47922   -0.18293  1.000 35.44230 ? 313 HOH A O   1 
HETATM 1283 O  O   . HOH E 4 .   ? 7.65836   -0.79584  12.14854  1.000 31.09973 ? 314 HOH A O   1 
HETATM 1284 O  O   . HOH E 4 .   ? 2.22051   -6.81290  -19.21194 1.000 42.84143 ? 315 HOH A O   1 
HETATM 1285 O  O   . HOH E 4 .   ? -9.74123  -11.73392 -5.01161  1.000 33.78490 ? 316 HOH A O   1 
HETATM 1286 O  O   . HOH E 4 .   ? 5.71840   4.43008   15.20995  1.000 37.39978 ? 317 HOH A O   1 
HETATM 1287 O  O   . HOH E 4 .   ? -8.23751  -13.76100 -3.73960  1.000 39.19709 ? 318 HOH A O   1 
HETATM 1288 O  O   . HOH E 4 .   ? -2.35495  5.20682   -11.85813 1.000 36.37691 ? 319 HOH A O   1 
HETATM 1289 O  O   . HOH E 4 .   ? -4.84914  -10.51412 0.40575   1.000 37.59020 ? 320 HOH A O   1 
HETATM 1290 O  O   . HOH E 4 .   ? 8.72753   -9.00874  2.30382   1.000 29.99725 ? 321 HOH A O   1 
HETATM 1291 O  O   . HOH E 4 .   ? 0.67275   6.15784   14.18040  1.000 34.87167 ? 322 HOH A O   1 
HETATM 1292 O  O   . HOH E 4 .   ? 4.75693   3.40027   -14.50043 1.000 40.62041 ? 323 HOH A O   1 
HETATM 1293 O  O   . HOH E 4 .   ? 9.33094   15.45209  2.70175   1.000 42.46341 ? 324 HOH A O   1 
HETATM 1294 O  O   . HOH E 4 .   ? 19.17550  -2.24921  -0.46880  1.000 35.78228 ? 325 HOH A O   1 
HETATM 1295 O  O   . HOH E 4 .   ? -1.60333  -8.46780  9.75539   1.000 29.16740 ? 326 HOH A O   1 
HETATM 1296 O  O   . HOH E 4 .   ? 19.86384  4.67050   -3.56593  1.000 39.10429 ? 327 HOH A O   1 
HETATM 1297 O  O   . HOH E 4 .   ? -5.46981  -7.36621  11.55559  1.000 28.50987 ? 328 HOH A O   1 
HETATM 1298 O  O   . HOH E 4 .   ? 5.72101   4.25154   7.83005   1.000 29.27129 ? 329 HOH A O   1 
HETATM 1299 O  O   . HOH E 4 .   ? 24.94530  2.22233   0.28457   1.000 41.39230 ? 330 HOH A O   1 
HETATM 1300 O  O   . HOH E 4 .   ? -10.95479 10.29635  9.45015   1.000 37.55084 ? 331 HOH A O   1 
HETATM 1301 O  O   . HOH E 4 .   ? -0.14402  -6.92054  8.01523   1.000 31.29009 ? 332 HOH A O   1 
HETATM 1302 O  O   . HOH E 4 .   ? 10.81948  12.29690  5.04606   1.000 33.60657 ? 333 HOH A O   1 
HETATM 1303 O  O   . HOH E 4 .   ? -9.01799  -8.66976  -13.55613 1.000 38.28776 ? 334 HOH A O   1 
HETATM 1304 O  O   . HOH E 4 .   ? 13.98071  -3.27848  3.25245   1.000 29.78052 ? 335 HOH A O   1 
HETATM 1305 O  O   . HOH E 4 .   ? 13.37992  2.91101   -7.87006  1.000 32.22724 ? 336 HOH A O   1 
HETATM 1306 O  O   . HOH E 4 .   ? -3.64142  -18.20732 -14.73185 1.000 37.74838 ? 337 HOH A O   1 
HETATM 1307 O  O   . HOH E 4 .   ? 11.84825  -4.69858  7.18385   1.000 36.88212 ? 338 HOH A O   1 
HETATM 1308 O  O   . HOH E 4 .   ? -14.50974 -1.20973  3.83687   1.000 31.44837 ? 339 HOH A O   1 
HETATM 1309 O  O   . HOH E 4 .   ? -13.62781 13.42703  1.32532   1.000 34.55935 ? 340 HOH A O   1 
HETATM 1310 O  O   . HOH E 4 .   ? -4.32790  -4.16591  -9.27290  1.000 28.65919 ? 341 HOH A O   1 
HETATM 1311 O  O   . HOH E 4 .   ? 2.14874   -11.58900 3.44468   1.000 28.82833 ? 342 HOH A O   1 
HETATM 1312 O  O   . HOH E 4 .   ? 13.13639  -1.25874  -9.55563  1.000 30.35565 ? 343 HOH A O   1 
HETATM 1313 O  O   . HOH E 4 .   ? -4.42115  -19.84654 -13.18027 1.000 42.69963 ? 344 HOH A O   1 
HETATM 1314 O  O   . HOH E 4 .   ? -4.32283  8.11719   -8.17823  1.000 34.54558 ? 345 HOH A O   1 
HETATM 1315 O  O   . HOH E 4 .   ? -4.12229  -6.46531  -13.07104 1.000 35.58151 ? 346 HOH A O   1 
HETATM 1316 O  O   . HOH E 4 .   ? -1.37263  -10.54796 -16.57842 1.000 39.63240 ? 347 HOH A O   1 
HETATM 1317 O  O   . HOH E 4 .   ? 10.90640  -7.66950  -15.56846 1.000 42.24388 ? 348 HOH A O   1 
HETATM 1318 O  O   . HOH E 4 .   ? -4.53082  -4.25157  -11.93283 1.000 39.50657 ? 349 HOH A O   1 
HETATM 1319 O  O   . HOH E 4 .   ? -15.31570 -6.39183  -7.75116  1.000 33.02047 ? 350 HOH A O   1 
HETATM 1320 O  O   . HOH E 4 .   ? 18.00265  2.85613   3.79200   1.000 35.43225 ? 351 HOH A O   1 
HETATM 1321 O  O   . HOH E 4 .   ? 1.24060   -1.51750  10.88775  1.000 35.75429 ? 352 HOH A O   1 
HETATM 1322 O  O   . HOH E 4 .   ? -10.21459 -8.79977  -11.58911 1.000 39.01380 ? 353 HOH A O   1 
HETATM 1323 O  O   . HOH E 4 .   ? 14.45353  2.22194   -12.10890 1.000 34.45946 ? 354 HOH A O   1 
HETATM 1324 O  O   . HOH E 4 .   ? 6.92280   8.67967   -7.54239  1.000 32.35551 ? 355 HOH A O   1 
HETATM 1325 O  O   . HOH E 4 .   ? 3.65761   9.77454   -9.71884  1.000 36.99067 ? 356 HOH A O   1 
HETATM 1326 O  O   . HOH E 4 .   ? 5.11765   -13.05700 -7.21019  1.000 32.96861 ? 357 HOH A O   1 
HETATM 1327 O  O   . HOH E 4 .   ? 16.82615  -4.47109  -0.39815  1.000 39.76370 ? 358 HOH A O   1 
HETATM 1328 O  O   . HOH E 4 .   ? 1.30615   -4.11641  9.83342   1.000 31.39213 ? 359 HOH A O   1 
HETATM 1329 O  O   . HOH E 4 .   ? -6.82735  14.00817  0.33513   1.000 33.04741 ? 360 HOH A O   1 
HETATM 1330 O  O   . HOH E 4 .   ? 0.21747   -17.22937 -1.75915  1.000 41.02912 ? 361 HOH A O   1 
HETATM 1331 O  O   . HOH E 4 .   ? -8.11064  -15.67200 -11.56626 1.000 40.28077 ? 362 HOH A O   1 
HETATM 1332 O  O   . HOH E 4 .   ? 7.82638   1.60542   14.61095  1.000 40.66855 ? 363 HOH A O   1 
HETATM 1333 O  O   . HOH E 4 .   ? -15.07369 -5.57552  -1.83238  1.000 33.06769 ? 364 HOH A O   1 
HETATM 1334 O  O   . HOH E 4 .   ? -13.47486 -7.55409  -0.15067  1.000 30.55023 ? 365 HOH A O   1 
HETATM 1335 O  O   . HOH E 4 .   ? 9.18371   -14.94179 1.66289   1.000 42.90883 ? 366 HOH A O   1 
HETATM 1336 O  O   . HOH E 4 .   ? 11.49509  -8.36057  -8.15678  1.000 31.24003 ? 367 HOH A O   1 
HETATM 1337 O  O   . HOH E 4 .   ? 7.81835   5.94819   9.00567   1.000 34.72683 ? 368 HOH A O   1 
HETATM 1338 O  O   . HOH E 4 .   ? -13.64487 -8.81015  -10.83335 1.000 42.24722 ? 369 HOH A O   1 
HETATM 1339 O  O   . HOH E 4 .   ? 21.19106  0.13961   3.38277   1.000 37.84253 ? 370 HOH A O   1 
HETATM 1340 O  O   . HOH E 4 .   ? 3.13033   -2.94694  14.54940  1.000 37.16113 ? 371 HOH A O   1 
HETATM 1341 O  O   . HOH E 4 .   ? -16.83259 3.84954   2.61782   1.000 42.93987 ? 372 HOH A O   1 
HETATM 1342 O  O   . HOH E 4 .   ? 12.58376  6.83475   9.35110   1.000 32.61578 ? 373 HOH A O   1 
HETATM 1343 O  O   . HOH E 4 .   ? 12.05475  -6.49638  4.29777   1.000 31.44354 ? 374 HOH A O   1 
HETATM 1344 O  O   . HOH E 4 .   ? 2.60947   -7.96218  15.98512  1.000 33.78513 ? 375 HOH A O   1 
HETATM 1345 O  O   . HOH E 4 .   ? 7.08281   -8.44129  11.15631  1.000 36.25462 ? 376 HOH A O   1 
HETATM 1346 O  O   . HOH E 4 .   ? 8.38983   4.39972   -15.37655 1.000 31.34650 ? 377 HOH A O   1 
HETATM 1347 O  O   . HOH E 4 .   ? -6.07532  -15.52863 -4.83247  1.000 38.31574 ? 378 HOH A O   1 
HETATM 1348 O  O   . HOH E 4 .   ? -1.63425  -11.02263 -11.72494 1.000 41.45496 ? 379 HOH A O   1 
HETATM 1349 O  O   . HOH E 4 .   ? -9.67141  6.86919   -10.36847 1.000 44.06318 ? 380 HOH A O   1 
HETATM 1350 O  O   . HOH E 4 .   ? 2.34812   -15.07995 -6.39964  1.000 38.09745 ? 381 HOH A O   1 
HETATM 1351 O  O   . HOH E 4 .   ? -2.40327  -14.80798 -13.89164 1.000 41.75238 ? 382 HOH A O   1 
HETATM 1352 O  O   . HOH E 4 .   ? 11.90239  -14.94004 -3.85305  1.000 40.73629 ? 383 HOH A O   1 
HETATM 1353 O  O   . HOH E 4 .   ? 14.73688  -11.54857 -2.06034  1.000 36.81571 ? 384 HOH A O   1 
HETATM 1354 O  O   . HOH E 4 .   ? 17.03359  5.02887   10.35909  1.000 44.66799 ? 385 HOH A O   1 
HETATM 1355 O  O   . HOH E 4 .   ? 2.55743   -16.54666 -4.55534  1.000 36.60415 ? 386 HOH A O   1 
HETATM 1356 O  O   . HOH E 4 .   ? -5.78825  -10.63646 3.19143   1.000 40.52684 ? 387 HOH A O   1 
HETATM 1357 O  O   . HOH E 4 .   ? -16.01135 -5.61888  -4.52227  1.000 36.95583 ? 388 HOH A O   1 
HETATM 1358 O  O   . HOH E 4 .   ? 2.49956   -1.62796  12.79575  1.000 39.83056 ? 389 HOH A O   1 
HETATM 1359 O  O   . HOH E 4 .   ? 6.50327   2.53314   17.46769  1.000 35.61615 ? 390 HOH A O   1 
HETATM 1360 O  O   . HOH E 4 .   ? -8.66558  11.98543  -8.19867  1.000 41.78625 ? 391 HOH A O   1 
HETATM 1361 O  O   . HOH E 4 .   ? -7.99074  -7.96461  12.89150  1.000 32.55962 ? 392 HOH A O   1 
HETATM 1362 O  O   . HOH E 4 .   ? 6.35434   12.02271  -2.05985  1.000 39.87223 ? 393 HOH A O   1 
HETATM 1363 O  O   . HOH E 4 .   ? -1.46409  -13.56251 -12.12438 1.000 42.45117 ? 394 HOH A O   1 
HETATM 1364 O  O   . HOH E 4 .   ? -6.59857  9.99483   -8.66225  1.000 40.57501 ? 395 HOH A O   1 
HETATM 1365 O  O   . HOH E 4 .   ? -17.26296 6.34579   5.99927   1.000 38.07575 ? 396 HOH A O   1 
HETATM 1366 O  O   . HOH E 4 .   ? -13.76785 -4.85808  6.45733   1.000 36.80027 ? 397 HOH A O   1 
HETATM 1367 O  O   . HOH E 4 .   ? -7.53246  8.44266   -10.16607 1.000 38.70973 ? 398 HOH A O   1 
HETATM 1368 O  O   . HOH E 4 .   ? 6.85094   -13.34891 4.92127   1.000 41.47011 ? 399 HOH A O   1 
HETATM 1369 O  O   . HOH E 4 .   ? 18.76051  -7.14717  -3.75899  1.000 44.81159 ? 400 HOH A O   1 
HETATM 1370 O  O   . HOH E 4 .   ? 12.09685  -10.97463 -7.74662  1.000 38.88256 ? 401 HOH A O   1 
HETATM 1371 O  O   . HOH E 4 .   ? -9.72344  -13.24831 -11.79025 1.000 42.49792 ? 402 HOH A O   1 
HETATM 1372 O  O   . HOH E 4 .   ? 11.78276  -13.36431 -6.21027  1.000 44.26159 ? 403 HOH A O   1 
HETATM 1373 O  O   . HOH E 4 .   ? -9.39842  14.54573  2.02708   1.000 38.54630 ? 404 HOH A O   1 
HETATM 1374 O  O   . HOH E 4 .   ? 13.92345  5.02719   -12.51662 1.000 39.89225 ? 405 HOH A O   1 
HETATM 1375 O  O   . HOH E 4 .   ? 12.29885  6.60315   11.59852  1.000 40.71417 ? 406 HOH A O   1 
HETATM 1376 O  O   . HOH E 4 .   ? 14.60973  6.85856   11.66157  1.000 42.61120 ? 407 HOH A O   1 
HETATM 1377 O  O   . HOH E 4 .   ? 10.15814  -17.18804 -3.38756  1.000 40.79091 ? 408 HOH A O   1 
# 
